data_7H3K
# 
_entry.id   7H3K 
# 
_audit_conform.dict_name       mmcif_pdbx.dic 
_audit_conform.dict_version    5.397 
_audit_conform.dict_location   http://mmcif.pdb.org/dictionaries/ascii/mmcif_pdbx.dic 
# 
loop_
_database_2.database_id 
_database_2.database_code 
_database_2.pdbx_database_accession 
_database_2.pdbx_DOI 
PDB   7H3K         pdb_00007h3k 10.2210/pdb7h3k/pdb 
WWPDB D_1001406979 ?            ?                   
# 
loop_
_pdbx_audit_revision_history.ordinal 
_pdbx_audit_revision_history.data_content_type 
_pdbx_audit_revision_history.major_revision 
_pdbx_audit_revision_history.minor_revision 
_pdbx_audit_revision_history.revision_date 
1 'Structure model' 1 0 2024-04-24 
2 'Structure model' 1 1 2024-10-16 
# 
_pdbx_audit_revision_details.ordinal             1 
_pdbx_audit_revision_details.revision_ordinal    1 
_pdbx_audit_revision_details.data_content_type   'Structure model' 
_pdbx_audit_revision_details.provider            repository 
_pdbx_audit_revision_details.type                'Initial release' 
_pdbx_audit_revision_details.description         ? 
_pdbx_audit_revision_details.details             ? 
# 
loop_
_pdbx_audit_revision_group.ordinal 
_pdbx_audit_revision_group.revision_ordinal 
_pdbx_audit_revision_group.data_content_type 
_pdbx_audit_revision_group.group 
1 2 'Structure model' 'Database references' 
2 2 'Structure model' 'Structure summary'   
# 
loop_
_pdbx_audit_revision_category.ordinal 
_pdbx_audit_revision_category.revision_ordinal 
_pdbx_audit_revision_category.data_content_type 
_pdbx_audit_revision_category.category 
1 2 'Structure model' citation           
2 2 'Structure model' citation_author    
3 2 'Structure model' pdbx_entry_details 
# 
loop_
_pdbx_audit_revision_item.ordinal 
_pdbx_audit_revision_item.revision_ordinal 
_pdbx_audit_revision_item.data_content_type 
_pdbx_audit_revision_item.item 
1 2 'Structure model' '_citation.country'                 
2 2 'Structure model' '_citation.journal_abbrev'          
3 2 'Structure model' '_citation.journal_id_CSD'          
4 2 'Structure model' '_citation.journal_id_ISSN'         
5 2 'Structure model' '_citation.pdbx_database_id_DOI'    
6 2 'Structure model' '_citation.pdbx_database_id_PubMed' 
7 2 'Structure model' '_citation.title'                   
8 2 'Structure model' '_citation.year'                    
# 
_pdbx_database_status.entry_id                        7H3K 
_pdbx_database_status.status_code                     REL 
_pdbx_database_status.status_code_sf                  REL 
_pdbx_database_status.status_code_mr                  ? 
_pdbx_database_status.status_code_cs                  ? 
_pdbx_database_status.recvd_initial_deposition_date   2024-04-04 
_pdbx_database_status.status_code_nmr_data            ? 
_pdbx_database_status.deposit_site                    RCSB 
_pdbx_database_status.process_site                    RCSB 
_pdbx_database_status.SG_entry                        ? 
_pdbx_database_status.pdb_format_compatible           Y 
_pdbx_database_status.methods_development_category    ? 
# 
_pdbx_contact_author.id                 1 
_pdbx_contact_author.email              frank.von-delft@diamond.ac.uk 
_pdbx_contact_author.name_first         Frank 
_pdbx_contact_author.name_last          'von Delft' 
_pdbx_contact_author.role               'principal investigator/group leader' 
_pdbx_contact_author.identifier_ORCID   0000-0003-0378-0017 
_pdbx_contact_author.name_mi            ? 
# 
loop_
_audit_author.name 
_audit_author.pdbx_ordinal 
'Lithgo, R.M.'        1  
'Fairhead, M.'        2  
'Koekemoer, L.'       3  
'Balcomb, B.H.'       4  
'Capkin, E.'          5  
'Chandran, A.V.'      6  
'Golding, M.'         7  
'Godoy, A.S.'         8  
'Aschenbrenner, J.C.' 9  
'Marples, P.G.'       10 
'Ni, X.'              11 
'Thompson, W.'        12 
'Tomlinson, C.W.E.'   13 
'Wild, C.'            14 
'Winokan, M.'         15 
'Xavier, M.-A.E.'     16 
'Fearon, D.'          17 
'von Delft, F.'       18 
# 
_citation.id                        primary 
_citation.title                     
;Crystallographic Fragment Screen of Coxsackievirus A16 2A Protease identifies new opportunities for the development of broad-spectrum anti-enterovirals.
;
_citation.journal_abbrev            Biorxiv 
_citation.journal_volume            ? 
_citation.page_first                ? 
_citation.page_last                 ? 
_citation.year                      2024 
_citation.journal_id_ASTM           ? 
_citation.country                   US 
_citation.journal_id_ISSN           2692-8205 
_citation.journal_id_CSD            ? 
_citation.book_publisher            ? 
_citation.pdbx_database_id_PubMed   38746446 
_citation.pdbx_database_id_DOI      10.1101/2024.04.29.591684 
# 
loop_
_citation_author.citation_id 
_citation_author.name 
_citation_author.identifier_ORCID 
_citation_author.ordinal 
primary 'Lithgo, R.M.'        0000-0002-4706-9916 1  
primary 'Tomlinson, C.W.E.'   0000-0002-1845-6028 2  
primary 'Fairhead, M.'        0000-0001-5361-3933 3  
primary 'Winokan, M.'         ?                   4  
primary 'Thompson, W.'        0000-0003-1474-7810 5  
primary 'Wild, C.'            0000-0003-0654-8141 6  
primary 'Aschenbrenner, J.C.' 0000-0002-4318-0481 7  
primary 'Balcomb, B.H.'       0000-0001-7599-8467 8  
primary 'Marples, P.G.'       0000-0002-8787-7969 9  
primary 'Chandran, A.V.'      0000-0001-9942-2614 10 
primary 'Golding, M.'         0009-0004-7472-8333 11 
primary 'Koekemoer, L.'       0000-0001-9226-9127 12 
primary 'Williams, E.P.'      0000-0002-1331-9518 13 
primary 'Wang, S.'            ?                   14 
primary 'Ni, X.'              0000-0002-7769-8297 15 
primary 'MacLean, E.'         0000-0003-1680-4292 16 
primary 'Giroud, C.'          0000-0002-1629-1581 17 
primary 'Godoy, A.S.'         0000-0002-0613-9164 18 
primary 'Xavier, M.A.'        0000-0002-1709-9479 19 
primary 'Walsh, M.'           0000-0001-5683-1151 20 
primary 'Fearon, D.'          0000-0003-3529-7863 21 
primary 'von Delft, F.'       0000-0003-0378-0017 22 
# 
loop_
_entity.id 
_entity.type 
_entity.src_method 
_entity.pdbx_description 
_entity.formula_weight 
_entity.pdbx_number_of_molecules 
_entity.pdbx_ec 
_entity.pdbx_mutation 
_entity.pdbx_fragment 
_entity.details 
1 polymer     man 'Protease 2A'                                        16493.311 1   3.4.22.29 ? ? ? 
2 non-polymer man '(2S)-N-(5-methylpyridin-2-yl)oxolane-2-carboxamide' 206.241   1   ?         ? ? ? 
3 non-polymer syn 'ZINC ION'                                           65.409    1   ?         ? ? ? 
4 non-polymer syn 'DIMETHYL SULFOXIDE'                                 78.133    4   ?         ? ? ? 
5 water       nat water                                                18.015    208 ?         ? ? ? 
# 
_entity_name_com.entity_id   1 
_entity_name_com.name        'P2A,Picornain 2A,Protein 2A' 
# 
_entity_poly.entity_id                      1 
_entity_poly.type                           'polypeptide(L)' 
_entity_poly.nstd_linkage                   no 
_entity_poly.nstd_monomer                   no 
_entity_poly.pdbx_seq_one_letter_code       
;QEQTGGSGAIYVGNYRVVNRHLATHNDWANLVWEDSSRDLLVSSTTAQGCDTIARCDCQTGVYYCSSRRKHYPVSFSKPS
LIFVEASEYYPARYQSHLMLAVGHSEPGDCGGILRCQHGVVGIVSTGGNGLVGFADVRDLLWLDEEAMEQ
;
_entity_poly.pdbx_seq_one_letter_code_can   
;QEQTGGSGAIYVGNYRVVNRHLATHNDWANLVWEDSSRDLLVSSTTAQGCDTIARCDCQTGVYYCSSRRKHYPVSFSKPS
LIFVEASEYYPARYQSHLMLAVGHSEPGDCGGILRCQHGVVGIVSTGGNGLVGFADVRDLLWLDEEAMEQ
;
_entity_poly.pdbx_strand_id                 A 
_entity_poly.pdbx_target_identifier         ? 
# 
loop_
_pdbx_entity_nonpoly.entity_id 
_pdbx_entity_nonpoly.name 
_pdbx_entity_nonpoly.comp_id 
2 '(2S)-N-(5-methylpyridin-2-yl)oxolane-2-carboxamide' LQV 
3 'ZINC ION'                                           ZN  
4 'DIMETHYL SULFOXIDE'                                 DMS 
5 water                                                HOH 
# 
loop_
_entity_poly_seq.entity_id 
_entity_poly_seq.num 
_entity_poly_seq.mon_id 
_entity_poly_seq.hetero 
1 1   GLN n 
1 2   GLU n 
1 3   GLN n 
1 4   THR n 
1 5   GLY n 
1 6   GLY n 
1 7   SER n 
1 8   GLY n 
1 9   ALA n 
1 10  ILE n 
1 11  TYR n 
1 12  VAL n 
1 13  GLY n 
1 14  ASN n 
1 15  TYR n 
1 16  ARG n 
1 17  VAL n 
1 18  VAL n 
1 19  ASN n 
1 20  ARG n 
1 21  HIS n 
1 22  LEU n 
1 23  ALA n 
1 24  THR n 
1 25  HIS n 
1 26  ASN n 
1 27  ASP n 
1 28  TRP n 
1 29  ALA n 
1 30  ASN n 
1 31  LEU n 
1 32  VAL n 
1 33  TRP n 
1 34  GLU n 
1 35  ASP n 
1 36  SER n 
1 37  SER n 
1 38  ARG n 
1 39  ASP n 
1 40  LEU n 
1 41  LEU n 
1 42  VAL n 
1 43  SER n 
1 44  SER n 
1 45  THR n 
1 46  THR n 
1 47  ALA n 
1 48  GLN n 
1 49  GLY n 
1 50  CYS n 
1 51  ASP n 
1 52  THR n 
1 53  ILE n 
1 54  ALA n 
1 55  ARG n 
1 56  CYS n 
1 57  ASP n 
1 58  CYS n 
1 59  GLN n 
1 60  THR n 
1 61  GLY n 
1 62  VAL n 
1 63  TYR n 
1 64  TYR n 
1 65  CYS n 
1 66  SER n 
1 67  SER n 
1 68  ARG n 
1 69  ARG n 
1 70  LYS n 
1 71  HIS n 
1 72  TYR n 
1 73  PRO n 
1 74  VAL n 
1 75  SER n 
1 76  PHE n 
1 77  SER n 
1 78  LYS n 
1 79  PRO n 
1 80  SER n 
1 81  LEU n 
1 82  ILE n 
1 83  PHE n 
1 84  VAL n 
1 85  GLU n 
1 86  ALA n 
1 87  SER n 
1 88  GLU n 
1 89  TYR n 
1 90  TYR n 
1 91  PRO n 
1 92  ALA n 
1 93  ARG n 
1 94  TYR n 
1 95  GLN n 
1 96  SER n 
1 97  HIS n 
1 98  LEU n 
1 99  MET n 
1 100 LEU n 
1 101 ALA n 
1 102 VAL n 
1 103 GLY n 
1 104 HIS n 
1 105 SER n 
1 106 GLU n 
1 107 PRO n 
1 108 GLY n 
1 109 ASP n 
1 110 CYS n 
1 111 GLY n 
1 112 GLY n 
1 113 ILE n 
1 114 LEU n 
1 115 ARG n 
1 116 CYS n 
1 117 GLN n 
1 118 HIS n 
1 119 GLY n 
1 120 VAL n 
1 121 VAL n 
1 122 GLY n 
1 123 ILE n 
1 124 VAL n 
1 125 SER n 
1 126 THR n 
1 127 GLY n 
1 128 GLY n 
1 129 ASN n 
1 130 GLY n 
1 131 LEU n 
1 132 VAL n 
1 133 GLY n 
1 134 PHE n 
1 135 ALA n 
1 136 ASP n 
1 137 VAL n 
1 138 ARG n 
1 139 ASP n 
1 140 LEU n 
1 141 LEU n 
1 142 TRP n 
1 143 LEU n 
1 144 ASP n 
1 145 GLU n 
1 146 GLU n 
1 147 ALA n 
1 148 MET n 
1 149 GLU n 
1 150 GLN n 
# 
loop_
_entity_src_gen.entity_id 
_entity_src_gen.pdbx_src_id 
_entity_src_gen.pdbx_alt_source_flag 
_entity_src_gen.pdbx_seq_type 
_entity_src_gen.pdbx_beg_seq_num 
_entity_src_gen.pdbx_end_seq_num 
_entity_src_gen.gene_src_common_name 
_entity_src_gen.gene_src_genus 
_entity_src_gen.pdbx_gene_src_gene 
_entity_src_gen.gene_src_species 
_entity_src_gen.gene_src_strain 
_entity_src_gen.gene_src_tissue 
_entity_src_gen.gene_src_tissue_fraction 
_entity_src_gen.gene_src_details 
_entity_src_gen.pdbx_gene_src_fragment 
_entity_src_gen.pdbx_gene_src_scientific_name 
_entity_src_gen.pdbx_gene_src_ncbi_taxonomy_id 
_entity_src_gen.pdbx_gene_src_variant 
_entity_src_gen.pdbx_gene_src_cell_line 
_entity_src_gen.pdbx_gene_src_atcc 
_entity_src_gen.pdbx_gene_src_organ 
_entity_src_gen.pdbx_gene_src_organelle 
_entity_src_gen.pdbx_gene_src_cell 
_entity_src_gen.pdbx_gene_src_cellular_location 
_entity_src_gen.host_org_common_name 
_entity_src_gen.pdbx_host_org_scientific_name 
_entity_src_gen.pdbx_host_org_ncbi_taxonomy_id 
_entity_src_gen.host_org_genus 
_entity_src_gen.pdbx_host_org_gene 
_entity_src_gen.pdbx_host_org_organ 
_entity_src_gen.host_org_species 
_entity_src_gen.pdbx_host_org_tissue 
_entity_src_gen.pdbx_host_org_tissue_fraction 
_entity_src_gen.pdbx_host_org_strain 
_entity_src_gen.pdbx_host_org_variant 
_entity_src_gen.pdbx_host_org_cell_line 
_entity_src_gen.pdbx_host_org_atcc 
_entity_src_gen.pdbx_host_org_culture_collection 
_entity_src_gen.pdbx_host_org_cell 
_entity_src_gen.pdbx_host_org_organelle 
_entity_src_gen.pdbx_host_org_cellular_location 
_entity_src_gen.pdbx_host_org_vector_type 
_entity_src_gen.pdbx_host_org_vector 
_entity_src_gen.host_org_details 
_entity_src_gen.expression_system_id 
_entity_src_gen.plasmid_name 
_entity_src_gen.plasmid_details 
_entity_src_gen.pdbx_description 
1 1 sample 'Biological sequence' 1 150 ? ? ? ? ? ? ? ? ? 'Coxsackievirus A16' 31704 ? ? ? ? ? ? ? ? 'Escherichia coli' 562 ? ? ? ? 
? ? ? ? ? ? ? ? ? ? ? ? ? ? ? ? ? 
2 1 sample ?                     ? ?   ? ? ? ? ? ? ? ? ? 'Coxsackievirus A16' 31704 ? ? ? ? ? ? ? ? 'Escherichia coli' 562 ? ? ? ? 
? ? ? ? ? ? ? ? ? ? ? ? ? ? ? ? ? 
# 
loop_
_chem_comp.id 
_chem_comp.type 
_chem_comp.mon_nstd_flag 
_chem_comp.name 
_chem_comp.pdbx_synonyms 
_chem_comp.formula 
_chem_comp.formula_weight 
ALA 'L-peptide linking' y ALANINE                                              ? 'C3 H7 N O2'     89.093  
ARG 'L-peptide linking' y ARGININE                                             ? 'C6 H15 N4 O2 1' 175.209 
ASN 'L-peptide linking' y ASPARAGINE                                           ? 'C4 H8 N2 O3'    132.118 
ASP 'L-peptide linking' y 'ASPARTIC ACID'                                      ? 'C4 H7 N O4'     133.103 
CYS 'L-peptide linking' y CYSTEINE                                             ? 'C3 H7 N O2 S'   121.158 
DMS non-polymer         . 'DIMETHYL SULFOXIDE'                                 ? 'C2 H6 O S'      78.133  
GLN 'L-peptide linking' y GLUTAMINE                                            ? 'C5 H10 N2 O3'   146.144 
GLU 'L-peptide linking' y 'GLUTAMIC ACID'                                      ? 'C5 H9 N O4'     147.129 
GLY 'peptide linking'   y GLYCINE                                              ? 'C2 H5 N O2'     75.067  
HIS 'L-peptide linking' y HISTIDINE                                            ? 'C6 H10 N3 O2 1' 156.162 
HOH non-polymer         . WATER                                                ? 'H2 O'           18.015  
ILE 'L-peptide linking' y ISOLEUCINE                                           ? 'C6 H13 N O2'    131.173 
LEU 'L-peptide linking' y LEUCINE                                              ? 'C6 H13 N O2'    131.173 
LQV non-polymer         . '(2S)-N-(5-methylpyridin-2-yl)oxolane-2-carboxamide' ? 'C11 H14 N2 O2'  206.241 
LYS 'L-peptide linking' y LYSINE                                               ? 'C6 H15 N2 O2 1' 147.195 
MET 'L-peptide linking' y METHIONINE                                           ? 'C5 H11 N O2 S'  149.211 
PHE 'L-peptide linking' y PHENYLALANINE                                        ? 'C9 H11 N O2'    165.189 
PRO 'L-peptide linking' y PROLINE                                              ? 'C5 H9 N O2'     115.130 
SER 'L-peptide linking' y SERINE                                               ? 'C3 H7 N O3'     105.093 
THR 'L-peptide linking' y THREONINE                                            ? 'C4 H9 N O3'     119.119 
TRP 'L-peptide linking' y TRYPTOPHAN                                           ? 'C11 H12 N2 O2'  204.225 
TYR 'L-peptide linking' y TYROSINE                                             ? 'C9 H11 N O3'    181.189 
VAL 'L-peptide linking' y VALINE                                               ? 'C5 H11 N O2'    117.146 
ZN  non-polymer         . 'ZINC ION'                                           ? 'Zn 2'           65.409  
# 
loop_
_pdbx_poly_seq_scheme.asym_id 
_pdbx_poly_seq_scheme.entity_id 
_pdbx_poly_seq_scheme.seq_id 
_pdbx_poly_seq_scheme.mon_id 
_pdbx_poly_seq_scheme.ndb_seq_num 
_pdbx_poly_seq_scheme.pdb_seq_num 
_pdbx_poly_seq_scheme.auth_seq_num 
_pdbx_poly_seq_scheme.pdb_mon_id 
_pdbx_poly_seq_scheme.auth_mon_id 
_pdbx_poly_seq_scheme.pdb_strand_id 
_pdbx_poly_seq_scheme.pdb_ins_code 
_pdbx_poly_seq_scheme.hetero 
A 1 1   GLN 1   1   ?   ?   ?   A . n 
A 1 2   GLU 2   2   ?   ?   ?   A . n 
A 1 3   GLN 3   3   ?   ?   ?   A . n 
A 1 4   THR 4   4   ?   ?   ?   A . n 
A 1 5   GLY 5   5   ?   ?   ?   A . n 
A 1 6   GLY 6   6   ?   ?   ?   A . n 
A 1 7   SER 7   7   7   SER SER A . n 
A 1 8   GLY 8   8   8   GLY GLY A . n 
A 1 9   ALA 9   9   9   ALA ALA A . n 
A 1 10  ILE 10  10  10  ILE ILE A . n 
A 1 11  TYR 11  11  11  TYR TYR A . n 
A 1 12  VAL 12  12  12  VAL VAL A . n 
A 1 13  GLY 13  13  13  GLY GLY A . n 
A 1 14  ASN 14  14  14  ASN ASN A . n 
A 1 15  TYR 15  15  15  TYR TYR A . n 
A 1 16  ARG 16  16  16  ARG ARG A . n 
A 1 17  VAL 17  17  17  VAL VAL A . n 
A 1 18  VAL 18  18  18  VAL VAL A . n 
A 1 19  ASN 19  19  19  ASN ASN A . n 
A 1 20  ARG 20  20  20  ARG ARG A . n 
A 1 21  HIS 21  21  21  HIS HIS A . n 
A 1 22  LEU 22  22  22  LEU LEU A . n 
A 1 23  ALA 23  23  23  ALA ALA A . n 
A 1 24  THR 24  24  24  THR THR A . n 
A 1 25  HIS 25  25  25  HIS HIS A . n 
A 1 26  ASN 26  26  26  ASN ASN A . n 
A 1 27  ASP 27  27  27  ASP ASP A . n 
A 1 28  TRP 28  28  28  TRP TRP A . n 
A 1 29  ALA 29  29  29  ALA ALA A . n 
A 1 30  ASN 30  30  30  ASN ASN A . n 
A 1 31  LEU 31  31  31  LEU LEU A . n 
A 1 32  VAL 32  32  32  VAL VAL A . n 
A 1 33  TRP 33  33  33  TRP TRP A . n 
A 1 34  GLU 34  34  34  GLU GLU A . n 
A 1 35  ASP 35  35  35  ASP ASP A . n 
A 1 36  SER 36  36  36  SER SER A . n 
A 1 37  SER 37  37  37  SER SER A . n 
A 1 38  ARG 38  38  38  ARG ARG A . n 
A 1 39  ASP 39  39  39  ASP ASP A . n 
A 1 40  LEU 40  40  40  LEU LEU A . n 
A 1 41  LEU 41  41  41  LEU LEU A . n 
A 1 42  VAL 42  42  42  VAL VAL A . n 
A 1 43  SER 43  43  43  SER SER A . n 
A 1 44  SER 44  44  44  SER SER A . n 
A 1 45  THR 45  45  45  THR THR A . n 
A 1 46  THR 46  46  46  THR THR A . n 
A 1 47  ALA 47  47  47  ALA ALA A . n 
A 1 48  GLN 48  48  48  GLN GLN A . n 
A 1 49  GLY 49  49  49  GLY GLY A . n 
A 1 50  CYS 50  50  50  CYS CYS A . n 
A 1 51  ASP 51  51  51  ASP ASP A . n 
A 1 52  THR 52  52  52  THR THR A . n 
A 1 53  ILE 53  53  53  ILE ILE A . n 
A 1 54  ALA 54  54  54  ALA ALA A . n 
A 1 55  ARG 55  55  55  ARG ARG A . n 
A 1 56  CYS 56  56  56  CYS CYS A . n 
A 1 57  ASP 57  57  57  ASP ASP A . n 
A 1 58  CYS 58  58  58  CYS CYS A . n 
A 1 59  GLN 59  59  59  GLN GLN A . n 
A 1 60  THR 60  60  60  THR THR A . n 
A 1 61  GLY 61  61  61  GLY GLY A . n 
A 1 62  VAL 62  62  62  VAL VAL A . n 
A 1 63  TYR 63  63  63  TYR TYR A . n 
A 1 64  TYR 64  64  64  TYR TYR A . n 
A 1 65  CYS 65  65  65  CYS CYS A . n 
A 1 66  SER 66  66  66  SER SER A . n 
A 1 67  SER 67  67  67  SER SER A . n 
A 1 68  ARG 68  68  68  ARG ARG A . n 
A 1 69  ARG 69  69  69  ARG ARG A . n 
A 1 70  LYS 70  70  70  LYS LYS A . n 
A 1 71  HIS 71  71  71  HIS HIS A . n 
A 1 72  TYR 72  72  72  TYR TYR A . n 
A 1 73  PRO 73  73  73  PRO PRO A . n 
A 1 74  VAL 74  74  74  VAL VAL A . n 
A 1 75  SER 75  75  75  SER SER A . n 
A 1 76  PHE 76  76  76  PHE PHE A . n 
A 1 77  SER 77  77  77  SER SER A . n 
A 1 78  LYS 78  78  78  LYS LYS A . n 
A 1 79  PRO 79  79  79  PRO PRO A . n 
A 1 80  SER 80  80  80  SER SER A . n 
A 1 81  LEU 81  81  81  LEU LEU A . n 
A 1 82  ILE 82  82  82  ILE ILE A . n 
A 1 83  PHE 83  83  83  PHE PHE A . n 
A 1 84  VAL 84  84  84  VAL VAL A . n 
A 1 85  GLU 85  85  85  GLU GLU A . n 
A 1 86  ALA 86  86  86  ALA ALA A . n 
A 1 87  SER 87  87  87  SER SER A . n 
A 1 88  GLU 88  88  88  GLU GLU A . n 
A 1 89  TYR 89  89  89  TYR TYR A . n 
A 1 90  TYR 90  90  90  TYR TYR A . n 
A 1 91  PRO 91  91  91  PRO PRO A . n 
A 1 92  ALA 92  92  92  ALA ALA A . n 
A 1 93  ARG 93  93  93  ARG ARG A . n 
A 1 94  TYR 94  94  94  TYR TYR A . n 
A 1 95  GLN 95  95  95  GLN GLN A . n 
A 1 96  SER 96  96  96  SER SER A . n 
A 1 97  HIS 97  97  97  HIS HIS A . n 
A 1 98  LEU 98  98  98  LEU LEU A . n 
A 1 99  MET 99  99  99  MET MET A . n 
A 1 100 LEU 100 100 100 LEU LEU A . n 
A 1 101 ALA 101 101 101 ALA ALA A . n 
A 1 102 VAL 102 102 102 VAL VAL A . n 
A 1 103 GLY 103 103 103 GLY GLY A . n 
A 1 104 HIS 104 104 104 HIS HIS A . n 
A 1 105 SER 105 105 105 SER SER A . n 
A 1 106 GLU 106 106 106 GLU GLU A . n 
A 1 107 PRO 107 107 107 PRO PRO A . n 
A 1 108 GLY 108 108 108 GLY GLY A . n 
A 1 109 ASP 109 109 109 ASP ASP A . n 
A 1 110 CYS 110 110 110 CYS CYS A . n 
A 1 111 GLY 111 111 111 GLY GLY A . n 
A 1 112 GLY 112 112 112 GLY GLY A . n 
A 1 113 ILE 113 113 113 ILE ILE A . n 
A 1 114 LEU 114 114 114 LEU LEU A . n 
A 1 115 ARG 115 115 115 ARG ARG A . n 
A 1 116 CYS 116 116 116 CYS CYS A . n 
A 1 117 GLN 117 117 117 GLN GLN A . n 
A 1 118 HIS 118 118 118 HIS HIS A . n 
A 1 119 GLY 119 119 119 GLY GLY A . n 
A 1 120 VAL 120 120 120 VAL VAL A . n 
A 1 121 VAL 121 121 121 VAL VAL A . n 
A 1 122 GLY 122 122 122 GLY GLY A . n 
A 1 123 ILE 123 123 123 ILE ILE A . n 
A 1 124 VAL 124 124 124 VAL VAL A . n 
A 1 125 SER 125 125 125 SER SER A . n 
A 1 126 THR 126 126 126 THR THR A . n 
A 1 127 GLY 127 127 127 GLY GLY A . n 
A 1 128 GLY 128 128 128 GLY GLY A . n 
A 1 129 ASN 129 129 129 ASN ASN A . n 
A 1 130 GLY 130 130 130 GLY GLY A . n 
A 1 131 LEU 131 131 131 LEU LEU A . n 
A 1 132 VAL 132 132 132 VAL VAL A . n 
A 1 133 GLY 133 133 133 GLY GLY A . n 
A 1 134 PHE 134 134 134 PHE PHE A . n 
A 1 135 ALA 135 135 135 ALA ALA A . n 
A 1 136 ASP 136 136 136 ASP ASP A . n 
A 1 137 VAL 137 137 137 VAL VAL A . n 
A 1 138 ARG 138 138 138 ARG ARG A . n 
A 1 139 ASP 139 139 139 ASP ASP A . n 
A 1 140 LEU 140 140 140 LEU LEU A . n 
A 1 141 LEU 141 141 141 LEU LEU A . n 
A 1 142 TRP 142 142 142 TRP TRP A . n 
A 1 143 LEU 143 143 143 LEU LEU A . n 
A 1 144 ASP 144 144 144 ASP ASP A . n 
A 1 145 GLU 145 145 145 GLU GLU A . n 
A 1 146 GLU 146 146 146 GLU GLU A . n 
A 1 147 ALA 147 147 ?   ?   ?   A . n 
A 1 148 MET 148 148 ?   ?   ?   A . n 
A 1 149 GLU 149 149 ?   ?   ?   A . n 
A 1 150 GLN 150 150 ?   ?   ?   A . n 
# 
loop_
_pdbx_nonpoly_scheme.asym_id 
_pdbx_nonpoly_scheme.entity_id 
_pdbx_nonpoly_scheme.mon_id 
_pdbx_nonpoly_scheme.ndb_seq_num 
_pdbx_nonpoly_scheme.pdb_seq_num 
_pdbx_nonpoly_scheme.auth_seq_num 
_pdbx_nonpoly_scheme.pdb_mon_id 
_pdbx_nonpoly_scheme.auth_mon_id 
_pdbx_nonpoly_scheme.pdb_strand_id 
_pdbx_nonpoly_scheme.pdb_ins_code 
B 2 LQV 1   201 147 LQV LIG A . 
C 3 ZN  1   202 1   ZN  ZN  A . 
D 4 DMS 1   203 -1  DMS DMS A . 
E 4 DMS 1   204 0   DMS DMS A . 
F 4 DMS 1   205 1   DMS DMS A . 
G 4 DMS 1   206 3   DMS DMS A . 
H 5 HOH 1   301 103 HOH HOH A . 
H 5 HOH 2   302 136 HOH HOH A . 
H 5 HOH 3   303 238 HOH HOH A . 
H 5 HOH 4   304 37  HOH HOH A . 
H 5 HOH 5   305 32  HOH HOH A . 
H 5 HOH 6   306 94  HOH HOH A . 
H 5 HOH 7   307 204 HOH HOH A . 
H 5 HOH 8   308 63  HOH HOH A . 
H 5 HOH 9   309 46  HOH HOH A . 
H 5 HOH 10  310 181 HOH HOH A . 
H 5 HOH 11  311 60  HOH HOH A . 
H 5 HOH 12  312 34  HOH HOH A . 
H 5 HOH 13  313 220 HOH HOH A . 
H 5 HOH 14  314 216 HOH HOH A . 
H 5 HOH 15  315 215 HOH HOH A . 
H 5 HOH 16  316 231 HOH HOH A . 
H 5 HOH 17  317 36  HOH HOH A . 
H 5 HOH 18  318 182 HOH HOH A . 
H 5 HOH 19  319 210 HOH HOH A . 
H 5 HOH 20  320 54  HOH HOH A . 
H 5 HOH 21  321 133 HOH HOH A . 
H 5 HOH 22  322 107 HOH HOH A . 
H 5 HOH 23  323 131 HOH HOH A . 
H 5 HOH 24  324 184 HOH HOH A . 
H 5 HOH 25  325 4   HOH HOH A . 
H 5 HOH 26  326 174 HOH HOH A . 
H 5 HOH 27  327 104 HOH HOH A . 
H 5 HOH 28  328 41  HOH HOH A . 
H 5 HOH 29  329 167 HOH HOH A . 
H 5 HOH 30  330 30  HOH HOH A . 
H 5 HOH 31  331 245 HOH HOH A . 
H 5 HOH 32  332 57  HOH HOH A . 
H 5 HOH 33  333 148 HOH HOH A . 
H 5 HOH 34  334 111 HOH HOH A . 
H 5 HOH 35  335 52  HOH HOH A . 
H 5 HOH 36  336 116 HOH HOH A . 
H 5 HOH 37  337 147 HOH HOH A . 
H 5 HOH 38  338 249 HOH HOH A . 
H 5 HOH 39  339 152 HOH HOH A . 
H 5 HOH 40  340 81  HOH HOH A . 
H 5 HOH 41  341 33  HOH HOH A . 
H 5 HOH 42  342 59  HOH HOH A . 
H 5 HOH 43  343 68  HOH HOH A . 
H 5 HOH 44  344 142 HOH HOH A . 
H 5 HOH 45  345 187 HOH HOH A . 
H 5 HOH 46  346 186 HOH HOH A . 
H 5 HOH 47  347 16  HOH HOH A . 
H 5 HOH 48  348 18  HOH HOH A . 
H 5 HOH 49  349 205 HOH HOH A . 
H 5 HOH 50  350 100 HOH HOH A . 
H 5 HOH 51  351 197 HOH HOH A . 
H 5 HOH 52  352 191 HOH HOH A . 
H 5 HOH 53  353 25  HOH HOH A . 
H 5 HOH 54  354 2   HOH HOH A . 
H 5 HOH 55  355 24  HOH HOH A . 
H 5 HOH 56  356 12  HOH HOH A . 
H 5 HOH 57  357 161 HOH HOH A . 
H 5 HOH 58  358 248 HOH HOH A . 
H 5 HOH 59  359 200 HOH HOH A . 
H 5 HOH 60  360 198 HOH HOH A . 
H 5 HOH 61  361 214 HOH HOH A . 
H 5 HOH 62  362 50  HOH HOH A . 
H 5 HOH 63  363 29  HOH HOH A . 
H 5 HOH 64  364 97  HOH HOH A . 
H 5 HOH 65  365 7   HOH HOH A . 
H 5 HOH 66  366 77  HOH HOH A . 
H 5 HOH 67  367 43  HOH HOH A . 
H 5 HOH 68  368 19  HOH HOH A . 
H 5 HOH 69  369 190 HOH HOH A . 
H 5 HOH 70  370 27  HOH HOH A . 
H 5 HOH 71  371 121 HOH HOH A . 
H 5 HOH 72  372 28  HOH HOH A . 
H 5 HOH 73  373 146 HOH HOH A . 
H 5 HOH 74  374 67  HOH HOH A . 
H 5 HOH 75  375 21  HOH HOH A . 
H 5 HOH 76  376 9   HOH HOH A . 
H 5 HOH 77  377 71  HOH HOH A . 
H 5 HOH 78  378 17  HOH HOH A . 
H 5 HOH 79  379 72  HOH HOH A . 
H 5 HOH 80  380 88  HOH HOH A . 
H 5 HOH 81  381 26  HOH HOH A . 
H 5 HOH 82  382 178 HOH HOH A . 
H 5 HOH 83  383 126 HOH HOH A . 
H 5 HOH 84  384 211 HOH HOH A . 
H 5 HOH 85  385 96  HOH HOH A . 
H 5 HOH 86  386 110 HOH HOH A . 
H 5 HOH 87  387 137 HOH HOH A . 
H 5 HOH 88  388 79  HOH HOH A . 
H 5 HOH 89  389 40  HOH HOH A . 
H 5 HOH 90  390 84  HOH HOH A . 
H 5 HOH 91  391 169 HOH HOH A . 
H 5 HOH 92  392 157 HOH HOH A . 
H 5 HOH 93  393 82  HOH HOH A . 
H 5 HOH 94  394 141 HOH HOH A . 
H 5 HOH 95  395 42  HOH HOH A . 
H 5 HOH 96  396 11  HOH HOH A . 
H 5 HOH 97  397 62  HOH HOH A . 
H 5 HOH 98  398 132 HOH HOH A . 
H 5 HOH 99  399 155 HOH HOH A . 
H 5 HOH 100 400 106 HOH HOH A . 
H 5 HOH 101 401 233 HOH HOH A . 
H 5 HOH 102 402 105 HOH HOH A . 
H 5 HOH 103 403 112 HOH HOH A . 
H 5 HOH 104 404 15  HOH HOH A . 
H 5 HOH 105 405 177 HOH HOH A . 
H 5 HOH 106 406 168 HOH HOH A . 
H 5 HOH 107 407 234 HOH HOH A . 
H 5 HOH 108 408 8   HOH HOH A . 
H 5 HOH 109 409 78  HOH HOH A . 
H 5 HOH 110 410 250 HOH HOH A . 
H 5 HOH 111 411 113 HOH HOH A . 
H 5 HOH 112 412 69  HOH HOH A . 
H 5 HOH 113 413 51  HOH HOH A . 
H 5 HOH 114 414 35  HOH HOH A . 
H 5 HOH 115 415 138 HOH HOH A . 
H 5 HOH 116 416 80  HOH HOH A . 
H 5 HOH 117 417 49  HOH HOH A . 
H 5 HOH 118 418 120 HOH HOH A . 
H 5 HOH 119 419 90  HOH HOH A . 
H 5 HOH 120 420 61  HOH HOH A . 
H 5 HOH 121 421 119 HOH HOH A . 
H 5 HOH 122 422 20  HOH HOH A . 
H 5 HOH 123 423 98  HOH HOH A . 
H 5 HOH 124 424 38  HOH HOH A . 
H 5 HOH 125 425 91  HOH HOH A . 
H 5 HOH 126 426 10  HOH HOH A . 
H 5 HOH 127 427 95  HOH HOH A . 
H 5 HOH 128 428 70  HOH HOH A . 
H 5 HOH 129 429 123 HOH HOH A . 
H 5 HOH 130 430 170 HOH HOH A . 
H 5 HOH 131 431 39  HOH HOH A . 
H 5 HOH 132 432 23  HOH HOH A . 
H 5 HOH 133 433 224 HOH HOH A . 
H 5 HOH 134 434 89  HOH HOH A . 
H 5 HOH 135 435 213 HOH HOH A . 
H 5 HOH 136 436 66  HOH HOH A . 
H 5 HOH 137 437 230 HOH HOH A . 
H 5 HOH 138 438 76  HOH HOH A . 
H 5 HOH 139 439 128 HOH HOH A . 
H 5 HOH 140 440 171 HOH HOH A . 
H 5 HOH 141 441 235 HOH HOH A . 
H 5 HOH 142 442 74  HOH HOH A . 
H 5 HOH 143 443 65  HOH HOH A . 
H 5 HOH 144 444 159 HOH HOH A . 
H 5 HOH 145 445 101 HOH HOH A . 
H 5 HOH 146 446 102 HOH HOH A . 
H 5 HOH 147 447 237 HOH HOH A . 
H 5 HOH 148 448 64  HOH HOH A . 
H 5 HOH 149 449 5   HOH HOH A . 
H 5 HOH 150 450 192 HOH HOH A . 
H 5 HOH 151 451 55  HOH HOH A . 
H 5 HOH 152 452 108 HOH HOH A . 
H 5 HOH 153 453 13  HOH HOH A . 
H 5 HOH 154 454 144 HOH HOH A . 
H 5 HOH 155 455 212 HOH HOH A . 
H 5 HOH 156 456 150 HOH HOH A . 
H 5 HOH 157 457 201 HOH HOH A . 
H 5 HOH 158 458 175 HOH HOH A . 
H 5 HOH 159 459 87  HOH HOH A . 
H 5 HOH 160 460 127 HOH HOH A . 
H 5 HOH 161 461 180 HOH HOH A . 
H 5 HOH 162 462 154 HOH HOH A . 
H 5 HOH 163 463 156 HOH HOH A . 
H 5 HOH 164 464 158 HOH HOH A . 
H 5 HOH 165 465 173 HOH HOH A . 
H 5 HOH 166 466 228 HOH HOH A . 
H 5 HOH 167 467 162 HOH HOH A . 
H 5 HOH 168 468 135 HOH HOH A . 
H 5 HOH 169 469 47  HOH HOH A . 
H 5 HOH 170 470 45  HOH HOH A . 
H 5 HOH 171 471 99  HOH HOH A . 
H 5 HOH 172 472 246 HOH HOH A . 
H 5 HOH 173 473 232 HOH HOH A . 
H 5 HOH 174 474 207 HOH HOH A . 
H 5 HOH 175 475 164 HOH HOH A . 
H 5 HOH 176 476 85  HOH HOH A . 
H 5 HOH 177 477 225 HOH HOH A . 
H 5 HOH 178 478 240 HOH HOH A . 
H 5 HOH 179 479 73  HOH HOH A . 
H 5 HOH 180 480 86  HOH HOH A . 
H 5 HOH 181 481 229 HOH HOH A . 
H 5 HOH 182 482 134 HOH HOH A . 
H 5 HOH 183 483 114 HOH HOH A . 
H 5 HOH 184 484 129 HOH HOH A . 
H 5 HOH 185 485 185 HOH HOH A . 
H 5 HOH 186 486 221 HOH HOH A . 
H 5 HOH 187 487 122 HOH HOH A . 
H 5 HOH 188 488 56  HOH HOH A . 
H 5 HOH 189 489 209 HOH HOH A . 
H 5 HOH 190 490 208 HOH HOH A . 
H 5 HOH 191 491 153 HOH HOH A . 
H 5 HOH 192 492 165 HOH HOH A . 
H 5 HOH 193 493 223 HOH HOH A . 
H 5 HOH 194 494 241 HOH HOH A . 
H 5 HOH 195 495 202 HOH HOH A . 
H 5 HOH 196 496 206 HOH HOH A . 
H 5 HOH 197 497 83  HOH HOH A . 
H 5 HOH 198 498 226 HOH HOH A . 
H 5 HOH 199 499 199 HOH HOH A . 
H 5 HOH 200 500 118 HOH HOH A . 
H 5 HOH 201 501 75  HOH HOH A . 
H 5 HOH 202 502 239 HOH HOH A . 
H 5 HOH 203 503 160 HOH HOH A . 
H 5 HOH 204 504 92  HOH HOH A . 
H 5 HOH 205 505 125 HOH HOH A . 
H 5 HOH 206 506 222 HOH HOH A . 
H 5 HOH 207 507 247 HOH HOH A . 
H 5 HOH 208 508 48  HOH HOH A . 
# 
loop_
_software.classification 
_software.name 
_software.version 
_software.citation_id 
_software.pdbx_ordinal 
refinement       REFMAC  5.8.0267 ? 1 
refinement       REFMAC5 .        ? 2 
'data scaling'   Aimless .        ? 3 
phasing          PHASER  .        ? 4 
'data reduction' XDS     .        ? 5 
# 
_cell.entry_id           7H3K 
_cell.length_a           86.188 
_cell.length_b           56.398 
_cell.length_c           32.418 
_cell.angle_alpha        90.00 
_cell.angle_beta         94.87 
_cell.angle_gamma        90.00 
_cell.Z_PDB              4 
_cell.pdbx_unique_axis   ? 
# 
_symmetry.entry_id                         7H3K 
_symmetry.space_group_name_H-M             'C 1 2 1' 
_symmetry.pdbx_full_space_group_name_H-M   ? 
_symmetry.cell_setting                     ? 
_symmetry.Int_Tables_number                5 
# 
_exptl.entry_id          7H3K 
_exptl.method            'X-RAY DIFFRACTION' 
_exptl.crystals_number   1 
# 
_exptl_crystal.id                    1 
_exptl_crystal.density_meas          ? 
_exptl_crystal.density_Matthews      2.38 
_exptl_crystal.density_percent_sol   48.32 
_exptl_crystal.description           ? 
# 
_exptl_crystal_grow.crystal_id      1 
_exptl_crystal_grow.method          'VAPOR DIFFUSION, SITTING DROP' 
_exptl_crystal_grow.pH              6.05 
_exptl_crystal_grow.temp            293.15 
_exptl_crystal_grow.pdbx_details    '0.1 M MES, pH 6.05, 16 % PEG 20,000' 
_exptl_crystal_grow.temp_details    ? 
_exptl_crystal_grow.pdbx_pH_range   ? 
# 
_diffrn.id                     1 
_diffrn.ambient_temp           100 
_diffrn.crystal_id             1 
_diffrn.ambient_temp_details   ? 
# 
_diffrn_detector.detector               PIXEL 
_diffrn_detector.type                   'DECTRIS EIGER2 XE 16M' 
_diffrn_detector.pdbx_collection_date   2023-10-10 
_diffrn_detector.diffrn_id              1 
_diffrn_detector.details                ? 
# 
_diffrn_radiation.diffrn_id                        1 
_diffrn_radiation.wavelength_id                    1 
_diffrn_radiation.pdbx_diffrn_protocol             'SINGLE WAVELENGTH' 
_diffrn_radiation.pdbx_monochromatic_or_laue_m_l   ? 
_diffrn_radiation.monochromator                    ? 
_diffrn_radiation.pdbx_scattering_type             x-ray 
# 
_diffrn_radiation_wavelength.id           1 
_diffrn_radiation_wavelength.wavelength   0.94055 
_diffrn_radiation_wavelength.wt           1.0 
# 
_diffrn_source.diffrn_id                   1 
_diffrn_source.source                      SYNCHROTRON 
_diffrn_source.type                        'DIAMOND BEAMLINE I03' 
_diffrn_source.pdbx_wavelength_list        0.94055 
_diffrn_source.pdbx_synchrotron_site       Diamond 
_diffrn_source.pdbx_synchrotron_beamline   I03 
_diffrn_source.pdbx_wavelength             ? 
# 
_reflns.entry_id                     7H3K 
_reflns.pdbx_diffrn_id               1 
_reflns.pdbx_ordinal                 1 
_reflns.d_resolution_low             47.15 
_reflns.d_resolution_high            1.28 
_reflns.number_obs                   39635 
_reflns.percent_possible_obs         99.1 
_reflns.pdbx_Rmerge_I_obs            0.103 
_reflns.pdbx_netI_over_sigmaI        9.8 
_reflns.pdbx_redundancy              6.8 
_reflns.pdbx_Rrim_I_all              0.111 
_reflns.pdbx_Rpim_I_all              0.042 
_reflns.pdbx_CC_half                 0.997 
_reflns.pdbx_number_measured_all     271100 
_reflns.pdbx_chi_squared             0.55 
_reflns.observed_criterion_sigma_I   ? 
_reflns.observed_criterion_sigma_F   ? 
_reflns.number_all                   ? 
_reflns.pdbx_Rsym_value              ? 
_reflns.B_iso_Wilson_estimate        ? 
# 
_reflns_shell.pdbx_diffrn_id              1 
_reflns_shell.pdbx_ordinal                1 
_reflns_shell.d_res_high                  1.28 
_reflns_shell.d_res_low                   1.30 
_reflns_shell.number_measured_all         13012 
_reflns_shell.number_unique_obs           1910 
_reflns_shell.Rmerge_I_obs                2.401 
_reflns_shell.pdbx_chi_squared            0.15 
_reflns_shell.pdbx_redundancy             6.8 
_reflns_shell.percent_possible_obs        95.4 
_reflns_shell.pdbx_netI_over_sigmaI_obs   0.6 
_reflns_shell.pdbx_Rrim_I_all             2.606 
_reflns_shell.pdbx_Rpim_I_all             1.000 
_reflns_shell.pdbx_CC_half                0.285 
_reflns_shell.percent_possible_all        ? 
_reflns_shell.pdbx_Rsym_value             ? 
_reflns_shell.meanI_over_sigI_obs         ? 
# 
_refine.pdbx_refine_id                           'X-RAY DIFFRACTION' 
_refine.entry_id                                 7H3K 
_refine.pdbx_diffrn_id                           1 
_refine.pdbx_TLS_residual_ADP_flag               ? 
_refine.ls_number_reflns_obs                     37373 
_refine.ls_number_reflns_all                     ? 
_refine.pdbx_ls_sigma_I                          ? 
_refine.pdbx_ls_sigma_F                          ? 
_refine.pdbx_data_cutoff_high_absF               ? 
_refine.pdbx_data_cutoff_low_absF                ? 
_refine.pdbx_data_cutoff_high_rms_absF           ? 
_refine.ls_d_res_low                             47.14 
_refine.ls_d_res_high                            1.28 
_refine.ls_percent_reflns_obs                    98.12 
_refine.ls_R_factor_obs                          0.20405 
_refine.ls_R_factor_all                          ? 
_refine.ls_R_factor_R_work                       0.20223 
_refine.ls_R_factor_R_free                       0.23791 
_refine.ls_R_factor_R_free_error                 ? 
_refine.ls_R_factor_R_free_error_details         ? 
_refine.ls_percent_reflns_R_free                 4.9 
_refine.ls_number_reflns_R_free                  1939 
_refine.ls_number_parameters                     ? 
_refine.ls_number_restraints                     ? 
_refine.occupancy_min                            ? 
_refine.occupancy_max                            ? 
_refine.correlation_coeff_Fo_to_Fc               0.969 
_refine.correlation_coeff_Fo_to_Fc_free          0.956 
_refine.B_iso_mean                               21.153 
_refine.aniso_B[1][1]                            -0.06 
_refine.aniso_B[2][2]                            0.13 
_refine.aniso_B[3][3]                            -0.02 
_refine.aniso_B[1][2]                            0.00 
_refine.aniso_B[1][3]                            -0.27 
_refine.aniso_B[2][3]                            -0.00 
_refine.solvent_model_details                    MASK 
_refine.solvent_model_param_ksol                 ? 
_refine.solvent_model_param_bsol                 ? 
_refine.pdbx_solvent_vdw_probe_radii             1.20 
_refine.pdbx_solvent_ion_probe_radii             0.80 
_refine.pdbx_solvent_shrinkage_radii             0.80 
_refine.pdbx_ls_cross_valid_method               THROUGHOUT 
_refine.details                                  'HYDROGENS HAVE BEEN ADDED IN THE RIDING POSITIONS' 
_refine.pdbx_starting_model                      ? 
_refine.pdbx_method_to_determine_struct          'MOLECULAR REPLACEMENT' 
_refine.pdbx_isotropic_thermal_model             ? 
_refine.pdbx_stereochemistry_target_values       'MAXIMUM LIKELIHOOD' 
_refine.pdbx_stereochem_target_val_spec_case     ? 
_refine.pdbx_R_Free_selection_details            RANDOM 
_refine.pdbx_overall_ESU_R                       0.080 
_refine.pdbx_overall_ESU_R_Free                  0.081 
_refine.overall_SU_ML                            0.097 
_refine.pdbx_overall_phase_error                 ? 
_refine.overall_SU_B                             2.472 
_refine.overall_SU_R_Cruickshank_DPI             ? 
_refine.pdbx_overall_SU_R_free_Cruickshank_DPI   ? 
_refine.pdbx_overall_SU_R_Blow_DPI               ? 
_refine.pdbx_overall_SU_R_free_Blow_DPI          ? 
# 
_refine_hist.pdbx_refine_id                   'X-RAY DIFFRACTION' 
_refine_hist.cycle_id                         1 
_refine_hist.pdbx_number_atoms_protein        1083 
_refine_hist.pdbx_number_atoms_nucleic_acid   0 
_refine_hist.pdbx_number_atoms_ligand         32 
_refine_hist.number_atoms_solvent             208 
_refine_hist.number_atoms_total               1323 
_refine_hist.d_res_high                       1.28 
_refine_hist.d_res_low                        47.14 
# 
loop_
_refine_ls_restr.type 
_refine_ls_restr.dev_ideal 
_refine_ls_restr.dev_ideal_target 
_refine_ls_restr.weight 
_refine_ls_restr.number 
_refine_ls_restr.pdbx_refine_id 
_refine_ls_restr.pdbx_restraint_function 
r_bond_refined_d             0.007  0.015  ? 3069 'X-RAY DIFFRACTION' ? 
r_bond_other_d               0.001  0.015  ? 1956 'X-RAY DIFFRACTION' ? 
r_angle_refined_deg          1.539  1.629  ? 3140 'X-RAY DIFFRACTION' ? 
r_angle_other_deg            1.378  1.595  ? 4519 'X-RAY DIFFRACTION' ? 
r_dihedral_angle_1_deg       7.516  5.000  ? 313  'X-RAY DIFFRACTION' ? 
r_dihedral_angle_2_deg       35.376 22.586 ? 116  'X-RAY DIFFRACTION' ? 
r_dihedral_angle_3_deg       14.547 15.000 ? 301  'X-RAY DIFFRACTION' ? 
r_dihedral_angle_4_deg       20.115 15.000 ? 12   'X-RAY DIFFRACTION' ? 
r_chiral_restr               0.064  0.200  ? 280  'X-RAY DIFFRACTION' ? 
r_gen_planes_refined         0.008  0.020  ? 2906 'X-RAY DIFFRACTION' ? 
r_gen_planes_other           0.003  0.020  ? 562  'X-RAY DIFFRACTION' ? 
r_nbd_refined                ?      ?      ? ?    'X-RAY DIFFRACTION' ? 
r_nbd_other                  ?      ?      ? ?    'X-RAY DIFFRACTION' ? 
r_nbtor_refined              ?      ?      ? ?    'X-RAY DIFFRACTION' ? 
r_nbtor_other                ?      ?      ? ?    'X-RAY DIFFRACTION' ? 
r_xyhbond_nbd_refined        ?      ?      ? ?    'X-RAY DIFFRACTION' ? 
r_xyhbond_nbd_other          ?      ?      ? ?    'X-RAY DIFFRACTION' ? 
r_metal_ion_refined          ?      ?      ? ?    'X-RAY DIFFRACTION' ? 
r_metal_ion_other            ?      ?      ? ?    'X-RAY DIFFRACTION' ? 
r_symmetry_vdw_refined       ?      ?      ? ?    'X-RAY DIFFRACTION' ? 
r_symmetry_vdw_other         ?      ?      ? ?    'X-RAY DIFFRACTION' ? 
r_symmetry_hbond_refined     ?      ?      ? ?    'X-RAY DIFFRACTION' ? 
r_symmetry_hbond_other       ?      ?      ? ?    'X-RAY DIFFRACTION' ? 
r_symmetry_metal_ion_refined ?      ?      ? ?    'X-RAY DIFFRACTION' ? 
r_symmetry_metal_ion_other   ?      ?      ? ?    'X-RAY DIFFRACTION' ? 
r_mcbond_it                  1.205  2.029  ? 1639 'X-RAY DIFFRACTION' ? 
r_mcbond_other               1.226  1.984  ? 1583 'X-RAY DIFFRACTION' ? 
r_mcangle_it                 2.265  2.950  ? 1521 'X-RAY DIFFRACTION' ? 
r_mcangle_other              2.274  2.954  ? 1520 'X-RAY DIFFRACTION' ? 
r_scbond_it                  1.394  2.265  ? 1428 'X-RAY DIFFRACTION' ? 
r_scbond_other               1.397  2.213  ? 1418 'X-RAY DIFFRACTION' ? 
r_scangle_it                 ?      ?      ? ?    'X-RAY DIFFRACTION' ? 
r_scangle_other              2.289  3.238  ? 1608 'X-RAY DIFFRACTION' ? 
r_long_range_B_refined       6.928  25.836 ? 2696 'X-RAY DIFFRACTION' ? 
r_long_range_B_other         6.927  25.859 ? 2697 'X-RAY DIFFRACTION' ? 
r_rigid_bond_restr           ?      ?      ? ?    'X-RAY DIFFRACTION' ? 
r_sphericity_free            ?      ?      ? ?    'X-RAY DIFFRACTION' ? 
r_sphericity_bonded          ?      ?      ? ?    'X-RAY DIFFRACTION' ? 
# 
_refine_ls_shell.pdbx_refine_id                   'X-RAY DIFFRACTION' 
_refine_ls_shell.pdbx_total_number_of_bins_used   20 
_refine_ls_shell.d_res_high                       1.278 
_refine_ls_shell.d_res_low                        1.311 
_refine_ls_shell.number_reflns_R_work             2501 
_refine_ls_shell.R_factor_R_work                  0.362 
_refine_ls_shell.percent_reflns_obs               88.66 
_refine_ls_shell.R_factor_R_free                  0.396 
_refine_ls_shell.R_factor_R_free_error            ? 
_refine_ls_shell.percent_reflns_R_free            ? 
_refine_ls_shell.number_reflns_R_free             117 
_refine_ls_shell.number_reflns_all                ? 
_refine_ls_shell.R_factor_all                     ? 
# 
_struct.entry_id                  7H3K 
_struct.title                     
;Group deposition for crystallographic fragment screening of Coxsackievirus A16 (G-10) 2A protease -- Crystal structure of Coxsackievirus A16 (G-10) 2A protease in complex with Z71580604 (A71EV2A-x0416)
;
_struct.pdbx_model_details        ? 
_struct.pdbx_CASP_flag            ? 
_struct.pdbx_model_type_details   ? 
# 
_struct_keywords.entry_id        7H3K 
_struct_keywords.pdbx_keywords   HYDROLASE 
_struct_keywords.text            
;Diamond Light Source, I03, ASAP, Coxsackievirus A16, crystallographic fragment screening, PanDDA, Pandda2, XChemExplorer, viral protein, HYDROLASE
;
# 
loop_
_struct_asym.id 
_struct_asym.pdbx_blank_PDB_chainid_flag 
_struct_asym.pdbx_modified 
_struct_asym.entity_id 
_struct_asym.details 
A N N 1 ? 
B N N 2 ? 
C N N 3 ? 
D N N 4 ? 
E N N 4 ? 
F N N 4 ? 
G N N 4 ? 
H N N 5 ? 
# 
_struct_ref.id                         1 
_struct_ref.db_name                    UNP 
_struct_ref.db_code                    POLG_CX16G 
_struct_ref.pdbx_db_accession          Q65900 
_struct_ref.pdbx_db_isoform            ? 
_struct_ref.entity_id                  1 
_struct_ref.pdbx_seq_one_letter_code   
;SGAIYVGNYRVVNRHLATHNDWANLVWEDSSRDLLVSSTTAQGCDTIARCDCQTGVYYCSSRRKHYPVSFSKPSLIFVEA
SEYYPARYQSHLMLAVGHSEPGDCGGILRCQHGVVGIVSTGGNGLVGFADVRDLLWLDEEAMEQ
;
_struct_ref.pdbx_align_begin           869 
# 
_struct_ref_seq.align_id                      1 
_struct_ref_seq.ref_id                        1 
_struct_ref_seq.pdbx_PDB_id_code              7H3K 
_struct_ref_seq.pdbx_strand_id                A 
_struct_ref_seq.seq_align_beg                 7 
_struct_ref_seq.pdbx_seq_align_beg_ins_code   ? 
_struct_ref_seq.seq_align_end                 150 
_struct_ref_seq.pdbx_seq_align_end_ins_code   ? 
_struct_ref_seq.pdbx_db_accession             Q65900 
_struct_ref_seq.db_align_beg                  869 
_struct_ref_seq.pdbx_db_align_beg_ins_code    ? 
_struct_ref_seq.db_align_end                  1012 
_struct_ref_seq.pdbx_db_align_end_ins_code    ? 
_struct_ref_seq.pdbx_auth_seq_align_beg       7 
_struct_ref_seq.pdbx_auth_seq_align_end       150 
# 
loop_
_struct_ref_seq_dif.align_id 
_struct_ref_seq_dif.pdbx_pdb_id_code 
_struct_ref_seq_dif.mon_id 
_struct_ref_seq_dif.pdbx_pdb_strand_id 
_struct_ref_seq_dif.seq_num 
_struct_ref_seq_dif.pdbx_pdb_ins_code 
_struct_ref_seq_dif.pdbx_seq_db_name 
_struct_ref_seq_dif.pdbx_seq_db_accession_code 
_struct_ref_seq_dif.db_mon_id 
_struct_ref_seq_dif.pdbx_seq_db_seq_num 
_struct_ref_seq_dif.details 
_struct_ref_seq_dif.pdbx_auth_seq_num 
_struct_ref_seq_dif.pdbx_ordinal 
1 7H3K GLN A 1 ? UNP Q65900 ? ? 'expression tag' 1 1 
1 7H3K GLU A 2 ? UNP Q65900 ? ? 'expression tag' 2 2 
1 7H3K GLN A 3 ? UNP Q65900 ? ? 'expression tag' 3 3 
1 7H3K THR A 4 ? UNP Q65900 ? ? 'expression tag' 4 4 
1 7H3K GLY A 5 ? UNP Q65900 ? ? 'expression tag' 5 5 
1 7H3K GLY A 6 ? UNP Q65900 ? ? 'expression tag' 6 6 
# 
_pdbx_struct_assembly.id                   1 
_pdbx_struct_assembly.details              author_and_software_defined_assembly 
_pdbx_struct_assembly.method_details       PISA 
_pdbx_struct_assembly.oligomeric_details   monomeric 
_pdbx_struct_assembly.oligomeric_count     1 
# 
loop_
_pdbx_struct_assembly_prop.biol_id 
_pdbx_struct_assembly_prop.type 
_pdbx_struct_assembly_prop.value 
_pdbx_struct_assembly_prop.details 
1 'ABSA (A^2)' 580  ? 
1 MORE         1    ? 
1 'SSA (A^2)'  7430 ? 
# 
_pdbx_struct_assembly_gen.assembly_id       1 
_pdbx_struct_assembly_gen.oper_expression   1 
_pdbx_struct_assembly_gen.asym_id_list      A,B,C,D,E,F,G,H 
# 
_pdbx_struct_oper_list.id                   1 
_pdbx_struct_oper_list.type                 'identity operation' 
_pdbx_struct_oper_list.name                 1_555 
_pdbx_struct_oper_list.symmetry_operation   x,y,z 
_pdbx_struct_oper_list.matrix[1][1]         1.0000000000 
_pdbx_struct_oper_list.matrix[1][2]         0.0000000000 
_pdbx_struct_oper_list.matrix[1][3]         0.0000000000 
_pdbx_struct_oper_list.vector[1]            0.0000000000 
_pdbx_struct_oper_list.matrix[2][1]         0.0000000000 
_pdbx_struct_oper_list.matrix[2][2]         1.0000000000 
_pdbx_struct_oper_list.matrix[2][3]         0.0000000000 
_pdbx_struct_oper_list.vector[2]            0.0000000000 
_pdbx_struct_oper_list.matrix[3][1]         0.0000000000 
_pdbx_struct_oper_list.matrix[3][2]         0.0000000000 
_pdbx_struct_oper_list.matrix[3][3]         1.0000000000 
_pdbx_struct_oper_list.vector[3]            0.0000000000 
# 
loop_
_struct_conf.conf_type_id 
_struct_conf.id 
_struct_conf.pdbx_PDB_helix_id 
_struct_conf.beg_label_comp_id 
_struct_conf.beg_label_asym_id 
_struct_conf.beg_label_seq_id 
_struct_conf.pdbx_beg_PDB_ins_code 
_struct_conf.end_label_comp_id 
_struct_conf.end_label_asym_id 
_struct_conf.end_label_seq_id 
_struct_conf.pdbx_end_PDB_ins_code 
_struct_conf.beg_auth_comp_id 
_struct_conf.beg_auth_asym_id 
_struct_conf.beg_auth_seq_id 
_struct_conf.end_auth_comp_id 
_struct_conf.end_auth_asym_id 
_struct_conf.end_auth_seq_id 
_struct_conf.pdbx_PDB_helix_class 
_struct_conf.details 
_struct_conf.pdbx_PDB_helix_length 
HELX_P HELX_P1 AA1 HIS A 21  ? ALA A 23  ? HIS A 21  ALA A 23  5 ? 3 
HELX_P HELX_P2 AA2 THR A 24  ? ASN A 30  ? THR A 24  ASN A 30  1 ? 7 
HELX_P HELX_P3 AA3 SER A 66  ? ARG A 69  ? SER A 66  ARG A 69  5 ? 4 
HELX_P HELX_P4 AA4 GLU A 106 ? CYS A 110 ? GLU A 106 CYS A 110 5 ? 5 
HELX_P HELX_P5 AA5 LEU A 140 ? GLU A 145 ? LEU A 140 GLU A 145 5 ? 6 
# 
_struct_conf_type.id          HELX_P 
_struct_conf_type.criteria    ? 
_struct_conf_type.reference   ? 
# 
loop_
_struct_conn.id 
_struct_conn.conn_type_id 
_struct_conn.pdbx_leaving_atom_flag 
_struct_conn.pdbx_PDB_id 
_struct_conn.ptnr1_label_asym_id 
_struct_conn.ptnr1_label_comp_id 
_struct_conn.ptnr1_label_seq_id 
_struct_conn.ptnr1_label_atom_id 
_struct_conn.pdbx_ptnr1_label_alt_id 
_struct_conn.pdbx_ptnr1_PDB_ins_code 
_struct_conn.pdbx_ptnr1_standard_comp_id 
_struct_conn.ptnr1_symmetry 
_struct_conn.ptnr2_label_asym_id 
_struct_conn.ptnr2_label_comp_id 
_struct_conn.ptnr2_label_seq_id 
_struct_conn.ptnr2_label_atom_id 
_struct_conn.pdbx_ptnr2_label_alt_id 
_struct_conn.pdbx_ptnr2_PDB_ins_code 
_struct_conn.ptnr1_auth_asym_id 
_struct_conn.ptnr1_auth_comp_id 
_struct_conn.ptnr1_auth_seq_id 
_struct_conn.ptnr2_auth_asym_id 
_struct_conn.ptnr2_auth_comp_id 
_struct_conn.ptnr2_auth_seq_id 
_struct_conn.ptnr2_symmetry 
_struct_conn.pdbx_ptnr3_label_atom_id 
_struct_conn.pdbx_ptnr3_label_seq_id 
_struct_conn.pdbx_ptnr3_label_comp_id 
_struct_conn.pdbx_ptnr3_label_asym_id 
_struct_conn.pdbx_ptnr3_label_alt_id 
_struct_conn.pdbx_ptnr3_PDB_ins_code 
_struct_conn.details 
_struct_conn.pdbx_dist_value 
_struct_conn.pdbx_value_order 
_struct_conn.pdbx_role 
metalc1 metalc ? ? A CYS 56  SG  ? ? ? 1_555 C ZN . ZN ? ? A CYS 56  A ZN 202 1_555 ? ? ? ? ? ? ? 2.383 ? ? 
metalc2 metalc ? ? A CYS 58  SG  ? ? ? 1_555 C ZN . ZN ? ? A CYS 58  A ZN 202 1_555 ? ? ? ? ? ? ? 2.305 ? ? 
metalc3 metalc ? ? A CYS 116 SG  ? ? ? 1_555 C ZN . ZN ? ? A CYS 116 A ZN 202 1_555 ? ? ? ? ? ? ? 2.257 ? ? 
metalc4 metalc ? ? A HIS 118 ND1 ? ? ? 1_555 C ZN . ZN ? ? A HIS 118 A ZN 202 1_555 ? ? ? ? ? ? ? 2.107 ? ? 
# 
_struct_conn_type.id          metalc 
_struct_conn_type.criteria    ? 
_struct_conn_type.reference   ? 
# 
loop_
_pdbx_struct_conn_angle.id 
_pdbx_struct_conn_angle.ptnr1_label_atom_id 
_pdbx_struct_conn_angle.ptnr1_label_alt_id 
_pdbx_struct_conn_angle.ptnr1_label_asym_id 
_pdbx_struct_conn_angle.ptnr1_label_comp_id 
_pdbx_struct_conn_angle.ptnr1_label_seq_id 
_pdbx_struct_conn_angle.ptnr1_auth_atom_id 
_pdbx_struct_conn_angle.ptnr1_auth_asym_id 
_pdbx_struct_conn_angle.ptnr1_auth_comp_id 
_pdbx_struct_conn_angle.ptnr1_auth_seq_id 
_pdbx_struct_conn_angle.ptnr1_PDB_ins_code 
_pdbx_struct_conn_angle.ptnr1_symmetry 
_pdbx_struct_conn_angle.ptnr2_label_atom_id 
_pdbx_struct_conn_angle.ptnr2_label_alt_id 
_pdbx_struct_conn_angle.ptnr2_label_asym_id 
_pdbx_struct_conn_angle.ptnr2_label_comp_id 
_pdbx_struct_conn_angle.ptnr2_label_seq_id 
_pdbx_struct_conn_angle.ptnr2_auth_atom_id 
_pdbx_struct_conn_angle.ptnr2_auth_asym_id 
_pdbx_struct_conn_angle.ptnr2_auth_comp_id 
_pdbx_struct_conn_angle.ptnr2_auth_seq_id 
_pdbx_struct_conn_angle.ptnr2_PDB_ins_code 
_pdbx_struct_conn_angle.ptnr2_symmetry 
_pdbx_struct_conn_angle.ptnr3_label_atom_id 
_pdbx_struct_conn_angle.ptnr3_label_alt_id 
_pdbx_struct_conn_angle.ptnr3_label_asym_id 
_pdbx_struct_conn_angle.ptnr3_label_comp_id 
_pdbx_struct_conn_angle.ptnr3_label_seq_id 
_pdbx_struct_conn_angle.ptnr3_auth_atom_id 
_pdbx_struct_conn_angle.ptnr3_auth_asym_id 
_pdbx_struct_conn_angle.ptnr3_auth_comp_id 
_pdbx_struct_conn_angle.ptnr3_auth_seq_id 
_pdbx_struct_conn_angle.ptnr3_PDB_ins_code 
_pdbx_struct_conn_angle.ptnr3_symmetry 
_pdbx_struct_conn_angle.value 
_pdbx_struct_conn_angle.value_esd 
1 SG ? A CYS 56  ? A CYS 56  ? 1_555 ZN ? C ZN . ? A ZN 202 ? 1_555 SG  ? A CYS 58  ? A CYS 58  ? 1_555 108.6 ? 
2 SG ? A CYS 56  ? A CYS 56  ? 1_555 ZN ? C ZN . ? A ZN 202 ? 1_555 SG  ? A CYS 116 ? A CYS 116 ? 1_555 105.6 ? 
3 SG ? A CYS 58  ? A CYS 58  ? 1_555 ZN ? C ZN . ? A ZN 202 ? 1_555 SG  ? A CYS 116 ? A CYS 116 ? 1_555 118.0 ? 
4 SG ? A CYS 56  ? A CYS 56  ? 1_555 ZN ? C ZN . ? A ZN 202 ? 1_555 ND1 ? A HIS 118 ? A HIS 118 ? 1_555 106.6 ? 
5 SG ? A CYS 58  ? A CYS 58  ? 1_555 ZN ? C ZN . ? A ZN 202 ? 1_555 ND1 ? A HIS 118 ? A HIS 118 ? 1_555 101.6 ? 
6 SG ? A CYS 116 ? A CYS 116 ? 1_555 ZN ? C ZN . ? A ZN 202 ? 1_555 ND1 ? A HIS 118 ? A HIS 118 ? 1_555 115.9 ? 
# 
loop_
_struct_sheet.id 
_struct_sheet.type 
_struct_sheet.number_strands 
_struct_sheet.details 
AA1 ? 3 ? 
AA2 ? 7 ? 
# 
loop_
_struct_sheet_order.sheet_id 
_struct_sheet_order.range_id_1 
_struct_sheet_order.range_id_2 
_struct_sheet_order.offset 
_struct_sheet_order.sense 
AA1 1 2 ? anti-parallel 
AA1 2 3 ? anti-parallel 
AA2 1 2 ? anti-parallel 
AA2 2 3 ? anti-parallel 
AA2 3 4 ? anti-parallel 
AA2 4 5 ? anti-parallel 
AA2 5 6 ? anti-parallel 
AA2 6 7 ? anti-parallel 
# 
loop_
_struct_sheet_range.sheet_id 
_struct_sheet_range.id 
_struct_sheet_range.beg_label_comp_id 
_struct_sheet_range.beg_label_asym_id 
_struct_sheet_range.beg_label_seq_id 
_struct_sheet_range.pdbx_beg_PDB_ins_code 
_struct_sheet_range.end_label_comp_id 
_struct_sheet_range.end_label_asym_id 
_struct_sheet_range.end_label_seq_id 
_struct_sheet_range.pdbx_end_PDB_ins_code 
_struct_sheet_range.beg_auth_comp_id 
_struct_sheet_range.beg_auth_asym_id 
_struct_sheet_range.beg_auth_seq_id 
_struct_sheet_range.end_auth_comp_id 
_struct_sheet_range.end_auth_asym_id 
_struct_sheet_range.end_auth_seq_id 
AA1 1 LEU A 31  ? ASP A 35  ? LEU A 31  ASP A 35  
AA1 2 LEU A 40  ? GLY A 49  ? LEU A 40  GLY A 49  
AA1 3 ILE A 10  ? ASN A 19  ? ILE A 10  ASN A 19  
AA2 1 LYS A 70  ? SER A 75  ? LYS A 70  SER A 75  
AA2 2 THR A 60  ? CYS A 65  ? THR A 60  CYS A 65  
AA2 3 ILE A 113 ? CYS A 116 ? ILE A 113 CYS A 116 
AA2 4 GLY A 119 ? THR A 126 ? GLY A 119 THR A 126 
AA2 5 VAL A 132 ? ASP A 136 ? VAL A 132 ASP A 136 
AA2 6 TYR A 94  ? ALA A 101 ? TYR A 94  ALA A 101 
AA2 7 SER A 80  ? PHE A 83  ? SER A 80  PHE A 83  
# 
loop_
_pdbx_struct_sheet_hbond.sheet_id 
_pdbx_struct_sheet_hbond.range_id_1 
_pdbx_struct_sheet_hbond.range_id_2 
_pdbx_struct_sheet_hbond.range_1_label_atom_id 
_pdbx_struct_sheet_hbond.range_1_label_comp_id 
_pdbx_struct_sheet_hbond.range_1_label_asym_id 
_pdbx_struct_sheet_hbond.range_1_label_seq_id 
_pdbx_struct_sheet_hbond.range_1_PDB_ins_code 
_pdbx_struct_sheet_hbond.range_1_auth_atom_id 
_pdbx_struct_sheet_hbond.range_1_auth_comp_id 
_pdbx_struct_sheet_hbond.range_1_auth_asym_id 
_pdbx_struct_sheet_hbond.range_1_auth_seq_id 
_pdbx_struct_sheet_hbond.range_2_label_atom_id 
_pdbx_struct_sheet_hbond.range_2_label_comp_id 
_pdbx_struct_sheet_hbond.range_2_label_asym_id 
_pdbx_struct_sheet_hbond.range_2_label_seq_id 
_pdbx_struct_sheet_hbond.range_2_PDB_ins_code 
_pdbx_struct_sheet_hbond.range_2_auth_atom_id 
_pdbx_struct_sheet_hbond.range_2_auth_comp_id 
_pdbx_struct_sheet_hbond.range_2_auth_asym_id 
_pdbx_struct_sheet_hbond.range_2_auth_seq_id 
AA1 1 2 N TRP A 33  ? N TRP A 33  O VAL A 42  ? O VAL A 42  
AA1 2 3 N THR A 45  ? N THR A 45  O ASN A 14  ? O ASN A 14  
AA2 1 2 O LYS A 70  ? O LYS A 70  N CYS A 65  ? N CYS A 65  
AA2 2 3 N VAL A 62  ? N VAL A 62  O ARG A 115 ? O ARG A 115 
AA2 3 4 N LEU A 114 ? N LEU A 114 O VAL A 121 ? O VAL A 121 
AA2 4 5 N THR A 126 ? N THR A 126 O GLY A 133 ? O GLY A 133 
AA2 5 6 O VAL A 132 ? O VAL A 132 N ALA A 101 ? N ALA A 101 
AA2 6 7 O LEU A 98  ? O LEU A 98  N SER A 80  ? N SER A 80  
# 
_pdbx_entry_details.entry_id                   7H3K 
_pdbx_entry_details.compound_details           ? 
_pdbx_entry_details.source_details             ? 
_pdbx_entry_details.nonpolymer_details         ? 
_pdbx_entry_details.sequence_details           ? 
_pdbx_entry_details.has_ligand_of_interest     ? 
_pdbx_entry_details.has_protein_modification   N 
# 
loop_
_pdbx_validate_close_contact.id 
_pdbx_validate_close_contact.PDB_model_num 
_pdbx_validate_close_contact.auth_atom_id_1 
_pdbx_validate_close_contact.auth_asym_id_1 
_pdbx_validate_close_contact.auth_comp_id_1 
_pdbx_validate_close_contact.auth_seq_id_1 
_pdbx_validate_close_contact.PDB_ins_code_1 
_pdbx_validate_close_contact.label_alt_id_1 
_pdbx_validate_close_contact.auth_atom_id_2 
_pdbx_validate_close_contact.auth_asym_id_2 
_pdbx_validate_close_contact.auth_comp_id_2 
_pdbx_validate_close_contact.auth_seq_id_2 
_pdbx_validate_close_contact.PDB_ins_code_2 
_pdbx_validate_close_contact.label_alt_id_2 
_pdbx_validate_close_contact.dist 
1 1 O   A HOH 308 ? ? O A HOH 330 ? ? 2.02 
2 1 O   A GLY 49  ? ? O A HOH 301 ? ? 2.05 
3 1 O   A HOH 408 ? ? O A HOH 439 ? ? 2.10 
4 1 O   A HOH 358 ? ? O A HOH 463 ? ? 2.11 
5 1 OE1 A GLU 88  ? ? O A HOH 302 ? ? 2.16 
6 1 O   A HOH 338 ? ? O A HOH 352 ? ? 2.16 
# 
loop_
_pdbx_validate_torsion.id 
_pdbx_validate_torsion.PDB_model_num 
_pdbx_validate_torsion.auth_comp_id 
_pdbx_validate_torsion.auth_asym_id 
_pdbx_validate_torsion.auth_seq_id 
_pdbx_validate_torsion.PDB_ins_code 
_pdbx_validate_torsion.label_alt_id 
_pdbx_validate_torsion.phi 
_pdbx_validate_torsion.psi 
1 1 ALA A 92  ? ? 167.18  -63.89  
2 1 ARG A 93  ? ? 34.18   -174.52 
3 1 SER A 125 ? ? -134.29 -51.54  
4 1 LEU A 131 ? ? 146.55  -84.22  
# 
_pdbx_validate_peptide_omega.id               1 
_pdbx_validate_peptide_omega.PDB_model_num    1 
_pdbx_validate_peptide_omega.auth_comp_id_1   GLY 
_pdbx_validate_peptide_omega.auth_asym_id_1   A 
_pdbx_validate_peptide_omega.auth_seq_id_1    130 
_pdbx_validate_peptide_omega.PDB_ins_code_1   ? 
_pdbx_validate_peptide_omega.label_alt_id_1   ? 
_pdbx_validate_peptide_omega.auth_comp_id_2   LEU 
_pdbx_validate_peptide_omega.auth_asym_id_2   A 
_pdbx_validate_peptide_omega.auth_seq_id_2    131 
_pdbx_validate_peptide_omega.PDB_ins_code_2   ? 
_pdbx_validate_peptide_omega.label_alt_id_2   ? 
_pdbx_validate_peptide_omega.omega            143.27 
# 
loop_
_pdbx_unobs_or_zero_occ_residues.id 
_pdbx_unobs_or_zero_occ_residues.PDB_model_num 
_pdbx_unobs_or_zero_occ_residues.polymer_flag 
_pdbx_unobs_or_zero_occ_residues.occupancy_flag 
_pdbx_unobs_or_zero_occ_residues.auth_asym_id 
_pdbx_unobs_or_zero_occ_residues.auth_comp_id 
_pdbx_unobs_or_zero_occ_residues.auth_seq_id 
_pdbx_unobs_or_zero_occ_residues.PDB_ins_code 
_pdbx_unobs_or_zero_occ_residues.label_asym_id 
_pdbx_unobs_or_zero_occ_residues.label_comp_id 
_pdbx_unobs_or_zero_occ_residues.label_seq_id 
1  1 Y 1 A GLN 1   ? A GLN 1   
2  1 Y 1 A GLU 2   ? A GLU 2   
3  1 Y 1 A GLN 3   ? A GLN 3   
4  1 Y 1 A THR 4   ? A THR 4   
5  1 Y 1 A GLY 5   ? A GLY 5   
6  1 Y 1 A GLY 6   ? A GLY 6   
7  1 Y 1 A ALA 147 ? A ALA 147 
8  1 Y 1 A MET 148 ? A MET 148 
9  1 Y 1 A GLU 149 ? A GLU 149 
10 1 Y 1 A GLN 150 ? A GLN 150 
# 
loop_
_chem_comp_atom.comp_id 
_chem_comp_atom.atom_id 
_chem_comp_atom.type_symbol 
_chem_comp_atom.pdbx_aromatic_flag 
_chem_comp_atom.pdbx_stereo_config 
_chem_comp_atom.pdbx_ordinal 
ALA N    N  N N 1   
ALA CA   C  N S 2   
ALA C    C  N N 3   
ALA O    O  N N 4   
ALA CB   C  N N 5   
ALA OXT  O  N N 6   
ALA H    H  N N 7   
ALA H2   H  N N 8   
ALA HA   H  N N 9   
ALA HB1  H  N N 10  
ALA HB2  H  N N 11  
ALA HB3  H  N N 12  
ALA HXT  H  N N 13  
ARG N    N  N N 14  
ARG CA   C  N S 15  
ARG C    C  N N 16  
ARG O    O  N N 17  
ARG CB   C  N N 18  
ARG CG   C  N N 19  
ARG CD   C  N N 20  
ARG NE   N  N N 21  
ARG CZ   C  N N 22  
ARG NH1  N  N N 23  
ARG NH2  N  N N 24  
ARG OXT  O  N N 25  
ARG H    H  N N 26  
ARG H2   H  N N 27  
ARG HA   H  N N 28  
ARG HB2  H  N N 29  
ARG HB3  H  N N 30  
ARG HG2  H  N N 31  
ARG HG3  H  N N 32  
ARG HD2  H  N N 33  
ARG HD3  H  N N 34  
ARG HE   H  N N 35  
ARG HH11 H  N N 36  
ARG HH12 H  N N 37  
ARG HH21 H  N N 38  
ARG HH22 H  N N 39  
ARG HXT  H  N N 40  
ASN N    N  N N 41  
ASN CA   C  N S 42  
ASN C    C  N N 43  
ASN O    O  N N 44  
ASN CB   C  N N 45  
ASN CG   C  N N 46  
ASN OD1  O  N N 47  
ASN ND2  N  N N 48  
ASN OXT  O  N N 49  
ASN H    H  N N 50  
ASN H2   H  N N 51  
ASN HA   H  N N 52  
ASN HB2  H  N N 53  
ASN HB3  H  N N 54  
ASN HD21 H  N N 55  
ASN HD22 H  N N 56  
ASN HXT  H  N N 57  
ASP N    N  N N 58  
ASP CA   C  N S 59  
ASP C    C  N N 60  
ASP O    O  N N 61  
ASP CB   C  N N 62  
ASP CG   C  N N 63  
ASP OD1  O  N N 64  
ASP OD2  O  N N 65  
ASP OXT  O  N N 66  
ASP H    H  N N 67  
ASP H2   H  N N 68  
ASP HA   H  N N 69  
ASP HB2  H  N N 70  
ASP HB3  H  N N 71  
ASP HD2  H  N N 72  
ASP HXT  H  N N 73  
CYS N    N  N N 74  
CYS CA   C  N R 75  
CYS C    C  N N 76  
CYS O    O  N N 77  
CYS CB   C  N N 78  
CYS SG   S  N N 79  
CYS OXT  O  N N 80  
CYS H    H  N N 81  
CYS H2   H  N N 82  
CYS HA   H  N N 83  
CYS HB2  H  N N 84  
CYS HB3  H  N N 85  
CYS HG   H  N N 86  
CYS HXT  H  N N 87  
DMS S    S  N N 88  
DMS O    O  N N 89  
DMS C1   C  N N 90  
DMS C2   C  N N 91  
DMS H11  H  N N 92  
DMS H12  H  N N 93  
DMS H13  H  N N 94  
DMS H21  H  N N 95  
DMS H22  H  N N 96  
DMS H23  H  N N 97  
GLN N    N  N N 98  
GLN CA   C  N S 99  
GLN C    C  N N 100 
GLN O    O  N N 101 
GLN CB   C  N N 102 
GLN CG   C  N N 103 
GLN CD   C  N N 104 
GLN OE1  O  N N 105 
GLN NE2  N  N N 106 
GLN OXT  O  N N 107 
GLN H    H  N N 108 
GLN H2   H  N N 109 
GLN HA   H  N N 110 
GLN HB2  H  N N 111 
GLN HB3  H  N N 112 
GLN HG2  H  N N 113 
GLN HG3  H  N N 114 
GLN HE21 H  N N 115 
GLN HE22 H  N N 116 
GLN HXT  H  N N 117 
GLU N    N  N N 118 
GLU CA   C  N S 119 
GLU C    C  N N 120 
GLU O    O  N N 121 
GLU CB   C  N N 122 
GLU CG   C  N N 123 
GLU CD   C  N N 124 
GLU OE1  O  N N 125 
GLU OE2  O  N N 126 
GLU OXT  O  N N 127 
GLU H    H  N N 128 
GLU H2   H  N N 129 
GLU HA   H  N N 130 
GLU HB2  H  N N 131 
GLU HB3  H  N N 132 
GLU HG2  H  N N 133 
GLU HG3  H  N N 134 
GLU HE2  H  N N 135 
GLU HXT  H  N N 136 
GLY N    N  N N 137 
GLY CA   C  N N 138 
GLY C    C  N N 139 
GLY O    O  N N 140 
GLY OXT  O  N N 141 
GLY H    H  N N 142 
GLY H2   H  N N 143 
GLY HA2  H  N N 144 
GLY HA3  H  N N 145 
GLY HXT  H  N N 146 
HIS N    N  N N 147 
HIS CA   C  N S 148 
HIS C    C  N N 149 
HIS O    O  N N 150 
HIS CB   C  N N 151 
HIS CG   C  Y N 152 
HIS ND1  N  Y N 153 
HIS CD2  C  Y N 154 
HIS CE1  C  Y N 155 
HIS NE2  N  Y N 156 
HIS OXT  O  N N 157 
HIS H    H  N N 158 
HIS H2   H  N N 159 
HIS HA   H  N N 160 
HIS HB2  H  N N 161 
HIS HB3  H  N N 162 
HIS HD1  H  N N 163 
HIS HD2  H  N N 164 
HIS HE1  H  N N 165 
HIS HE2  H  N N 166 
HIS HXT  H  N N 167 
HOH O    O  N N 168 
HOH H1   H  N N 169 
HOH H2   H  N N 170 
ILE N    N  N N 171 
ILE CA   C  N S 172 
ILE C    C  N N 173 
ILE O    O  N N 174 
ILE CB   C  N S 175 
ILE CG1  C  N N 176 
ILE CG2  C  N N 177 
ILE CD1  C  N N 178 
ILE OXT  O  N N 179 
ILE H    H  N N 180 
ILE H2   H  N N 181 
ILE HA   H  N N 182 
ILE HB   H  N N 183 
ILE HG12 H  N N 184 
ILE HG13 H  N N 185 
ILE HG21 H  N N 186 
ILE HG22 H  N N 187 
ILE HG23 H  N N 188 
ILE HD11 H  N N 189 
ILE HD12 H  N N 190 
ILE HD13 H  N N 191 
ILE HXT  H  N N 192 
LEU N    N  N N 193 
LEU CA   C  N S 194 
LEU C    C  N N 195 
LEU O    O  N N 196 
LEU CB   C  N N 197 
LEU CG   C  N N 198 
LEU CD1  C  N N 199 
LEU CD2  C  N N 200 
LEU OXT  O  N N 201 
LEU H    H  N N 202 
LEU H2   H  N N 203 
LEU HA   H  N N 204 
LEU HB2  H  N N 205 
LEU HB3  H  N N 206 
LEU HG   H  N N 207 
LEU HD11 H  N N 208 
LEU HD12 H  N N 209 
LEU HD13 H  N N 210 
LEU HD21 H  N N 211 
LEU HD22 H  N N 212 
LEU HD23 H  N N 213 
LEU HXT  H  N N 214 
LQV N1   N  N N 215 
LQV C4   C  Y N 216 
LQV C5   C  Y N 217 
LQV C6   C  N N 218 
LQV C7   C  N S 219 
LQV C8   C  N N 220 
LQV C10  C  N N 221 
LQV C1   C  N N 222 
LQV C2   C  Y N 223 
LQV C3   C  Y N 224 
LQV O1   O  N N 225 
LQV C9   C  N N 226 
LQV O2   O  N N 227 
LQV N2   N  Y N 228 
LQV C11  C  Y N 229 
LQV H1   H  N N 230 
LQV H2   H  N N 231 
LQV H3   H  N N 232 
LQV H4   H  N N 233 
LQV H5   H  N N 234 
LQV H6   H  N N 235 
LQV H7   H  N N 236 
LQV H8   H  N N 237 
LQV H9   H  N N 238 
LQV H10  H  N N 239 
LQV H11  H  N N 240 
LQV H12  H  N N 241 
LQV H13  H  N N 242 
LQV H14  H  N N 243 
LYS N    N  N N 244 
LYS CA   C  N S 245 
LYS C    C  N N 246 
LYS O    O  N N 247 
LYS CB   C  N N 248 
LYS CG   C  N N 249 
LYS CD   C  N N 250 
LYS CE   C  N N 251 
LYS NZ   N  N N 252 
LYS OXT  O  N N 253 
LYS H    H  N N 254 
LYS H2   H  N N 255 
LYS HA   H  N N 256 
LYS HB2  H  N N 257 
LYS HB3  H  N N 258 
LYS HG2  H  N N 259 
LYS HG3  H  N N 260 
LYS HD2  H  N N 261 
LYS HD3  H  N N 262 
LYS HE2  H  N N 263 
LYS HE3  H  N N 264 
LYS HZ1  H  N N 265 
LYS HZ2  H  N N 266 
LYS HZ3  H  N N 267 
LYS HXT  H  N N 268 
MET N    N  N N 269 
MET CA   C  N S 270 
MET C    C  N N 271 
MET O    O  N N 272 
MET CB   C  N N 273 
MET CG   C  N N 274 
MET SD   S  N N 275 
MET CE   C  N N 276 
MET OXT  O  N N 277 
MET H    H  N N 278 
MET H2   H  N N 279 
MET HA   H  N N 280 
MET HB2  H  N N 281 
MET HB3  H  N N 282 
MET HG2  H  N N 283 
MET HG3  H  N N 284 
MET HE1  H  N N 285 
MET HE2  H  N N 286 
MET HE3  H  N N 287 
MET HXT  H  N N 288 
PHE N    N  N N 289 
PHE CA   C  N S 290 
PHE C    C  N N 291 
PHE O    O  N N 292 
PHE CB   C  N N 293 
PHE CG   C  Y N 294 
PHE CD1  C  Y N 295 
PHE CD2  C  Y N 296 
PHE CE1  C  Y N 297 
PHE CE2  C  Y N 298 
PHE CZ   C  Y N 299 
PHE OXT  O  N N 300 
PHE H    H  N N 301 
PHE H2   H  N N 302 
PHE HA   H  N N 303 
PHE HB2  H  N N 304 
PHE HB3  H  N N 305 
PHE HD1  H  N N 306 
PHE HD2  H  N N 307 
PHE HE1  H  N N 308 
PHE HE2  H  N N 309 
PHE HZ   H  N N 310 
PHE HXT  H  N N 311 
PRO N    N  N N 312 
PRO CA   C  N S 313 
PRO C    C  N N 314 
PRO O    O  N N 315 
PRO CB   C  N N 316 
PRO CG   C  N N 317 
PRO CD   C  N N 318 
PRO OXT  O  N N 319 
PRO H    H  N N 320 
PRO HA   H  N N 321 
PRO HB2  H  N N 322 
PRO HB3  H  N N 323 
PRO HG2  H  N N 324 
PRO HG3  H  N N 325 
PRO HD2  H  N N 326 
PRO HD3  H  N N 327 
PRO HXT  H  N N 328 
SER N    N  N N 329 
SER CA   C  N S 330 
SER C    C  N N 331 
SER O    O  N N 332 
SER CB   C  N N 333 
SER OG   O  N N 334 
SER OXT  O  N N 335 
SER H    H  N N 336 
SER H2   H  N N 337 
SER HA   H  N N 338 
SER HB2  H  N N 339 
SER HB3  H  N N 340 
SER HG   H  N N 341 
SER HXT  H  N N 342 
THR N    N  N N 343 
THR CA   C  N S 344 
THR C    C  N N 345 
THR O    O  N N 346 
THR CB   C  N R 347 
THR OG1  O  N N 348 
THR CG2  C  N N 349 
THR OXT  O  N N 350 
THR H    H  N N 351 
THR H2   H  N N 352 
THR HA   H  N N 353 
THR HB   H  N N 354 
THR HG1  H  N N 355 
THR HG21 H  N N 356 
THR HG22 H  N N 357 
THR HG23 H  N N 358 
THR HXT  H  N N 359 
TRP N    N  N N 360 
TRP CA   C  N S 361 
TRP C    C  N N 362 
TRP O    O  N N 363 
TRP CB   C  N N 364 
TRP CG   C  Y N 365 
TRP CD1  C  Y N 366 
TRP CD2  C  Y N 367 
TRP NE1  N  Y N 368 
TRP CE2  C  Y N 369 
TRP CE3  C  Y N 370 
TRP CZ2  C  Y N 371 
TRP CZ3  C  Y N 372 
TRP CH2  C  Y N 373 
TRP OXT  O  N N 374 
TRP H    H  N N 375 
TRP H2   H  N N 376 
TRP HA   H  N N 377 
TRP HB2  H  N N 378 
TRP HB3  H  N N 379 
TRP HD1  H  N N 380 
TRP HE1  H  N N 381 
TRP HE3  H  N N 382 
TRP HZ2  H  N N 383 
TRP HZ3  H  N N 384 
TRP HH2  H  N N 385 
TRP HXT  H  N N 386 
TYR N    N  N N 387 
TYR CA   C  N S 388 
TYR C    C  N N 389 
TYR O    O  N N 390 
TYR CB   C  N N 391 
TYR CG   C  Y N 392 
TYR CD1  C  Y N 393 
TYR CD2  C  Y N 394 
TYR CE1  C  Y N 395 
TYR CE2  C  Y N 396 
TYR CZ   C  Y N 397 
TYR OH   O  N N 398 
TYR OXT  O  N N 399 
TYR H    H  N N 400 
TYR H2   H  N N 401 
TYR HA   H  N N 402 
TYR HB2  H  N N 403 
TYR HB3  H  N N 404 
TYR HD1  H  N N 405 
TYR HD2  H  N N 406 
TYR HE1  H  N N 407 
TYR HE2  H  N N 408 
TYR HH   H  N N 409 
TYR HXT  H  N N 410 
VAL N    N  N N 411 
VAL CA   C  N S 412 
VAL C    C  N N 413 
VAL O    O  N N 414 
VAL CB   C  N N 415 
VAL CG1  C  N N 416 
VAL CG2  C  N N 417 
VAL OXT  O  N N 418 
VAL H    H  N N 419 
VAL H2   H  N N 420 
VAL HA   H  N N 421 
VAL HB   H  N N 422 
VAL HG11 H  N N 423 
VAL HG12 H  N N 424 
VAL HG13 H  N N 425 
VAL HG21 H  N N 426 
VAL HG22 H  N N 427 
VAL HG23 H  N N 428 
VAL HXT  H  N N 429 
ZN  ZN   ZN N N 430 
# 
loop_
_chem_comp_bond.comp_id 
_chem_comp_bond.atom_id_1 
_chem_comp_bond.atom_id_2 
_chem_comp_bond.value_order 
_chem_comp_bond.pdbx_aromatic_flag 
_chem_comp_bond.pdbx_stereo_config 
_chem_comp_bond.pdbx_ordinal 
ALA N   CA   sing N N 1   
ALA N   H    sing N N 2   
ALA N   H2   sing N N 3   
ALA CA  C    sing N N 4   
ALA CA  CB   sing N N 5   
ALA CA  HA   sing N N 6   
ALA C   O    doub N N 7   
ALA C   OXT  sing N N 8   
ALA CB  HB1  sing N N 9   
ALA CB  HB2  sing N N 10  
ALA CB  HB3  sing N N 11  
ALA OXT HXT  sing N N 12  
ARG N   CA   sing N N 13  
ARG N   H    sing N N 14  
ARG N   H2   sing N N 15  
ARG CA  C    sing N N 16  
ARG CA  CB   sing N N 17  
ARG CA  HA   sing N N 18  
ARG C   O    doub N N 19  
ARG C   OXT  sing N N 20  
ARG CB  CG   sing N N 21  
ARG CB  HB2  sing N N 22  
ARG CB  HB3  sing N N 23  
ARG CG  CD   sing N N 24  
ARG CG  HG2  sing N N 25  
ARG CG  HG3  sing N N 26  
ARG CD  NE   sing N N 27  
ARG CD  HD2  sing N N 28  
ARG CD  HD3  sing N N 29  
ARG NE  CZ   sing N N 30  
ARG NE  HE   sing N N 31  
ARG CZ  NH1  sing N N 32  
ARG CZ  NH2  doub N N 33  
ARG NH1 HH11 sing N N 34  
ARG NH1 HH12 sing N N 35  
ARG NH2 HH21 sing N N 36  
ARG NH2 HH22 sing N N 37  
ARG OXT HXT  sing N N 38  
ASN N   CA   sing N N 39  
ASN N   H    sing N N 40  
ASN N   H2   sing N N 41  
ASN CA  C    sing N N 42  
ASN CA  CB   sing N N 43  
ASN CA  HA   sing N N 44  
ASN C   O    doub N N 45  
ASN C   OXT  sing N N 46  
ASN CB  CG   sing N N 47  
ASN CB  HB2  sing N N 48  
ASN CB  HB3  sing N N 49  
ASN CG  OD1  doub N N 50  
ASN CG  ND2  sing N N 51  
ASN ND2 HD21 sing N N 52  
ASN ND2 HD22 sing N N 53  
ASN OXT HXT  sing N N 54  
ASP N   CA   sing N N 55  
ASP N   H    sing N N 56  
ASP N   H2   sing N N 57  
ASP CA  C    sing N N 58  
ASP CA  CB   sing N N 59  
ASP CA  HA   sing N N 60  
ASP C   O    doub N N 61  
ASP C   OXT  sing N N 62  
ASP CB  CG   sing N N 63  
ASP CB  HB2  sing N N 64  
ASP CB  HB3  sing N N 65  
ASP CG  OD1  doub N N 66  
ASP CG  OD2  sing N N 67  
ASP OD2 HD2  sing N N 68  
ASP OXT HXT  sing N N 69  
CYS N   CA   sing N N 70  
CYS N   H    sing N N 71  
CYS N   H2   sing N N 72  
CYS CA  C    sing N N 73  
CYS CA  CB   sing N N 74  
CYS CA  HA   sing N N 75  
CYS C   O    doub N N 76  
CYS C   OXT  sing N N 77  
CYS CB  SG   sing N N 78  
CYS CB  HB2  sing N N 79  
CYS CB  HB3  sing N N 80  
CYS SG  HG   sing N N 81  
CYS OXT HXT  sing N N 82  
DMS S   O    doub N N 83  
DMS S   C1   sing N N 84  
DMS S   C2   sing N N 85  
DMS C1  H11  sing N N 86  
DMS C1  H12  sing N N 87  
DMS C1  H13  sing N N 88  
DMS C2  H21  sing N N 89  
DMS C2  H22  sing N N 90  
DMS C2  H23  sing N N 91  
GLN N   CA   sing N N 92  
GLN N   H    sing N N 93  
GLN N   H2   sing N N 94  
GLN CA  C    sing N N 95  
GLN CA  CB   sing N N 96  
GLN CA  HA   sing N N 97  
GLN C   O    doub N N 98  
GLN C   OXT  sing N N 99  
GLN CB  CG   sing N N 100 
GLN CB  HB2  sing N N 101 
GLN CB  HB3  sing N N 102 
GLN CG  CD   sing N N 103 
GLN CG  HG2  sing N N 104 
GLN CG  HG3  sing N N 105 
GLN CD  OE1  doub N N 106 
GLN CD  NE2  sing N N 107 
GLN NE2 HE21 sing N N 108 
GLN NE2 HE22 sing N N 109 
GLN OXT HXT  sing N N 110 
GLU N   CA   sing N N 111 
GLU N   H    sing N N 112 
GLU N   H2   sing N N 113 
GLU CA  C    sing N N 114 
GLU CA  CB   sing N N 115 
GLU CA  HA   sing N N 116 
GLU C   O    doub N N 117 
GLU C   OXT  sing N N 118 
GLU CB  CG   sing N N 119 
GLU CB  HB2  sing N N 120 
GLU CB  HB3  sing N N 121 
GLU CG  CD   sing N N 122 
GLU CG  HG2  sing N N 123 
GLU CG  HG3  sing N N 124 
GLU CD  OE1  doub N N 125 
GLU CD  OE2  sing N N 126 
GLU OE2 HE2  sing N N 127 
GLU OXT HXT  sing N N 128 
GLY N   CA   sing N N 129 
GLY N   H    sing N N 130 
GLY N   H2   sing N N 131 
GLY CA  C    sing N N 132 
GLY CA  HA2  sing N N 133 
GLY CA  HA3  sing N N 134 
GLY C   O    doub N N 135 
GLY C   OXT  sing N N 136 
GLY OXT HXT  sing N N 137 
HIS N   CA   sing N N 138 
HIS N   H    sing N N 139 
HIS N   H2   sing N N 140 
HIS CA  C    sing N N 141 
HIS CA  CB   sing N N 142 
HIS CA  HA   sing N N 143 
HIS C   O    doub N N 144 
HIS C   OXT  sing N N 145 
HIS CB  CG   sing N N 146 
HIS CB  HB2  sing N N 147 
HIS CB  HB3  sing N N 148 
HIS CG  ND1  sing Y N 149 
HIS CG  CD2  doub Y N 150 
HIS ND1 CE1  doub Y N 151 
HIS ND1 HD1  sing N N 152 
HIS CD2 NE2  sing Y N 153 
HIS CD2 HD2  sing N N 154 
HIS CE1 NE2  sing Y N 155 
HIS CE1 HE1  sing N N 156 
HIS NE2 HE2  sing N N 157 
HIS OXT HXT  sing N N 158 
HOH O   H1   sing N N 159 
HOH O   H2   sing N N 160 
ILE N   CA   sing N N 161 
ILE N   H    sing N N 162 
ILE N   H2   sing N N 163 
ILE CA  C    sing N N 164 
ILE CA  CB   sing N N 165 
ILE CA  HA   sing N N 166 
ILE C   O    doub N N 167 
ILE C   OXT  sing N N 168 
ILE CB  CG1  sing N N 169 
ILE CB  CG2  sing N N 170 
ILE CB  HB   sing N N 171 
ILE CG1 CD1  sing N N 172 
ILE CG1 HG12 sing N N 173 
ILE CG1 HG13 sing N N 174 
ILE CG2 HG21 sing N N 175 
ILE CG2 HG22 sing N N 176 
ILE CG2 HG23 sing N N 177 
ILE CD1 HD11 sing N N 178 
ILE CD1 HD12 sing N N 179 
ILE CD1 HD13 sing N N 180 
ILE OXT HXT  sing N N 181 
LEU N   CA   sing N N 182 
LEU N   H    sing N N 183 
LEU N   H2   sing N N 184 
LEU CA  C    sing N N 185 
LEU CA  CB   sing N N 186 
LEU CA  HA   sing N N 187 
LEU C   O    doub N N 188 
LEU C   OXT  sing N N 189 
LEU CB  CG   sing N N 190 
LEU CB  HB2  sing N N 191 
LEU CB  HB3  sing N N 192 
LEU CG  CD1  sing N N 193 
LEU CG  CD2  sing N N 194 
LEU CG  HG   sing N N 195 
LEU CD1 HD11 sing N N 196 
LEU CD1 HD12 sing N N 197 
LEU CD1 HD13 sing N N 198 
LEU CD2 HD21 sing N N 199 
LEU CD2 HD22 sing N N 200 
LEU CD2 HD23 sing N N 201 
LEU OXT HXT  sing N N 202 
LQV C1  C2   sing N N 203 
LQV C2  C11  doub Y N 204 
LQV C2  C3   sing Y N 205 
LQV C11 N2   sing Y N 206 
LQV C3  C4   doub Y N 207 
LQV N2  C5   doub Y N 208 
LQV C4  C5   sing Y N 209 
LQV C5  N1   sing N N 210 
LQV N1  C6   sing N N 211 
LQV C6  O1   doub N N 212 
LQV C6  C7   sing N N 213 
LQV C8  C9   sing N N 214 
LQV C8  C7   sing N N 215 
LQV C9  C10  sing N N 216 
LQV C7  O2   sing N N 217 
LQV C10 O2   sing N N 218 
LQV N1  H1   sing N N 219 
LQV C4  H2   sing N N 220 
LQV C7  H3   sing N N 221 
LQV C8  H4   sing N N 222 
LQV C8  H5   sing N N 223 
LQV C10 H6   sing N N 224 
LQV C10 H7   sing N N 225 
LQV C1  H8   sing N N 226 
LQV C1  H9   sing N N 227 
LQV C1  H10  sing N N 228 
LQV C3  H11  sing N N 229 
LQV C9  H12  sing N N 230 
LQV C9  H13  sing N N 231 
LQV C11 H14  sing N N 232 
LYS N   CA   sing N N 233 
LYS N   H    sing N N 234 
LYS N   H2   sing N N 235 
LYS CA  C    sing N N 236 
LYS CA  CB   sing N N 237 
LYS CA  HA   sing N N 238 
LYS C   O    doub N N 239 
LYS C   OXT  sing N N 240 
LYS CB  CG   sing N N 241 
LYS CB  HB2  sing N N 242 
LYS CB  HB3  sing N N 243 
LYS CG  CD   sing N N 244 
LYS CG  HG2  sing N N 245 
LYS CG  HG3  sing N N 246 
LYS CD  CE   sing N N 247 
LYS CD  HD2  sing N N 248 
LYS CD  HD3  sing N N 249 
LYS CE  NZ   sing N N 250 
LYS CE  HE2  sing N N 251 
LYS CE  HE3  sing N N 252 
LYS NZ  HZ1  sing N N 253 
LYS NZ  HZ2  sing N N 254 
LYS NZ  HZ3  sing N N 255 
LYS OXT HXT  sing N N 256 
MET N   CA   sing N N 257 
MET N   H    sing N N 258 
MET N   H2   sing N N 259 
MET CA  C    sing N N 260 
MET CA  CB   sing N N 261 
MET CA  HA   sing N N 262 
MET C   O    doub N N 263 
MET C   OXT  sing N N 264 
MET CB  CG   sing N N 265 
MET CB  HB2  sing N N 266 
MET CB  HB3  sing N N 267 
MET CG  SD   sing N N 268 
MET CG  HG2  sing N N 269 
MET CG  HG3  sing N N 270 
MET SD  CE   sing N N 271 
MET CE  HE1  sing N N 272 
MET CE  HE2  sing N N 273 
MET CE  HE3  sing N N 274 
MET OXT HXT  sing N N 275 
PHE N   CA   sing N N 276 
PHE N   H    sing N N 277 
PHE N   H2   sing N N 278 
PHE CA  C    sing N N 279 
PHE CA  CB   sing N N 280 
PHE CA  HA   sing N N 281 
PHE C   O    doub N N 282 
PHE C   OXT  sing N N 283 
PHE CB  CG   sing N N 284 
PHE CB  HB2  sing N N 285 
PHE CB  HB3  sing N N 286 
PHE CG  CD1  doub Y N 287 
PHE CG  CD2  sing Y N 288 
PHE CD1 CE1  sing Y N 289 
PHE CD1 HD1  sing N N 290 
PHE CD2 CE2  doub Y N 291 
PHE CD2 HD2  sing N N 292 
PHE CE1 CZ   doub Y N 293 
PHE CE1 HE1  sing N N 294 
PHE CE2 CZ   sing Y N 295 
PHE CE2 HE2  sing N N 296 
PHE CZ  HZ   sing N N 297 
PHE OXT HXT  sing N N 298 
PRO N   CA   sing N N 299 
PRO N   CD   sing N N 300 
PRO N   H    sing N N 301 
PRO CA  C    sing N N 302 
PRO CA  CB   sing N N 303 
PRO CA  HA   sing N N 304 
PRO C   O    doub N N 305 
PRO C   OXT  sing N N 306 
PRO CB  CG   sing N N 307 
PRO CB  HB2  sing N N 308 
PRO CB  HB3  sing N N 309 
PRO CG  CD   sing N N 310 
PRO CG  HG2  sing N N 311 
PRO CG  HG3  sing N N 312 
PRO CD  HD2  sing N N 313 
PRO CD  HD3  sing N N 314 
PRO OXT HXT  sing N N 315 
SER N   CA   sing N N 316 
SER N   H    sing N N 317 
SER N   H2   sing N N 318 
SER CA  C    sing N N 319 
SER CA  CB   sing N N 320 
SER CA  HA   sing N N 321 
SER C   O    doub N N 322 
SER C   OXT  sing N N 323 
SER CB  OG   sing N N 324 
SER CB  HB2  sing N N 325 
SER CB  HB3  sing N N 326 
SER OG  HG   sing N N 327 
SER OXT HXT  sing N N 328 
THR N   CA   sing N N 329 
THR N   H    sing N N 330 
THR N   H2   sing N N 331 
THR CA  C    sing N N 332 
THR CA  CB   sing N N 333 
THR CA  HA   sing N N 334 
THR C   O    doub N N 335 
THR C   OXT  sing N N 336 
THR CB  OG1  sing N N 337 
THR CB  CG2  sing N N 338 
THR CB  HB   sing N N 339 
THR OG1 HG1  sing N N 340 
THR CG2 HG21 sing N N 341 
THR CG2 HG22 sing N N 342 
THR CG2 HG23 sing N N 343 
THR OXT HXT  sing N N 344 
TRP N   CA   sing N N 345 
TRP N   H    sing N N 346 
TRP N   H2   sing N N 347 
TRP CA  C    sing N N 348 
TRP CA  CB   sing N N 349 
TRP CA  HA   sing N N 350 
TRP C   O    doub N N 351 
TRP C   OXT  sing N N 352 
TRP CB  CG   sing N N 353 
TRP CB  HB2  sing N N 354 
TRP CB  HB3  sing N N 355 
TRP CG  CD1  doub Y N 356 
TRP CG  CD2  sing Y N 357 
TRP CD1 NE1  sing Y N 358 
TRP CD1 HD1  sing N N 359 
TRP CD2 CE2  doub Y N 360 
TRP CD2 CE3  sing Y N 361 
TRP NE1 CE2  sing Y N 362 
TRP NE1 HE1  sing N N 363 
TRP CE2 CZ2  sing Y N 364 
TRP CE3 CZ3  doub Y N 365 
TRP CE3 HE3  sing N N 366 
TRP CZ2 CH2  doub Y N 367 
TRP CZ2 HZ2  sing N N 368 
TRP CZ3 CH2  sing Y N 369 
TRP CZ3 HZ3  sing N N 370 
TRP CH2 HH2  sing N N 371 
TRP OXT HXT  sing N N 372 
TYR N   CA   sing N N 373 
TYR N   H    sing N N 374 
TYR N   H2   sing N N 375 
TYR CA  C    sing N N 376 
TYR CA  CB   sing N N 377 
TYR CA  HA   sing N N 378 
TYR C   O    doub N N 379 
TYR C   OXT  sing N N 380 
TYR CB  CG   sing N N 381 
TYR CB  HB2  sing N N 382 
TYR CB  HB3  sing N N 383 
TYR CG  CD1  doub Y N 384 
TYR CG  CD2  sing Y N 385 
TYR CD1 CE1  sing Y N 386 
TYR CD1 HD1  sing N N 387 
TYR CD2 CE2  doub Y N 388 
TYR CD2 HD2  sing N N 389 
TYR CE1 CZ   doub Y N 390 
TYR CE1 HE1  sing N N 391 
TYR CE2 CZ   sing Y N 392 
TYR CE2 HE2  sing N N 393 
TYR CZ  OH   sing N N 394 
TYR OH  HH   sing N N 395 
TYR OXT HXT  sing N N 396 
VAL N   CA   sing N N 397 
VAL N   H    sing N N 398 
VAL N   H2   sing N N 399 
VAL CA  C    sing N N 400 
VAL CA  CB   sing N N 401 
VAL CA  HA   sing N N 402 
VAL C   O    doub N N 403 
VAL C   OXT  sing N N 404 
VAL CB  CG1  sing N N 405 
VAL CB  CG2  sing N N 406 
VAL CB  HB   sing N N 407 
VAL CG1 HG11 sing N N 408 
VAL CG1 HG12 sing N N 409 
VAL CG1 HG13 sing N N 410 
VAL CG2 HG21 sing N N 411 
VAL CG2 HG22 sing N N 412 
VAL CG2 HG23 sing N N 413 
VAL OXT HXT  sing N N 414 
# 
_pdbx_audit_support.funding_organization   
'National Institutes of Health/National Institute Of Allergy and Infectious Diseases (NIH/NIAID)' 
_pdbx_audit_support.country                'United States' 
_pdbx_audit_support.grant_number           U19AI171399 
_pdbx_audit_support.ordinal                1 
# 
_pdbx_deposit_group.group_id            G_1002288 
_pdbx_deposit_group.group_description   'Crystallographic fragment screening of Coxsackievirus A16 (G-10) 2A protease' 
_pdbx_deposit_group.group_title         
'Group deposition for crystallographic fragment screening of Coxsackievirus A16 (G-10) 2A protease' 
_pdbx_deposit_group.group_type          'changed state' 
# 
_atom_sites.entry_id                    7H3K 
_atom_sites.fract_transf_matrix[1][1]   0.00447379 
_atom_sites.fract_transf_matrix[1][2]   0.00020550 
_atom_sites.fract_transf_matrix[1][3]   0.01074945 
_atom_sites.fract_transf_matrix[2][1]   -0.00456935 
_atom_sites.fract_transf_matrix[2][2]   -0.01698683 
_atom_sites.fract_transf_matrix[2][3]   0.00222645 
_atom_sites.fract_transf_matrix[3][1]   0.02835808 
_atom_sites.fract_transf_matrix[3][2]   -0.00877973 
_atom_sites.fract_transf_matrix[3][3]   -0.00878608 
_atom_sites.fract_transf_vector[1]      0.185321 
_atom_sites.fract_transf_vector[2]      0.126824 
_atom_sites.fract_transf_vector[3]      0.440977 
# 
loop_
_atom_type.symbol 
C  
N  
O  
S  
ZN 
# 
loop_
_atom_site.group_PDB 
_atom_site.id 
_atom_site.type_symbol 
_atom_site.label_atom_id 
_atom_site.label_alt_id 
_atom_site.label_comp_id 
_atom_site.label_asym_id 
_atom_site.label_entity_id 
_atom_site.label_seq_id 
_atom_site.pdbx_PDB_ins_code 
_atom_site.Cartn_x 
_atom_site.Cartn_y 
_atom_site.Cartn_z 
_atom_site.occupancy 
_atom_site.B_iso_or_equiv 
_atom_site.pdbx_formal_charge 
_atom_site.auth_seq_id 
_atom_site.auth_comp_id 
_atom_site.auth_asym_id 
_atom_site.auth_atom_id 
_atom_site.pdbx_PDB_model_num 
ATOM   1    N  N   . SER A 1 7   ? 10.811  -2.324  0.272   1.00 19.31  ? 7   SER A N   1 
ATOM   2    C  CA  . SER A 1 7   ? 10.325  -2.124  1.644   1.00 20.73  ? 7   SER A CA  1 
ATOM   3    C  C   . SER A 1 7   ? 9.697   -0.739  1.811   1.00 20.01  ? 7   SER A C   1 
ATOM   4    O  O   . SER A 1 7   ? 9.877   0.152   0.934   1.00 20.17  ? 7   SER A O   1 
ATOM   5    C  CB  . SER A 1 7   ? 11.471  -2.315  2.621   1.00 24.17  ? 7   SER A CB  1 
ATOM   6    O  OG  . SER A 1 7   ? 12.480  -1.378  2.306   1.00 26.30  ? 7   SER A OG  1 
ATOM   7    N  N   . GLY A 1 8   ? 9.011   -0.545  2.909   1.00 17.97  ? 8   GLY A N   1 
ATOM   8    C  CA  . GLY A 1 8   ? 8.398   0.727   3.247   1.00 18.03  ? 8   GLY A CA  1 
ATOM   9    C  C   . GLY A 1 8   ? 7.148   0.562   4.048   1.00 16.42  ? 8   GLY A C   1 
ATOM   10   O  O   . GLY A 1 8   ? 6.484   -0.473  3.957   1.00 16.95  ? 8   GLY A O   1 
ATOM   11   N  N   . ALA A 1 9   ? 6.830   1.581   4.813   1.00 16.14  ? 9   ALA A N   1 
ATOM   12   C  CA  . ALA A 1 9   ? 5.618   1.626   5.626   1.00 16.10  ? 9   ALA A CA  1 
ATOM   13   C  C   . ALA A 1 9   ? 4.992   3.009   5.643   1.00 16.24  ? 9   ALA A C   1 
ATOM   14   O  O   . ALA A 1 9   ? 5.701   3.992   5.333   1.00 17.15  ? 9   ALA A O   1 
ATOM   15   C  CB  . ALA A 1 9   ? 5.942   1.185   7.029   1.00 16.08  ? 9   ALA A CB  1 
ATOM   16   N  N   . ILE A 1 10  ? 3.751   3.038   6.076   1.00 17.25  ? 10  ILE A N   1 
ATOM   17   C  CA  . ILE A 1 10  ? 3.013   4.266   6.453   1.00 18.97  ? 10  ILE A CA  1 
ATOM   18   C  C   . ILE A 1 10  ? 2.986   4.325   7.966   1.00 20.48  ? 10  ILE A C   1 
ATOM   19   O  O   . ILE A 1 10  ? 2.542   3.347   8.614   1.00 20.84  ? 10  ILE A O   1 
ATOM   20   C  CB  . ILE A 1 10  ? 1.578   4.302   5.885   1.00 17.42  ? 10  ILE A CB  1 
ATOM   21   C  CG1 . ILE A 1 10  ? 1.544   3.952   4.392   1.00 17.26  ? 10  ILE A CG1 1 
ATOM   22   C  CG2 . ILE A 1 10  ? 0.915   5.654   6.162   1.00 17.79  ? 10  ILE A CG2 1 
ATOM   23   C  CD1 . ILE A 1 10  ? 0.177   3.678   3.885   1.00 15.88  ? 10  ILE A CD1 1 
ATOM   24   N  N   . TYR A 1 11  ? 3.347   5.493   8.496   1.00 23.77  ? 11  TYR A N   1 
ATOM   25   C  CA  . TYR A 1 11  ? 3.326   5.774   9.951   1.00 25.01  ? 11  TYR A CA  1 
ATOM   26   C  C   . TYR A 1 11  ? 2.331   6.889   10.212  1.00 25.30  ? 11  TYR A C   1 
ATOM   27   O  O   . TYR A 1 11  ? 2.692   8.068   9.973   1.00 25.98  ? 11  TYR A O   1 
ATOM   28   C  CB  . TYR A 1 11  ? 4.727   6.131   10.431  1.00 25.85  ? 11  TYR A CB  1 
ATOM   29   C  CG  . TYR A 1 11  ? 5.687   4.986   10.302  1.00 22.67  ? 11  TYR A CG  1 
ATOM   30   C  CD1 . TYR A 1 11  ? 5.689   3.969   11.236  1.00 24.19  ? 11  TYR A CD1 1 
ATOM   31   C  CD2 . TYR A 1 11  ? 6.578   4.917   9.258   1.00 23.07  ? 11  TYR A CD2 1 
ATOM   32   C  CE1 . TYR A 1 11  ? 6.547   2.893   11.108  1.00 21.01  ? 11  TYR A CE1 1 
ATOM   33   C  CE2 . TYR A 1 11  ? 7.447   3.851   9.105   1.00 22.68  ? 11  TYR A CE2 1 
ATOM   34   C  CZ  . TYR A 1 11  ? 7.426   2.827   10.043  1.00 20.86  ? 11  TYR A CZ  1 
ATOM   35   O  OH  . TYR A 1 11  ? 8.315   1.822   9.888   1.00 22.84  ? 11  TYR A OH  1 
ATOM   36   N  N   . VAL A 1 12  ? 1.147   6.489   10.626  1.00 23.41  ? 12  VAL A N   1 
ATOM   37   C  CA  . VAL A 1 12  ? -0.022  7.385   10.873  1.00 27.35  ? 12  VAL A CA  1 
ATOM   38   C  C   . VAL A 1 12  ? -0.448  7.181   12.322  1.00 28.23  ? 12  VAL A C   1 
ATOM   39   O  O   . VAL A 1 12  ? -0.798  6.060   12.700  1.00 29.41  ? 12  VAL A O   1 
ATOM   40   C  CB  . VAL A 1 12  ? -1.196  7.167   9.890   1.00 26.50  ? 12  VAL A CB  1 
ATOM   41   C  CG1 . VAL A 1 12  ? -1.622  5.722   9.723   1.00 25.90  ? 12  VAL A CG1 1 
ATOM   42   C  CG2 . VAL A 1 12  ? -2.390  8.019   10.282  1.00 26.89  ? 12  VAL A CG2 1 
ATOM   43   N  N   . GLY A 1 13  ? -0.420  8.258   13.112  1.00 29.90  ? 13  GLY A N   1 
ATOM   44   C  CA  . GLY A 1 13  ? -0.664  8.153   14.557  1.00 29.25  ? 13  GLY A CA  1 
ATOM   45   C  C   . GLY A 1 13  ? 0.257   7.098   15.146  1.00 27.72  ? 13  GLY A C   1 
ATOM   46   O  O   . GLY A 1 13  ? 1.485   7.166   14.918  1.00 26.71  ? 13  GLY A O   1 
ATOM   47   N  N   . ASN A 1 14  ? -0.298  6.114   15.850  0.50 27.95  ? 14  ASN A N   1 
ATOM   48   C  CA  . ASN A 1 14  ? 0.502   5.057   16.525  0.50 28.25  ? 14  ASN A CA  1 
ATOM   49   C  C   . ASN A 1 14  ? 0.404   3.746   15.735  0.50 27.52  ? 14  ASN A C   1 
ATOM   50   O  O   . ASN A 1 14  ? 0.684   2.695   16.338  0.50 23.64  ? 14  ASN A O   1 
ATOM   51   C  CB  . ASN A 1 14  ? 0.097   4.915   17.994  0.50 29.24  ? 14  ASN A CB  1 
ATOM   52   C  CG  . ASN A 1 14  ? 0.579   6.080   18.834  0.50 29.24  ? 14  ASN A CG  1 
ATOM   53   O  OD1 . ASN A 1 14  ? -0.211  6.944   19.209  0.50 30.71  ? 14  ASN A OD1 1 
ATOM   54   N  ND2 . ASN A 1 14  ? 1.875   6.131   19.104  0.50 28.74  ? 14  ASN A ND2 1 
ATOM   55   N  N   . TYR A 1 15  ? 0.104   3.829   14.428  1.00 28.50  ? 15  TYR A N   1 
ATOM   56   C  CA  . TYR A 1 15  ? -0.083  2.662   13.530  1.00 27.40  ? 15  TYR A CA  1 
ATOM   57   C  C   . TYR A 1 15  ? 1.050   2.640   12.519  1.00 24.07  ? 15  TYR A C   1 
ATOM   58   O  O   . TYR A 1 15  ? 1.586   3.672   12.073  1.00 23.69  ? 15  TYR A O   1 
ATOM   59   C  CB  . TYR A 1 15  ? -1.405  2.693   12.770  1.00 28.67  ? 15  TYR A CB  1 
ATOM   60   C  CG  . TYR A 1 15  ? -2.642  2.684   13.619  1.00 29.74  ? 15  TYR A CG  1 
ATOM   61   C  CD1 . TYR A 1 15  ? -2.896  1.629   14.478  1.00 33.04  ? 15  TYR A CD1 1 
ATOM   62   C  CD2 . TYR A 1 15  ? -3.571  3.711   13.548  1.00 32.81  ? 15  TYR A CD2 1 
ATOM   63   C  CE1 . TYR A 1 15  ? -4.040  1.585   15.251  1.00 33.51  ? 15  TYR A CE1 1 
ATOM   64   C  CE2 . TYR A 1 15  ? -4.726  3.678   14.310  1.00 33.36  ? 15  TYR A CE2 1 
ATOM   65   C  CZ  . TYR A 1 15  ? -4.954  2.619   15.175  1.00 35.87  ? 15  TYR A CZ  1 
ATOM   66   O  OH  . TYR A 1 15  ? -6.075  2.571   15.950  1.00 41.26  ? 15  TYR A OH  1 
ATOM   67   N  N   . ARG A 1 16  ? 1.432   1.414   12.178  1.00 22.56  ? 16  ARG A N   1 
ATOM   68   C  CA  . ARG A 1 16  ? 2.425   1.130   11.136  1.00 21.16  ? 16  ARG A CA  1 
ATOM   69   C  C   . ARG A 1 16  ? 1.724   0.277   10.092  1.00 19.67  ? 16  ARG A C   1 
ATOM   70   O  O   . ARG A 1 16  ? 1.187   -0.793  10.452  1.00 19.62  ? 16  ARG A O   1 
ATOM   71   C  CB  . ARG A 1 16  ? 3.629   0.403   11.732  1.00 20.75  ? 16  ARG A CB  1 
ATOM   72   C  CG  . ARG A 1 16  ? 4.567   -0.199  10.698  1.00 20.47  ? 16  ARG A CG  1 
ATOM   73   C  CD  . ARG A 1 16  ? 5.828   -0.713  11.377  1.00 21.56  ? 16  ARG A CD  1 
ATOM   74   N  NE  . ARG A 1 16  ? 6.314   -1.963  10.821  1.00 18.75  ? 16  ARG A NE  1 
ATOM   75   C  CZ  . ARG A 1 16  ? 7.196   -2.109  9.860   1.00 18.58  ? 16  ARG A CZ  1 
ATOM   76   N  NH1 . ARG A 1 16  ? 7.728   -1.066  9.237   1.00 21.58  ? 16  ARG A NH1 1 
ATOM   77   N  NH2 . ARG A 1 16  ? 7.510   -3.319  9.454   1.00 19.33  ? 16  ARG A NH2 1 
ATOM   78   N  N   . VAL A 1 17  ? 1.682   0.763   8.843   1.00 15.82  ? 17  VAL A N   1 
ATOM   79   C  CA  . VAL A 1 17  ? 0.980   0.049   7.745   1.00 14.19  ? 17  VAL A CA  1 
ATOM   80   C  C   . VAL A 1 17  ? 2.053   -0.480  6.806   1.00 14.30  ? 17  VAL A C   1 
ATOM   81   O  O   . VAL A 1 17  ? 2.826   0.297   6.263   1.00 14.88  ? 17  VAL A O   1 
ATOM   82   C  CB  . VAL A 1 17  ? 0.010   0.945   6.965   1.00 14.51  ? 17  VAL A CB  1 
ATOM   83   C  CG1 . VAL A 1 17  ? -0.780  0.091   6.000   1.00 14.81  ? 17  VAL A CG1 1 
ATOM   84   C  CG2 . VAL A 1 17  ? -0.845  1.737   7.913   1.00 15.28  ? 17  VAL A CG2 1 
ATOM   85   N  N   . VAL A 1 18  ? 2.060   -1.788  6.667   1.00 13.45  ? 18  VAL A N   1 
ATOM   86   C  CA  . VAL A 1 18  ? 3.065   -2.498  5.853   1.00 13.22  ? 18  VAL A CA  1 
ATOM   87   C  C   . VAL A 1 18  ? 2.386   -3.490  4.934   1.00 12.39  ? 18  VAL A C   1 
ATOM   88   O  O   . VAL A 1 18  ? 1.227   -3.881  5.156   1.00 13.97  ? 18  VAL A O   1 
ATOM   89   C  CB  . VAL A 1 18  ? 4.137   -3.256  6.650   1.00 13.89  ? 18  VAL A CB  1 
ATOM   90   C  CG1 . VAL A 1 18  ? 5.093   -2.259  7.281   1.00 16.53  ? 18  VAL A CG1 1 
ATOM   91   C  CG2 . VAL A 1 18  ? 3.552   -4.255  7.656   1.00 14.64  ? 18  VAL A CG2 1 
ATOM   92   N  N   . ASN A 1 19  ? 3.122   -3.862  3.901   1.00 12.08  ? 19  ASN A N   1 
ATOM   93   C  CA  . ASN A 1 19  ? 2.691   -5.015  3.085   1.00 12.02  ? 19  ASN A CA  1 
ATOM   94   C  C   . ASN A 1 19  ? 2.598   -6.236  4.027   1.00 12.45  ? 19  ASN A C   1 
ATOM   95   O  O   . ASN A 1 19  ? 3.581   -6.535  4.708   1.00 13.11  ? 19  ASN A O   1 
ATOM   96   C  CB  . ASN A 1 19  ? 3.663   -5.326  1.947   1.00 13.36  ? 19  ASN A CB  1 
ATOM   97   C  CG  . ASN A 1 19  ? 3.777   -4.192  0.941   1.00 12.48  ? 19  ASN A CG  1 
ATOM   98   O  OD1 . ASN A 1 19  ? 4.629   -3.315  1.094   1.00 13.12  ? 19  ASN A OD1 1 
ATOM   99   N  ND2 . ASN A 1 19  ? 2.860   -4.177  -0.010  1.00 12.87  ? 19  ASN A ND2 1 
ATOM   100  N  N   . ARG A 1 20  ? 1.516   -6.980  3.955   1.00 13.20  ? 20  ARG A N   1 
ATOM   101  C  CA  . ARG A 1 20  ? 1.353   -8.165  4.837   1.00 13.08  ? 20  ARG A CA  1 
ATOM   102  C  C   . ARG A 1 20  ? 2.547   -9.094  4.614   1.00 14.79  ? 20  ARG A C   1 
ATOM   103  O  O   . ARG A 1 20  ? 3.050   -9.675  5.599   1.00 14.60  ? 20  ARG A O   1 
ATOM   104  C  CB  . ARG A 1 20  ? 0.090   -8.941  4.520   1.00 13.13  ? 20  ARG A CB  1 
ATOM   105  C  CG  . ARG A 1 20  ? -0.303  -9.982  5.573   1.00 14.11  ? 20  ARG A CG  1 
ATOM   106  C  CD  . ARG A 1 20  ? -1.609  -10.640 5.183   1.00 16.07  ? 20  ARG A CD  1 
ATOM   107  N  NE  . ARG A 1 20  ? -2.033  -11.743 6.065   1.00 17.41  ? 20  ARG A NE  1 
ATOM   108  C  CZ  . ARG A 1 20  ? -1.559  -12.985 6.020   1.00 17.90  ? 20  ARG A CZ  1 
ATOM   109  N  NH1 . ARG A 1 20  ? -0.552  -13.327 5.256   1.00 20.93  ? 20  ARG A NH1 1 
ATOM   110  N  NH2 . ARG A 1 20  ? -2.075  -13.909 6.828   1.00 21.30  ? 20  ARG A NH2 1 
ATOM   111  N  N   . HIS A 1 21  ? 2.995   -9.239  3.371   1.00 15.28  ? 21  HIS A N   1 
ATOM   112  C  CA  . HIS A 1 21  ? 4.040   -10.235 3.044   1.00 15.26  ? 21  HIS A CA  1 
ATOM   113  C  C   . HIS A 1 21  ? 5.402   -9.813  3.562   1.00 15.04  ? 21  HIS A C   1 
ATOM   114  O  O   . HIS A 1 21  ? 6.308   -10.653 3.579   1.00 17.07  ? 21  HIS A O   1 
ATOM   115  C  CB  . HIS A 1 21  ? 4.051   -10.577 1.557   1.00 14.60  ? 21  HIS A CB  1 
ATOM   116  C  CG  . HIS A 1 21  ? 4.603   -9.526  0.664   1.00 15.55  ? 21  HIS A CG  1 
ATOM   117  N  ND1 . HIS A 1 21  ? 3.797   -8.562  0.105   1.00 15.96  ? 21  HIS A ND1 1 
ATOM   118  C  CD2 . HIS A 1 21  ? 5.853   -9.332  0.197   1.00 15.75  ? 21  HIS A CD2 1 
ATOM   119  C  CE1 . HIS A 1 21  ? 4.530   -7.830  -0.696  1.00 15.77  ? 21  HIS A CE1 1 
ATOM   120  N  NE2 . HIS A 1 21  ? 5.790   -8.248  -0.654  1.00 16.62  ? 21  HIS A NE2 1 
ATOM   121  N  N   . LEU A 1 22  ? 5.587   -8.577  4.004   1.00 12.83  ? 22  LEU A N   1 
ATOM   122  C  CA  . LEU A 1 22  ? 6.840   -8.038  4.569   1.00 14.59  ? 22  LEU A CA  1 
ATOM   123  C  C   . LEU A 1 22  ? 6.686   -7.797  6.063   1.00 14.22  ? 22  LEU A C   1 
ATOM   124  O  O   . LEU A 1 22  ? 7.660   -7.303  6.669   1.00 16.17  ? 22  LEU A O   1 
ATOM   125  C  CB  . LEU A 1 22  ? 7.183   -6.741  3.814   1.00 14.77  ? 22  LEU A CB  1 
ATOM   126  C  CG  . LEU A 1 22  ? 7.435   -6.929  2.324   1.00 15.68  ? 22  LEU A CG  1 
ATOM   127  C  CD1 . LEU A 1 22  ? 7.845   -5.606  1.662   1.00 17.16  ? 22  LEU A CD1 1 
ATOM   128  C  CD2 . LEU A 1 22  ? 8.551   -7.984  2.086   1.00 16.85  ? 22  LEU A CD2 1 
ATOM   129  N  N   . ALA A 1 23  ? 5.536   -8.094  6.660   1.00 14.34  ? 23  ALA A N   1 
ATOM   130  C  CA  . ALA A 1 23  ? 5.365   -7.879  8.106   1.00 14.15  ? 23  ALA A CA  1 
ATOM   131  C  C   . ALA A 1 23  ? 6.408   -8.704  8.896   1.00 15.29  ? 23  ALA A C   1 
ATOM   132  O  O   . ALA A 1 23  ? 6.708   -9.844  8.498   1.00 14.61  ? 23  ALA A O   1 
ATOM   133  C  CB  . ALA A 1 23  ? 3.949   -8.243  8.483   1.00 13.72  ? 23  ALA A CB  1 
ATOM   134  N  N   . THR A 1 24  ? 6.934   -8.109  9.941   1.00 15.93  ? 24  THR A N   1 
ATOM   135  C  CA  . THR A 1 24  ? 7.956   -8.767  10.801  1.00 16.70  ? 24  THR A CA  1 
ATOM   136  C  C   . THR A 1 24  ? 7.282   -9.569  11.908  1.00 16.87  ? 24  THR A C   1 
ATOM   137  O  O   . THR A 1 24  ? 6.050   -9.450  12.143  1.00 15.59  ? 24  THR A O   1 
ATOM   138  C  CB  . THR A 1 24  ? 8.899   -7.706  11.378  1.00 16.58  ? 24  THR A CB  1 
ATOM   139  O  OG1 . THR A 1 24  ? 8.111   -6.925  12.264  1.00 18.67  ? 24  THR A OG1 1 
ATOM   140  C  CG2 . THR A 1 24  ? 9.537   -6.844  10.304  1.00 17.64  ? 24  THR A CG2 1 
ATOM   141  N  N   . HIS A 1 25  ? 8.052   -10.349 12.663  1.00 18.00  ? 25  HIS A N   1 
ATOM   142  C  CA  . HIS A 1 25  ? 7.499   -10.965 13.883  1.00 18.34  ? 25  HIS A CA  1 
ATOM   143  C  C   . HIS A 1 25  ? 6.963   -9.863  14.802  1.00 17.43  ? 25  HIS A C   1 
ATOM   144  O  O   . HIS A 1 25  ? 5.906   -10.055 15.385  1.00 17.05  ? 25  HIS A O   1 
ATOM   145  C  CB  . HIS A 1 25  ? 8.531   -11.850 14.606  1.00 20.24  ? 25  HIS A CB  1 
ATOM   146  C  CG  . HIS A 1 25  ? 8.119   -12.144 16.014  1.00 22.57  ? 25  HIS A CG  1 
ATOM   147  N  ND1 . HIS A 1 25  ? 7.325   -13.213 16.341  1.00 23.65  ? 25  HIS A ND1 1 
ATOM   148  C  CD2 . HIS A 1 25  ? 8.321   -11.462 17.175  1.00 23.49  ? 25  HIS A CD2 1 
ATOM   149  C  CE1 . HIS A 1 25  ? 7.119   -13.234 17.638  1.00 22.56  ? 25  HIS A CE1 1 
ATOM   150  N  NE2 . HIS A 1 25  ? 7.710   -12.163 18.180  1.00 25.57  ? 25  HIS A NE2 1 
ATOM   151  N  N   . ASN A 1 26  ? 7.693   -8.753  15.001  1.00 18.51  ? 26  ASN A N   1 
ATOM   152  C  CA  . ASN A 1 26  ? 7.233   -7.696  15.926  1.00 20.24  ? 26  ASN A CA  1 
ATOM   153  C  C   . ASN A 1 26  ? 5.886   -7.127  15.432  1.00 18.40  ? 26  ASN A C   1 
ATOM   154  O  O   . ASN A 1 26  ? 4.973   -6.856  16.213  1.00 18.54  ? 26  ASN A O   1 
ATOM   155  C  CB  . ASN A 1 26  ? 8.245   -6.567  16.112  1.00 23.60  ? 26  ASN A CB  1 
ATOM   156  C  CG  . ASN A 1 26  ? 7.716   -5.483  17.034  1.00 30.87  ? 26  ASN A CG  1 
ATOM   157  O  OD1 . ASN A 1 26  ? 7.665   -5.657  18.259  1.00 32.50  ? 26  ASN A OD1 1 
ATOM   158  N  ND2 . ASN A 1 26  ? 7.248   -4.382  16.465  1.00 30.69  ? 26  ASN A ND2 1 
ATOM   159  N  N   . ASP A 1 27  ? 5.721   -7.000  14.116  1.00 17.69  ? 27  ASP A N   1 
ATOM   160  C  CA  . ASP A 1 27  ? 4.407   -6.555  13.589  1.00 16.59  ? 27  ASP A CA  1 
ATOM   161  C  C   . ASP A 1 27  ? 3.279   -7.507  14.006  1.00 15.03  ? 27  ASP A C   1 
ATOM   162  O  O   . ASP A 1 27  ? 2.193   -7.060  14.430  1.00 16.24  ? 27  ASP A O   1 
ATOM   163  C  CB  . ASP A 1 27  ? 4.417   -6.452  12.067  1.00 16.81  ? 27  ASP A CB  1 
ATOM   164  C  CG  . ASP A 1 27  ? 5.177   -5.266  11.512  1.00 17.42  ? 27  ASP A CG  1 
ATOM   165  O  OD1 . ASP A 1 27  ? 5.123   -4.198  12.128  1.00 18.44  ? 27  ASP A OD1 1 
ATOM   166  O  OD2 . ASP A 1 27  ? 5.865   -5.453  10.513  1.00 16.86  ? 27  ASP A OD2 1 
ATOM   167  N  N   . TRP A 1 28  ? 3.463   -8.827  13.805  1.00 15.11  ? 28  TRP A N   1 
ATOM   168  C  CA  . TRP A 1 28  ? 2.448   -9.848  14.151  1.00 16.57  ? 28  TRP A CA  1 
ATOM   169  C  C   . TRP A 1 28  ? 2.235   -9.948  15.668  1.00 14.99  ? 28  TRP A C   1 
ATOM   170  O  O   . TRP A 1 28  ? 1.121   -10.171 16.071  1.00 16.86  ? 28  TRP A O   1 
ATOM   171  C  CB  . TRP A 1 28  ? 2.895   -11.198 13.617  1.00 15.22  ? 28  TRP A CB  1 
ATOM   172  C  CG  . TRP A 1 28  ? 2.672   -11.400 12.147  1.00 15.29  ? 28  TRP A CG  1 
ATOM   173  C  CD1 . TRP A 1 28  ? 3.581   -11.333 11.126  1.00 15.40  ? 28  TRP A CD1 1 
ATOM   174  C  CD2 . TRP A 1 28  ? 1.413   -11.695 11.549  1.00 15.23  ? 28  TRP A CD2 1 
ATOM   175  N  NE1 . TRP A 1 28  ? 2.968   -11.659 9.942   1.00 15.00  ? 28  TRP A NE1 1 
ATOM   176  C  CE2 . TRP A 1 28  ? 1.630   -11.862 10.166  1.00 14.08  ? 28  TRP A CE2 1 
ATOM   177  C  CE3 . TRP A 1 28  ? 0.119   -11.868 12.045  1.00 16.08  ? 28  TRP A CE3 1 
ATOM   178  C  CZ2 . TRP A 1 28  ? 0.590   -12.177 9.298   1.00 15.05  ? 28  TRP A CZ2 1 
ATOM   179  C  CZ3 . TRP A 1 28  ? -0.897  -12.157 11.178  1.00 16.41  ? 28  TRP A CZ3 1 
ATOM   180  C  CH2 . TRP A 1 28  ? -0.670  -12.292 9.811   1.00 15.04  ? 28  TRP A CH2 1 
ATOM   181  N  N   . ALA A 1 29  ? 3.267   -9.661  16.452  1.00 16.72  ? 29  ALA A N   1 
ATOM   182  C  CA  . ALA A 1 29  ? 3.178   -9.677  17.929  1.00 17.39  ? 29  ALA A CA  1 
ATOM   183  C  C   . ALA A 1 29  ? 2.446   -8.439  18.445  1.00 20.39  ? 29  ALA A C   1 
ATOM   184  O  O   . ALA A 1 29  ? 2.087   -8.393  19.648  1.00 21.55  ? 29  ALA A O   1 
ATOM   185  C  CB  . ALA A 1 29  ? 4.554   -9.777  18.495  1.00 16.81  ? 29  ALA A CB  1 
ATOM   186  N  N   . ASN A 1 30  ? 2.284   -7.419  17.591  1.00 22.73  ? 30  ASN A N   1 
ATOM   187  C  CA  . ASN A 1 30  ? 1.595   -6.157  17.965  1.00 24.45  ? 30  ASN A CA  1 
ATOM   188  C  C   . ASN A 1 30  ? 0.503   -5.882  16.933  1.00 22.48  ? 30  ASN A C   1 
ATOM   189  O  O   . ASN A 1 30  ? 0.317   -4.703  16.538  1.00 25.38  ? 30  ASN A O   1 
ATOM   190  C  CB  . ASN A 1 30  ? 2.601   -5.023  18.067  1.00 25.35  ? 30  ASN A CB  1 
ATOM   191  C  CG  . ASN A 1 30  ? 3.560   -5.192  19.229  1.00 27.97  ? 30  ASN A CG  1 
ATOM   192  O  OD1 . ASN A 1 30  ? 3.206   -4.903  20.367  1.00 32.59  ? 30  ASN A OD1 1 
ATOM   193  N  ND2 . ASN A 1 30  ? 4.765   -5.647  18.948  1.00 27.31  ? 30  ASN A ND2 1 
ATOM   194  N  N   . LEU A 1 31  ? -0.187  -6.919  16.487  1.00 23.39  ? 31  LEU A N   1 
ATOM   195  C  CA  . LEU A 1 31  ? -1.125  -6.854  15.347  1.00 22.25  ? 31  LEU A CA  1 
ATOM   196  C  C   . LEU A 1 31  ? -2.314  -5.972  15.734  1.00 24.99  ? 31  LEU A C   1 
ATOM   197  O  O   . LEU A 1 31  ? -2.910  -6.190  16.819  1.00 24.65  ? 31  LEU A O   1 
ATOM   198  C  CB  . LEU A 1 31  ? -1.592  -8.264  15.008  1.00 21.24  ? 31  LEU A CB  1 
ATOM   199  C  CG  . LEU A 1 31  ? -2.556  -8.367  13.832  1.00 20.79  ? 31  LEU A CG  1 
ATOM   200  C  CD1 . LEU A 1 31  ? -1.931  -7.800  12.562  1.00 22.12  ? 31  LEU A CD1 1 
ATOM   201  C  CD2 . LEU A 1 31  ? -2.991  -9.789  13.606  1.00 21.53  ? 31  LEU A CD2 1 
ATOM   202  N  N   . VAL A 1 32  ? -2.660  -5.006  14.881  1.00 23.30  ? 32  VAL A N   1 
ATOM   203  C  CA  . VAL A 1 32  ? -3.964  -4.288  14.949  1.00 24.90  ? 32  VAL A CA  1 
ATOM   204  C  C   . VAL A 1 32  ? -4.959  -4.933  13.973  1.00 24.75  ? 32  VAL A C   1 
ATOM   205  O  O   . VAL A 1 32  ? -6.108  -5.186  14.354  1.00 29.37  ? 32  VAL A O   1 
ATOM   206  C  CB  . VAL A 1 32  ? -3.717  -2.795  14.691  1.00 25.02  ? 32  VAL A CB  1 
ATOM   207  C  CG1 . VAL A 1 32  ? -5.018  -2.024  14.589  1.00 24.24  ? 32  VAL A CG1 1 
ATOM   208  C  CG2 . VAL A 1 32  ? -2.768  -2.187  15.708  1.00 28.99  ? 32  VAL A CG2 1 
ATOM   209  N  N   . TRP A 1 33  ? -4.570  -5.200  12.711  1.00 21.56  ? 33  TRP A N   1 
ATOM   210  C  CA  . TRP A 1 33  ? -5.488  -5.682  11.646  1.00 22.00  ? 33  TRP A CA  1 
ATOM   211  C  C   . TRP A 1 33  ? -4.646  -6.205  10.476  1.00 19.87  ? 33  TRP A C   1 
ATOM   212  O  O   . TRP A 1 33  ? -3.589  -5.607  10.261  1.00 20.24  ? 33  TRP A O   1 
ATOM   213  C  CB  . TRP A 1 33  ? -6.445  -4.547  11.215  1.00 24.66  ? 33  TRP A CB  1 
ATOM   214  C  CG  . TRP A 1 33  ? -7.217  -4.786  9.953   1.00 24.17  ? 33  TRP A CG  1 
ATOM   215  C  CD1 . TRP A 1 33  ? -8.403  -5.446  9.824   1.00 26.64  ? 33  TRP A CD1 1 
ATOM   216  C  CD2 . TRP A 1 33  ? -6.867  -4.361  8.614   1.00 23.39  ? 33  TRP A CD2 1 
ATOM   217  N  NE1 . TRP A 1 33  ? -8.793  -5.504  8.508   1.00 28.27  ? 33  TRP A NE1 1 
ATOM   218  C  CE2 . TRP A 1 33  ? -7.876  -4.826  7.743   1.00 25.02  ? 33  TRP A CE2 1 
ATOM   219  C  CE3 . TRP A 1 33  ? -5.803  -3.650  8.066   1.00 23.17  ? 33  TRP A CE3 1 
ATOM   220  C  CZ2 . TRP A 1 33  ? -7.865  -4.565  6.375   1.00 25.32  ? 33  TRP A CZ2 1 
ATOM   221  C  CZ3 . TRP A 1 33  ? -5.791  -3.392  6.704   1.00 22.77  ? 33  TRP A CZ3 1 
ATOM   222  C  CH2 . TRP A 1 33  ? -6.805  -3.849  5.877   1.00 23.77  ? 33  TRP A CH2 1 
ATOM   223  N  N   . GLU A 1 34  ? -5.066  -7.285  9.821   1.00 20.23  ? 34  GLU A N   1 
ATOM   224  C  CA  . GLU A 1 34  ? -4.399  -7.797  8.605   1.00 20.40  ? 34  GLU A CA  1 
ATOM   225  C  C   . GLU A 1 34  ? -5.434  -8.394  7.658   1.00 22.92  ? 34  GLU A C   1 
ATOM   226  O  O   . GLU A 1 34  ? -6.531  -8.868  8.120   1.00 25.42  ? 34  GLU A O   1 
ATOM   227  C  CB  . GLU A 1 34  ? -3.267  -8.763  8.923   1.00 20.36  ? 34  GLU A CB  1 
ATOM   228  C  CG  . GLU A 1 34  ? -3.721  -9.972  9.739   1.00 20.79  ? 34  GLU A CG  1 
ATOM   229  C  CD  . GLU A 1 34  ? -4.449  -11.074 8.994   1.00 20.69  ? 34  GLU A CD  1 
ATOM   230  O  OE1 . GLU A 1 34  ? -5.232  -11.775 9.679   1.00 24.55  ? 34  GLU A OE1 1 
ATOM   231  O  OE2 . GLU A 1 34  ? -4.178  -11.300 7.804   1.00 22.82  ? 34  GLU A OE2 1 
ATOM   232  N  N   . ASP A 1 35  ? -5.129  -8.332  6.362   1.00 21.60  ? 35  ASP A N   1 
ATOM   233  C  CA  . ASP A 1 35  ? -6.019  -8.836  5.284   1.00 20.95  ? 35  ASP A CA  1 
ATOM   234  C  C   . ASP A 1 35  ? -5.134  -9.321  4.154   1.00 21.69  ? 35  ASP A C   1 
ATOM   235  O  O   . ASP A 1 35  ? -4.490  -8.476  3.482   1.00 19.63  ? 35  ASP A O   1 
ATOM   236  C  CB  . ASP A 1 35  ? -7.021  -7.740  4.909   1.00 23.29  ? 35  ASP A CB  1 
ATOM   237  C  CG  . ASP A 1 35  ? -8.041  -8.115  3.864   1.00 21.93  ? 35  ASP A CG  1 
ATOM   238  O  OD1 . ASP A 1 35  ? -7.710  -8.858  2.919   1.00 27.02  ? 35  ASP A OD1 1 
ATOM   239  O  OD2 . ASP A 1 35  ? -9.163  -7.593  3.997   1.00 30.26  ? 35  ASP A OD2 1 
ATOM   240  N  N   A SER A 1 36  ? -5.069  -10.639 3.952   0.16 20.99  ? 36  SER A N   1 
ATOM   241  N  N   B SER A 1 36  ? -5.071  -10.643 3.955   0.16 21.95  ? 36  SER A N   1 
ATOM   242  C  CA  A SER A 1 36  ? -4.249  -11.292 2.902   0.16 21.32  ? 36  SER A CA  1 
ATOM   243  C  CA  B SER A 1 36  ? -4.255  -11.308 2.907   0.16 22.88  ? 36  SER A CA  1 
ATOM   244  C  C   A SER A 1 36  ? -4.726  -10.831 1.523   0.16 21.71  ? 36  SER A C   1 
ATOM   245  C  C   B SER A 1 36  ? -4.727  -10.849 1.525   0.16 22.65  ? 36  SER A C   1 
ATOM   246  O  O   A SER A 1 36  ? -3.866  -10.558 0.671   0.16 21.74  ? 36  SER A O   1 
ATOM   247  O  O   B SER A 1 36  ? -3.864  -10.586 0.673   0.16 22.58  ? 36  SER A O   1 
ATOM   248  C  CB  A SER A 1 36  ? -4.289  -12.793 3.012   0.16 20.78  ? 36  SER A CB  1 
ATOM   249  C  CB  B SER A 1 36  ? -4.289  -12.818 3.027   0.16 23.34  ? 36  SER A CB  1 
ATOM   250  O  OG  A SER A 1 36  ? -3.561  -13.388 1.952   0.16 20.50  ? 36  SER A OG  1 
ATOM   251  O  OG  B SER A 1 36  ? -5.606  -13.293 3.280   0.16 25.15  ? 36  SER A OG  1 
ATOM   252  N  N   . SER A 1 37  ? -6.046  -10.763 1.324   1.00 22.84  ? 37  SER A N   1 
ATOM   253  C  CA  . SER A 1 37  ? -6.666  -10.358 0.035   1.00 24.49  ? 37  SER A CA  1 
ATOM   254  C  C   . SER A 1 37  ? -6.182  -8.964  -0.361  1.00 23.14  ? 37  SER A C   1 
ATOM   255  O  O   . SER A 1 37  ? -6.011  -8.757  -1.548  1.00 23.44  ? 37  SER A O   1 
ATOM   256  C  CB  . SER A 1 37  ? -8.169  -10.414 0.079   1.00 24.10  ? 37  SER A CB  1 
ATOM   257  O  OG  . SER A 1 37  ? -8.722  -9.373  0.859   1.00 30.56  ? 37  SER A OG  1 
ATOM   258  N  N   . ARG A 1 38  ? -5.856  -8.102  0.598   1.00 20.65  ? 38  ARG A N   1 
ATOM   259  C  CA  . ARG A 1 38  ? -5.381  -6.706  0.304   1.00 18.53  ? 38  ARG A CA  1 
ATOM   260  C  C   . ARG A 1 38  ? -3.848  -6.584  0.394   1.00 18.82  ? 38  ARG A C   1 
ATOM   261  O  O   . ARG A 1 38  ? -3.301  -5.488  0.100   1.00 18.95  ? 38  ARG A O   1 
ATOM   262  C  CB  . ARG A 1 38  ? -6.033  -5.757  1.299   1.00 20.16  ? 38  ARG A CB  1 
ATOM   263  C  CG  . ARG A 1 38  ? -7.552  -5.745  1.213   1.00 20.34  ? 38  ARG A CG  1 
ATOM   264  C  CD  . ARG A 1 38  ? -8.055  -4.733  2.194   1.00 20.17  ? 38  ARG A CD  1 
ATOM   265  N  NE  . ARG A 1 38  ? -7.678  -3.341  1.908   1.00 19.24  ? 38  ARG A NE  1 
ATOM   266  C  CZ  . ARG A 1 38  ? -8.461  -2.279  2.171   1.00 20.82  ? 38  ARG A CZ  1 
ATOM   267  N  NH1 . ARG A 1 38  ? -9.630  -2.436  2.779   1.00 22.34  ? 38  ARG A NH1 1 
ATOM   268  N  NH2 . ARG A 1 38  ? -8.075  -1.041  1.850   1.00 20.18  ? 38  ARG A NH2 1 
ATOM   269  N  N   . ASP A 1 39  ? -3.156  -7.621  0.852   1.00 18.18  ? 39  ASP A N   1 
ATOM   270  C  CA  . ASP A 1 39  ? -1.702  -7.581  1.138   1.00 15.24  ? 39  ASP A CA  1 
ATOM   271  C  C   . ASP A 1 39  ? -1.407  -6.490  2.161   1.00 13.96  ? 39  ASP A C   1 
ATOM   272  O  O   . ASP A 1 39  ? -0.399  -5.821  1.972   1.00 14.22  ? 39  ASP A O   1 
ATOM   273  C  CB  . ASP A 1 39  ? -0.852  -7.401  -0.141  1.00 15.05  ? 39  ASP A CB  1 
ATOM   274  C  CG  . ASP A 1 39  ? 0.648   -7.443  0.084   1.00 16.54  ? 39  ASP A CG  1 
ATOM   275  O  OD1 . ASP A 1 39  ? 1.083   -8.198  0.980   1.00 16.14  ? 39  ASP A OD1 1 
ATOM   276  O  OD2 . ASP A 1 39  ? 1.392   -6.692  -0.560  1.00 15.42  ? 39  ASP A OD2 1 
ATOM   277  N  N   . LEU A 1 40  ? -2.274  -6.256  3.178   1.00 13.97  ? 40  LEU A N   1 
ATOM   278  C  CA  . LEU A 1 40  ? -2.022  -5.221  4.186   1.00 13.49  ? 40  LEU A CA  1 
ATOM   279  C  C   . LEU A 1 40  ? -1.969  -5.844  5.580   1.00 13.74  ? 40  LEU A C   1 
ATOM   280  O  O   . LEU A 1 40  ? -2.711  -6.793  5.854   1.00 15.78  ? 40  LEU A O   1 
ATOM   281  C  CB  . LEU A 1 40  ? -3.097  -4.141  4.145   1.00 13.97  ? 40  LEU A CB  1 
ATOM   282  C  CG  . LEU A 1 40  ? -3.059  -3.186  2.953   1.00 14.76  ? 40  LEU A CG  1 
ATOM   283  C  CD1 . LEU A 1 40  ? -4.232  -2.210  3.108   1.00 15.43  ? 40  LEU A CD1 1 
ATOM   284  C  CD2 . LEU A 1 40  ? -1.728  -2.443  2.873   1.00 14.43  ? 40  LEU A CD2 1 
ATOM   285  N  N   . LEU A 1 41  ? -1.118  -5.245  6.390   1.00 14.09  ? 41  LEU A N   1 
ATOM   286  C  CA  . LEU A 1 41  ? -1.047  -5.523  7.834   1.00 13.70  ? 41  LEU A CA  1 
ATOM   287  C  C   . LEU A 1 41  ? -0.753  -4.219  8.553   1.00 14.36  ? 41  LEU A C   1 
ATOM   288  O  O   . LEU A 1 41  ? 0.051   -3.419  8.076   1.00 15.02  ? 41  LEU A O   1 
ATOM   289  C  CB  . LEU A 1 41  ? 0.037   -6.578  8.115   1.00 14.17  ? 41  LEU A CB  1 
ATOM   290  C  CG  . LEU A 1 41  ? 0.101   -7.040  9.574   1.00 14.97  ? 41  LEU A CG  1 
ATOM   291  C  CD1 . LEU A 1 41  ? 0.477   -8.496  9.727   1.00 14.20  ? 41  LEU A CD1 1 
ATOM   292  C  CD2 . LEU A 1 41  ? 1.069   -6.196  10.356  1.00 14.43  ? 41  LEU A CD2 1 
ATOM   293  N  N   . VAL A 1 42  ? -1.457  -4.011  9.657   1.00 15.42  ? 42  VAL A N   1 
ATOM   294  C  CA  . VAL A 1 42  ? -1.259  -2.835  10.526  1.00 16.89  ? 42  VAL A CA  1 
ATOM   295  C  C   . VAL A 1 42  ? -0.901  -3.299  11.936  1.00 18.00  ? 42  VAL A C   1 
ATOM   296  O  O   . VAL A 1 42  ? -1.588  -4.186  12.451  1.00 19.14  ? 42  VAL A O   1 
ATOM   297  C  CB  . VAL A 1 42  ? -2.505  -1.948  10.549  1.00 17.77  ? 42  VAL A CB  1 
ATOM   298  C  CG1 . VAL A 1 42  ? -2.234  -0.739  11.410  1.00 20.38  ? 42  VAL A CG1 1 
ATOM   299  C  CG2 . VAL A 1 42  ? -2.953  -1.565  9.128   1.00 17.94  ? 42  VAL A CG2 1 
ATOM   300  N  N   . SER A 1 43  ? 0.172   -2.728  12.465  1.00 18.41  ? 43  SER A N   1 
ATOM   301  C  CA  . SER A 1 43  ? 0.674   -2.985  13.841  1.00 19.76  ? 43  SER A CA  1 
ATOM   302  C  C   . SER A 1 43  ? 0.744   -1.669  14.628  1.00 25.84  ? 43  SER A C   1 
ATOM   303  O  O   . SER A 1 43  ? 0.653   -0.567  14.021  1.00 23.90  ? 43  SER A O   1 
ATOM   304  C  CB  . SER A 1 43  ? 2.016   -3.685  13.759  1.00 17.77  ? 43  SER A CB  1 
ATOM   305  O  OG  . SER A 1 43  ? 3.016   -2.859  13.205  1.00 19.76  ? 43  SER A OG  1 
ATOM   306  N  N   . SER A 1 44  ? 0.930   -1.779  15.941  1.00 26.51  ? 44  SER A N   1 
ATOM   307  C  CA  . SER A 1 44  ? 0.997   -0.625  16.883  1.00 29.57  ? 44  SER A CA  1 
ATOM   308  C  C   . SER A 1 44  ? 2.425   -0.110  17.014  1.00 31.49  ? 44  SER A C   1 
ATOM   309  O  O   . SER A 1 44  ? 3.375   -0.906  16.933  1.00 31.40  ? 44  SER A O   1 
ATOM   310  C  CB  . SER A 1 44  ? 0.454   -1.013  18.210  1.00 32.66  ? 44  SER A CB  1 
ATOM   311  O  OG  . SER A 1 44  ? 1.279   -2.017  18.768  1.00 32.50  ? 44  SER A OG  1 
ATOM   312  N  N   . THR A 1 45  ? 2.566   1.206   17.187  0.50 33.14  ? 45  THR A N   1 
ATOM   313  C  CA  . THR A 1 45  ? 3.853   1.889   17.468  0.50 35.91  ? 45  THR A CA  1 
ATOM   314  C  C   . THR A 1 45  ? 3.726   2.586   18.826  0.50 38.11  ? 45  THR A C   1 
ATOM   315  O  O   . THR A 1 45  ? 2.596   2.948   19.207  0.50 37.45  ? 45  THR A O   1 
ATOM   316  C  CB  . THR A 1 45  ? 4.234   2.843   16.329  0.50 36.39  ? 45  THR A CB  1 
ATOM   317  O  OG1 . THR A 1 45  ? 3.368   3.976   16.372  0.50 36.34  ? 45  THR A OG1 1 
ATOM   318  C  CG2 . THR A 1 45  ? 4.143   2.190   14.968  0.50 36.43  ? 45  THR A CG2 1 
ATOM   319  N  N   . THR A 1 46  ? 4.838   2.725   19.544  0.50 41.52  ? 46  THR A N   1 
ATOM   320  C  CA  . THR A 1 46  ? 4.900   3.495   20.811  0.50 42.43  ? 46  THR A CA  1 
ATOM   321  C  C   . THR A 1 46  ? 4.688   4.972   20.463  0.50 41.42  ? 46  THR A C   1 
ATOM   322  O  O   . THR A 1 46  ? 3.770   5.585   21.035  0.50 41.81  ? 46  THR A O   1 
ATOM   323  C  CB  . THR A 1 46  ? 6.198   3.190   21.569  0.50 44.04  ? 46  THR A CB  1 
ATOM   324  O  OG1 . THR A 1 46  ? 7.299   3.309   20.668  0.50 46.55  ? 46  THR A OG1 1 
ATOM   325  C  CG2 . THR A 1 46  ? 6.200   1.804   22.174  0.50 45.10  ? 46  THR A CG2 1 
ATOM   326  N  N   . ALA A 1 47  ? 5.469   5.493   19.514  0.50 40.91  ? 47  ALA A N   1 
ATOM   327  C  CA  . ALA A 1 47  ? 5.451   6.906   19.070  0.50 38.99  ? 47  ALA A CA  1 
ATOM   328  C  C   . ALA A 1 47  ? 4.277   7.147   18.111  0.50 37.92  ? 47  ALA A C   1 
ATOM   329  O  O   . ALA A 1 47  ? 3.740   6.166   17.555  0.50 36.23  ? 47  ALA A O   1 
ATOM   330  C  CB  . ALA A 1 47  ? 6.767   7.252   18.419  0.50 39.84  ? 47  ALA A CB  1 
ATOM   331  N  N   . GLN A 1 48  ? 3.908   8.416   17.923  0.50 37.11  ? 48  GLN A N   1 
ATOM   332  C  CA  . GLN A 1 48  ? 2.907   8.860   16.918  0.50 37.04  ? 48  GLN A CA  1 
ATOM   333  C  C   . GLN A 1 48  ? 3.616   9.067   15.576  0.50 36.68  ? 48  GLN A C   1 
ATOM   334  O  O   . GLN A 1 48  ? 4.793   9.460   15.588  0.50 36.39  ? 48  GLN A O   1 
ATOM   335  C  CB  . GLN A 1 48  ? 2.200   10.132  17.383  0.50 38.42  ? 48  GLN A CB  1 
ATOM   336  C  CG  . GLN A 1 48  ? 1.482   9.953   18.710  0.50 39.15  ? 48  GLN A CG  1 
ATOM   337  C  CD  . GLN A 1 48  ? 0.121   10.600  18.727  0.50 40.26  ? 48  GLN A CD  1 
ATOM   338  O  OE1 . GLN A 1 48  ? -0.197  11.403  19.601  0.50 39.49  ? 48  GLN A OE1 1 
ATOM   339  N  NE2 . GLN A 1 48  ? -0.699  10.250  17.749  0.50 41.50  ? 48  GLN A NE2 1 
ATOM   340  N  N   . GLY A 1 49  ? 2.912   8.816   14.468  0.50 34.72  ? 49  GLY A N   1 
ATOM   341  C  CA  . GLY A 1 49  ? 3.490   8.785   13.112  0.50 34.58  ? 49  GLY A CA  1 
ATOM   342  C  C   . GLY A 1 49  ? 3.235   10.080  12.365  0.50 34.55  ? 49  GLY A C   1 
ATOM   343  O  O   . GLY A 1 49  ? 2.162   10.669  12.570  0.50 32.07  ? 49  GLY A O   1 
ATOM   344  N  N   . CYS A 1 50  ? 4.187   10.509  11.533  0.50 35.05  ? 50  CYS A N   1 
ATOM   345  C  CA  . CYS A 1 50  ? 4.035   11.681  10.633  0.50 35.32  ? 50  CYS A CA  1 
ATOM   346  C  C   . CYS A 1 50  ? 3.566   11.191  9.260   0.50 33.41  ? 50  CYS A C   1 
ATOM   347  O  O   . CYS A 1 50  ? 4.398   11.149  8.327   0.50 37.33  ? 50  CYS A O   1 
ATOM   348  C  CB  . CYS A 1 50  ? 5.327   12.481  10.513  0.50 37.52  ? 50  CYS A CB  1 
ATOM   349  S  SG  . CYS A 1 50  ? 6.589   11.680  9.489   0.50 41.26  ? 50  CYS A SG  1 
ATOM   350  N  N   . ASP A 1 51  ? 2.296   10.788  9.159   0.50 29.29  ? 51  ASP A N   1 
ATOM   351  C  CA  . ASP A 1 51  ? 1.622   10.564  7.853   0.50 25.74  ? 51  ASP A CA  1 
ATOM   352  C  C   . ASP A 1 51  ? 0.146   10.941  7.959   0.50 24.03  ? 51  ASP A C   1 
ATOM   353  O  O   . ASP A 1 51  ? -0.539  10.506  8.911   0.50 23.29  ? 51  ASP A O   1 
ATOM   354  C  CB  . ASP A 1 51  ? 1.805   9.140   7.328   0.50 25.49  ? 51  ASP A CB  1 
ATOM   355  C  CG  . ASP A 1 51  ? 3.260   8.810   7.073   0.50 25.69  ? 51  ASP A CG  1 
ATOM   356  O  OD1 . ASP A 1 51  ? 4.090   9.741   7.152   0.50 27.71  ? 51  ASP A OD1 1 
ATOM   357  O  OD2 . ASP A 1 51  ? 3.554   7.628   6.840   0.50 24.07  ? 51  ASP A OD2 1 
ATOM   358  N  N   . THR A 1 52  ? -0.278  11.771  7.009   0.50 21.76  ? 52  THR A N   1 
ATOM   359  C  CA  . THR A 1 52  ? -1.678  12.140  6.724   0.50 21.22  ? 52  THR A CA  1 
ATOM   360  C  C   . THR A 1 52  ? -2.171  11.202  5.625   0.50 19.23  ? 52  THR A C   1 
ATOM   361  O  O   . THR A 1 52  ? -1.607  11.239  4.492   0.50 17.46  ? 52  THR A O   1 
ATOM   362  C  CB  . THR A 1 52  ? -1.781  13.618  6.327   0.50 21.70  ? 52  THR A CB  1 
ATOM   363  O  OG1 . THR A 1 52  ? -0.952  14.358  7.228   0.50 21.29  ? 52  THR A OG1 1 
ATOM   364  C  CG2 . THR A 1 52  ? -3.205  14.128  6.357   0.50 23.16  ? 52  THR A CG2 1 
ATOM   365  N  N   . ILE A 1 53  ? -3.148  10.368  5.958   0.50 18.19  ? 53  ILE A N   1 
ATOM   366  C  CA  . ILE A 1 53  ? -3.834  9.511   4.961   0.50 17.33  ? 53  ILE A CA  1 
ATOM   367  C  C   . ILE A 1 53  ? -4.755  10.421  4.145   0.50 17.28  ? 53  ILE A C   1 
ATOM   368  O  O   . ILE A 1 53  ? -5.386  11.330  4.747   0.50 15.68  ? 53  ILE A O   1 
ATOM   369  C  CB  . ILE A 1 53  ? -4.586  8.358   5.646   0.50 17.07  ? 53  ILE A CB  1 
ATOM   370  C  CG1 . ILE A 1 53  ? -3.686  7.603   6.633   0.50 17.27  ? 53  ILE A CG1 1 
ATOM   371  C  CG2 . ILE A 1 53  ? -5.198  7.437   4.609   0.50 16.61  ? 53  ILE A CG2 1 
ATOM   372  C  CD1 . ILE A 1 53  ? -2.333  7.207   6.074   0.50 17.11  ? 53  ILE A CD1 1 
ATOM   373  N  N   . ALA A 1 54  ? -4.744  10.243  2.820   1.00 15.87  ? 54  ALA A N   1 
ATOM   374  C  CA  . ALA A 1 54  ? -5.677  10.911  1.901   1.00 16.80  ? 54  ALA A CA  1 
ATOM   375  C  C   . ALA A 1 54  ? -7.091  10.377  2.126   1.00 14.43  ? 54  ALA A C   1 
ATOM   376  O  O   . ALA A 1 54  ? -7.282  9.148   2.331   1.00 15.52  ? 54  ALA A O   1 
ATOM   377  C  CB  . ALA A 1 54  ? -5.201  10.597  0.513   1.00 14.24  ? 54  ALA A CB  1 
ATOM   378  N  N   . ARG A 1 55  ? -8.109  11.245  2.116   1.00 15.89  ? 55  ARG A N   1 
ATOM   379  C  CA  . ARG A 1 55  ? -9.532  10.853  2.163   1.00 16.93  ? 55  ARG A CA  1 
ATOM   380  C  C   . ARG A 1 55  ? -10.214 11.503  0.961   1.00 15.99  ? 55  ARG A C   1 
ATOM   381  O  O   . ARG A 1 55  ? -10.516 12.676  1.004   1.00 18.65  ? 55  ARG A O   1 
ATOM   382  C  CB  . ARG A 1 55  ? -10.169 11.247  3.504   1.00 18.76  ? 55  ARG A CB  1 
ATOM   383  C  CG  . ARG A 1 55  ? -9.472  10.661  4.735   1.00 20.20  ? 55  ARG A CG  1 
ATOM   384  C  CD  . ARG A 1 55  ? -9.553  9.150   4.855   1.00 20.20  ? 55  ARG A CD  1 
ATOM   385  N  NE  . ARG A 1 55  ? -8.791  8.715   6.027   1.00 23.28  ? 55  ARG A NE  1 
ATOM   386  C  CZ  . ARG A 1 55  ? -8.379  7.471   6.228   1.00 21.93  ? 55  ARG A CZ  1 
ATOM   387  N  NH1 . ARG A 1 55  ? -8.650  6.525   5.355   1.00 20.56  ? 55  ARG A NH1 1 
ATOM   388  N  NH2 . ARG A 1 55  ? -7.688  7.174   7.314   1.00 25.84  ? 55  ARG A NH2 1 
ATOM   389  N  N   . CYS A 1 56  ? -10.356 10.742  -0.112  1.00 15.70  ? 56  CYS A N   1 
ATOM   390  C  CA  . CYS A 1 56  ? -10.540 11.306  -1.471  1.00 16.32  ? 56  CYS A CA  1 
ATOM   391  C  C   . CYS A 1 56  ? -10.708 10.203  -2.496  1.00 16.85  ? 56  CYS A C   1 
ATOM   392  O  O   . CYS A 1 56  ? -10.509 9.009   -2.178  1.00 16.25  ? 56  CYS A O   1 
ATOM   393  C  CB  . CYS A 1 56  ? -9.349  12.163  -1.871  1.00 14.04  ? 56  CYS A CB  1 
ATOM   394  S  SG  . CYS A 1 56  ? -7.895  11.143  -2.291  1.00 14.90  ? 56  CYS A SG  1 
ATOM   395  N  N   A ASP A 1 57  ? -11.093 10.559  -3.725  0.25 16.92  ? 57  ASP A N   1 
ATOM   396  N  N   B ASP A 1 57  ? -10.998 10.662  -3.720  0.25 17.67  ? 57  ASP A N   1 
ATOM   397  C  CA  A ASP A 1 57  ? -11.135 9.607   -4.865  0.25 16.20  ? 57  ASP A CA  1 
ATOM   398  C  CA  B ASP A 1 57  ? -11.307 9.876   -4.938  0.25 17.19  ? 57  ASP A CA  1 
ATOM   399  C  C   A ASP A 1 57  ? -10.208 10.107  -5.982  0.25 16.44  ? 57  ASP A C   1 
ATOM   400  C  C   B ASP A 1 57  ? -10.188 10.051  -5.982  0.25 16.81  ? 57  ASP A C   1 
ATOM   401  O  O   A ASP A 1 57  ? -10.530 9.911   -7.147  0.25 18.55  ? 57  ASP A O   1 
ATOM   402  O  O   B ASP A 1 57  ? -10.353 9.545   -7.106  0.25 17.50  ? 57  ASP A O   1 
ATOM   403  C  CB  A ASP A 1 57  ? -12.558 9.376   -5.380  0.25 16.65  ? 57  ASP A CB  1 
ATOM   404  C  CB  B ASP A 1 57  ? -12.649 10.342  -5.516  0.25 19.15  ? 57  ASP A CB  1 
ATOM   405  C  CG  A ASP A 1 57  ? -13.156 10.592  -6.057  0.25 17.31  ? 57  ASP A CG  1 
ATOM   406  C  CG  B ASP A 1 57  ? -13.334 9.327   -6.411  0.25 20.40  ? 57  ASP A CG  1 
ATOM   407  O  OD1 A ASP A 1 57  ? -12.493 11.643  -6.060  0.25 16.52  ? 57  ASP A OD1 1 
ATOM   408  O  OD1 B ASP A 1 57  ? -13.099 8.128   -6.206  0.25 22.10  ? 57  ASP A OD1 1 
ATOM   409  O  OD2 A ASP A 1 57  ? -14.289 10.479  -6.543  0.25 19.47  ? 57  ASP A OD2 1 
ATOM   410  O  OD2 B ASP A 1 57  ? -14.113 9.747   -7.295  0.25 19.92  ? 57  ASP A OD2 1 
ATOM   411  N  N   . CYS A 1 58  ? -9.065  10.689  -5.630  1.00 15.97  ? 58  CYS A N   1 
ATOM   412  C  CA  . CYS A 1 58  ? -8.029  11.019  -6.640  1.00 14.64  ? 58  CYS A CA  1 
ATOM   413  C  C   . CYS A 1 58  ? -7.598  9.773   -7.406  1.00 13.60  ? 58  CYS A C   1 
ATOM   414  O  O   . CYS A 1 58  ? -7.512  8.651   -6.819  1.00 13.83  ? 58  CYS A O   1 
ATOM   415  C  CB  . CYS A 1 58  ? -6.771  11.594  -6.040  1.00 15.46  ? 58  CYS A CB  1 
ATOM   416  S  SG  . CYS A 1 58  ? -6.961  13.233  -5.332  1.00 15.75  ? 58  CYS A SG  1 
ATOM   417  N  N   . GLN A 1 59  ? -7.256  10.021  -8.670  1.00 14.71  ? 59  GLN A N   1 
ATOM   418  C  CA  . GLN A 1 59  ? -6.703  9.039   -9.624  1.00 14.99  ? 59  GLN A CA  1 
ATOM   419  C  C   . GLN A 1 59  ? -5.418  9.618   -10.189 1.00 12.73  ? 59  GLN A C   1 
ATOM   420  O  O   . GLN A 1 59  ? -4.910  9.034   -11.136 1.00 13.93  ? 59  GLN A O   1 
ATOM   421  C  CB  . GLN A 1 59  ? -7.667  8.642   -10.744 1.00 16.89  ? 59  GLN A CB  1 
ATOM   422  C  CG  . GLN A 1 59  ? -8.746  7.692   -10.280 1.00 18.77  ? 59  GLN A CG  1 
ATOM   423  C  CD  . GLN A 1 59  ? -9.616  7.231   -11.425 1.00 17.12  ? 59  GLN A CD  1 
ATOM   424  O  OE1 . GLN A 1 59  ? -10.721 7.765   -11.607 1.00 21.18  ? 59  GLN A OE1 1 
ATOM   425  N  NE2 . GLN A 1 59  ? -9.134  6.284   -12.213 1.00 19.04  ? 59  GLN A NE2 1 
ATOM   426  N  N   . THR A 1 60  ? -4.879  10.663  -9.582  1.00 13.21  ? 60  THR A N   1 
ATOM   427  C  CA  . THR A 1 60  ? -3.523  11.115  -9.951  1.00 14.16  ? 60  THR A CA  1 
ATOM   428  C  C   . THR A 1 60  ? -2.677  11.337  -8.702  1.00 12.68  ? 60  THR A C   1 
ATOM   429  O  O   . THR A 1 60  ? -3.210  11.744  -7.645  1.00 14.13  ? 60  THR A O   1 
ATOM   430  C  CB  . THR A 1 60  ? -3.536  12.353  -10.834 1.00 15.97  ? 60  THR A CB  1 
ATOM   431  O  OG1 . THR A 1 60  ? -4.043  13.402  -10.023 1.00 20.86  ? 60  THR A OG1 1 
ATOM   432  C  CG2 . THR A 1 60  ? -4.294  12.100  -12.121 1.00 16.43  ? 60  THR A CG2 1 
ATOM   433  N  N   . GLY A 1 61  ? -1.412  10.971  -8.790  1.00 12.17  ? 61  GLY A N   1 
ATOM   434  C  CA  . GLY A 1 61  ? -0.502  11.134  -7.656  1.00 11.77  ? 61  GLY A CA  1 
ATOM   435  C  C   . GLY A 1 61  ? 0.913   10.840  -8.058  1.00 11.21  ? 61  GLY A C   1 
ATOM   436  O  O   . GLY A 1 61  ? 1.246   10.856  -9.246  1.00 11.59  ? 61  GLY A O   1 
ATOM   437  N  N   . VAL A 1 62  ? 1.728   10.584  -7.068  1.00 9.52   ? 62  VAL A N   1 
ATOM   438  C  CA  . VAL A 1 62  ? 3.170   10.350  -7.239  1.00 10.68  ? 62  VAL A CA  1 
ATOM   439  C  C   . VAL A 1 62  ? 3.533   9.167   -6.381  1.00 11.11  ? 62  VAL A C   1 
ATOM   440  O  O   . VAL A 1 62  ? 3.144   9.134   -5.203  1.00 12.85  ? 62  VAL A O   1 
ATOM   441  C  CB  . VAL A 1 62  ? 3.967   11.609  -6.879  1.00 11.00  ? 62  VAL A CB  1 
ATOM   442  C  CG1 . VAL A 1 62  ? 5.453   11.322  -6.856  1.00 12.04  ? 62  VAL A CG1 1 
ATOM   443  C  CG2 . VAL A 1 62  ? 3.654   12.777  -7.796  1.00 10.78  ? 62  VAL A CG2 1 
ATOM   444  N  N   . TYR A 1 63  ? 4.336   8.249   -6.915  1.00 11.31  ? 63  TYR A N   1 
ATOM   445  C  CA  . TYR A 1 63  ? 4.800   7.100   -6.105  1.00 9.72   ? 63  TYR A CA  1 
ATOM   446  C  C   . TYR A 1 63  ? 6.320   6.995   -6.087  1.00 11.43  ? 63  TYR A C   1 
ATOM   447  O  O   . TYR A 1 63  ? 6.982   7.436   -7.038  1.00 12.13  ? 63  TYR A O   1 
ATOM   448  C  CB  . TYR A 1 63  ? 4.197   5.771   -6.566  1.00 10.95  ? 63  TYR A CB  1 
ATOM   449  C  CG  . TYR A 1 63  ? 4.869   5.077   -7.733  1.00 11.64  ? 63  TYR A CG  1 
ATOM   450  C  CD1 . TYR A 1 63  ? 4.694   5.530   -9.030  1.00 12.43  ? 63  TYR A CD1 1 
ATOM   451  C  CD2 . TYR A 1 63  ? 5.707   3.996   -7.523  1.00 13.49  ? 63  TYR A CD2 1 
ATOM   452  C  CE1 . TYR A 1 63  ? 5.249   4.859   -10.110 1.00 14.52  ? 63  TYR A CE1 1 
ATOM   453  C  CE2 . TYR A 1 63  ? 6.294   3.330   -8.582  1.00 14.15  ? 63  TYR A CE2 1 
ATOM   454  C  CZ  . TYR A 1 63  ? 6.109   3.807   -9.867  1.00 14.70  ? 63  TYR A CZ  1 
ATOM   455  O  OH  . TYR A 1 63  ? 6.691   3.162   -10.929 1.00 15.84  ? 63  TYR A OH  1 
ATOM   456  N  N   . TYR A 1 64  ? 6.833   6.414   -5.033  1.00 11.34  ? 64  TYR A N   1 
ATOM   457  C  CA  . TYR A 1 64  ? 8.266   6.178   -4.876  1.00 12.29  ? 64  TYR A CA  1 
ATOM   458  C  C   . TYR A 1 64  ? 8.547   4.787   -5.384  1.00 11.71  ? 64  TYR A C   1 
ATOM   459  O  O   . TYR A 1 64  ? 8.023   3.775   -4.914  1.00 12.17  ? 64  TYR A O   1 
ATOM   460  C  CB  . TYR A 1 64  ? 8.712   6.340   -3.428  1.00 13.48  ? 64  TYR A CB  1 
ATOM   461  C  CG  . TYR A 1 64  ? 10.185  6.106   -3.311  1.00 15.83  ? 64  TYR A CG  1 
ATOM   462  C  CD1 . TYR A 1 64  ? 11.061  6.935   -4.011  1.00 18.30  ? 64  TYR A CD1 1 
ATOM   463  C  CD2 . TYR A 1 64  ? 10.695  5.069   -2.557  1.00 16.00  ? 64  TYR A CD2 1 
ATOM   464  C  CE1 . TYR A 1 64  ? 12.428  6.742   -3.948  1.00 20.21  ? 64  TYR A CE1 1 
ATOM   465  C  CE2 . TYR A 1 64  ? 12.067  4.831   -2.523  1.00 19.13  ? 64  TYR A CE2 1 
ATOM   466  C  CZ  . TYR A 1 64  ? 12.913  5.681   -3.213  1.00 20.58  ? 64  TYR A CZ  1 
ATOM   467  O  OH  . TYR A 1 64  ? 14.257  5.478   -3.205  1.00 20.77  ? 64  TYR A OH  1 
ATOM   468  N  N   . CYS A 1 65  ? 9.559   4.719   -6.243  1.00 12.23  ? 65  CYS A N   1 
ATOM   469  C  CA  . CYS A 1 65  ? 10.102  3.497   -6.877  1.00 12.87  ? 65  CYS A CA  1 
ATOM   470  C  C   . CYS A 1 65  ? 11.565  3.274   -6.444  1.00 14.62  ? 65  CYS A C   1 
ATOM   471  O  O   . CYS A 1 65  ? 12.500  3.936   -7.031  1.00 15.87  ? 65  CYS A O   1 
ATOM   472  C  CB  . CYS A 1 65  ? 9.992   3.616   -8.380  1.00 13.19  ? 65  CYS A CB  1 
ATOM   473  S  SG  . CYS A 1 65  ? 10.714  2.207   -9.242  1.00 15.62  ? 65  CYS A SG  1 
ATOM   474  N  N   . SER A 1 66  ? 11.763  2.439   -5.414  1.00 15.21  ? 66  SER A N   1 
ATOM   475  C  CA  . SER A 1 66  ? 13.109  2.199   -4.838  1.00 15.92  ? 66  SER A CA  1 
ATOM   476  C  C   . SER A 1 66  ? 14.043  1.654   -5.920  1.00 16.19  ? 66  SER A C   1 
ATOM   477  O  O   . SER A 1 66  ? 15.246  2.002   -5.823  1.00 18.53  ? 66  SER A O   1 
ATOM   478  C  CB  . SER A 1 66  ? 13.036  1.320   -3.621  1.00 17.77  ? 66  SER A CB  1 
ATOM   479  O  OG  . SER A 1 66  ? 12.737  -0.029  -3.938  1.00 20.69  ? 66  SER A OG  1 
ATOM   480  N  N   . SER A 1 67  ? 13.562  0.872   -6.864  1.00 14.90  ? 67  SER A N   1 
ATOM   481  C  CA  . SER A 1 67  ? 14.439  0.206   -7.874  1.00 15.77  ? 67  SER A CA  1 
ATOM   482  C  C   . SER A 1 67  ? 14.895  1.234   -8.918  1.00 18.30  ? 67  SER A C   1 
ATOM   483  O  O   . SER A 1 67  ? 15.685  0.821   -9.814  1.00 17.02  ? 67  SER A O   1 
ATOM   484  C  CB  . SER A 1 67  ? 13.815  -0.978  -8.513  1.00 16.28  ? 67  SER A CB  1 
ATOM   485  O  OG  . SER A 1 67  ? 12.640  -0.667  -9.252  1.00 16.24  ? 67  SER A OG  1 
ATOM   486  N  N   . ARG A 1 68  ? 14.530  2.519   -8.772  1.00 16.20  ? 68  ARG A N   1 
ATOM   487  C  CA  . ARG A 1 68  ? 14.947  3.637   -9.660  1.00 14.37  ? 68  ARG A CA  1 
ATOM   488  C  C   . ARG A 1 68  ? 15.452  4.781   -8.803  1.00 13.84  ? 68  ARG A C   1 
ATOM   489  O  O   . ARG A 1 68  ? 15.850  5.795   -9.368  1.00 17.17  ? 68  ARG A O   1 
ATOM   490  C  CB  . ARG A 1 68  ? 13.809  4.083   -10.580 1.00 14.25  ? 68  ARG A CB  1 
ATOM   491  C  CG  . ARG A 1 68  ? 13.365  3.021   -11.556 1.00 14.22  ? 68  ARG A CG  1 
ATOM   492  C  CD  . ARG A 1 68  ? 14.404  2.926   -12.702 1.00 14.81  ? 68  ARG A CD  1 
ATOM   493  N  NE  . ARG A 1 68  ? 14.015  1.960   -13.689 1.00 17.02  ? 68  ARG A NE  1 
ATOM   494  C  CZ  . ARG A 1 68  ? 14.270  0.649   -13.638 1.00 18.02  ? 68  ARG A CZ  1 
ATOM   495  N  NH1 . ARG A 1 68  ? 14.945  0.153   -12.614 1.00 18.23  ? 68  ARG A NH1 1 
ATOM   496  N  NH2 . ARG A 1 68  ? 13.853  -0.159  -14.598 1.00 17.57  ? 68  ARG A NH2 1 
ATOM   497  N  N   . ARG A 1 69  ? 15.282  4.736   -7.484  1.00 15.23  ? 69  ARG A N   1 
ATOM   498  C  CA  . ARG A 1 69  ? 15.568  5.884   -6.616  1.00 16.27  ? 69  ARG A CA  1 
ATOM   499  C  C   . ARG A 1 69  ? 14.838  7.096   -7.177  1.00 17.89  ? 69  ARG A C   1 
ATOM   500  O  O   . ARG A 1 69  ? 15.417  8.197   -7.148  1.00 20.59  ? 69  ARG A O   1 
ATOM   501  C  CB  . ARG A 1 69  ? 17.077  6.107   -6.505  1.00 19.08  ? 69  ARG A CB  1 
ATOM   502  C  CG  . ARG A 1 69  ? 17.790  5.014   -5.721  1.00 20.74  ? 69  ARG A CG  1 
ATOM   503  C  CD  . ARG A 1 69  ? 19.248  5.366   -5.522  1.00 21.59  ? 69  ARG A CD  1 
ATOM   504  N  NE  . ARG A 1 69  ? 20.040  4.295   -4.875  1.00 24.65  ? 69  ARG A NE  1 
ATOM   505  C  CZ  . ARG A 1 69  ? 21.095  3.676   -5.425  1.00 26.48  ? 69  ARG A CZ  1 
ATOM   506  N  NH1 . ARG A 1 69  ? 21.455  3.951   -6.674  1.00 26.80  ? 69  ARG A NH1 1 
ATOM   507  N  NH2 . ARG A 1 69  ? 21.732  2.723   -4.752  1.00 25.22  ? 69  ARG A NH2 1 
ATOM   508  N  N   . LYS A 1 70  ? 13.558  6.929   -7.549  1.00 19.99  ? 70  LYS A N   1 
ATOM   509  C  CA  . LYS A 1 70  ? 12.822  8.029   -8.225  1.00 18.98  ? 70  LYS A CA  1 
ATOM   510  C  C   . LYS A 1 70  ? 11.376  8.033   -7.751  1.00 17.04  ? 70  LYS A C   1 
ATOM   511  O  O   . LYS A 1 70  ? 10.830  6.938   -7.530  1.00 17.01  ? 70  LYS A O   1 
ATOM   512  C  CB  . LYS A 1 70  ? 12.854  7.922   -9.754  1.00 21.50  ? 70  LYS A CB  1 
ATOM   513  C  CG  . LYS A 1 70  ? 14.201  8.307   -10.364 1.00 28.15  ? 70  LYS A CG  1 
ATOM   514  C  CD  . LYS A 1 70  ? 14.092  9.021   -11.699 1.00 35.06  ? 70  LYS A CD  1 
ATOM   515  C  CE  . LYS A 1 70  ? 15.438  9.424   -12.264 1.00 42.04  ? 70  LYS A CE  1 
ATOM   516  N  NZ  . LYS A 1 70  ? 16.389  8.284   -12.302 1.00 47.86  ? 70  LYS A NZ  1 
ATOM   517  N  N   . HIS A 1 71  ? 10.838  9.221   -7.677  1.00 16.67  ? 71  HIS A N   1 
ATOM   518  C  CA  . HIS A 1 71  ? 9.379   9.446   -7.544  1.00 16.02  ? 71  HIS A CA  1 
ATOM   519  C  C   . HIS A 1 71  ? 8.820   9.728   -8.928  1.00 16.67  ? 71  HIS A C   1 
ATOM   520  O  O   . HIS A 1 71  ? 9.406   10.572  -9.645  1.00 19.33  ? 71  HIS A O   1 
ATOM   521  C  CB  . HIS A 1 71  ? 9.063   10.565  -6.564  1.00 15.38  ? 71  HIS A CB  1 
ATOM   522  C  CG  . HIS A 1 71  ? 9.477   10.320  -5.157  1.00 15.83  ? 71  HIS A CG  1 
ATOM   523  N  ND1 . HIS A 1 71  ? 8.586   10.003  -4.117  1.00 16.89  ? 71  HIS A ND1 1 
ATOM   524  C  CD2 . HIS A 1 71  ? 10.697  10.392  -4.597  1.00 17.71  ? 71  HIS A CD2 1 
ATOM   525  C  CE1 . HIS A 1 71  ? 9.258   9.824   -3.017  1.00 16.22  ? 71  HIS A CE1 1 
ATOM   526  N  NE2 . HIS A 1 71  ? 10.525  10.122  -3.251  1.00 20.07  ? 71  HIS A NE2 1 
ATOM   527  N  N   . TYR A 1 72  ? 7.741   9.047   -9.304  1.00 14.21  ? 72  TYR A N   1 
ATOM   528  C  CA  . TYR A 1 72  ? 7.068   9.191   -10.616 1.00 13.86  ? 72  TYR A CA  1 
ATOM   529  C  C   . TYR A 1 72  ? 5.621   9.638   -10.463 1.00 13.63  ? 72  TYR A C   1 
ATOM   530  O  O   . TYR A 1 72  ? 4.880   9.040   -9.695  1.00 13.22  ? 72  TYR A O   1 
ATOM   531  C  CB  . TYR A 1 72  ? 7.012   7.875   -11.388 1.00 13.98  ? 72  TYR A CB  1 
ATOM   532  C  CG  . TYR A 1 72  ? 8.362   7.331   -11.782 1.00 15.81  ? 72  TYR A CG  1 
ATOM   533  C  CD1 . TYR A 1 72  ? 9.026   7.850   -12.892 1.00 16.77  ? 72  TYR A CD1 1 
ATOM   534  C  CD2 . TYR A 1 72  ? 8.922   6.271   -11.105 1.00 17.11  ? 72  TYR A CD2 1 
ATOM   535  C  CE1 . TYR A 1 72  ? 10.280  7.351   -13.259 1.00 16.06  ? 72  TYR A CE1 1 
ATOM   536  C  CE2 . TYR A 1 72  ? 10.140  5.726   -11.488 1.00 17.51  ? 72  TYR A CE2 1 
ATOM   537  C  CZ  . TYR A 1 72  ? 10.807  6.280   -12.567 1.00 17.03  ? 72  TYR A CZ  1 
ATOM   538  O  OH  . TYR A 1 72  ? 11.999  5.720   -12.944 1.00 18.94  ? 72  TYR A OH  1 
ATOM   539  N  N   . PRO A 1 73  ? 5.202   10.633  -11.245 1.00 12.98  ? 73  PRO A N   1 
ATOM   540  C  CA  . PRO A 1 73  ? 3.807   11.023  -11.295 1.00 12.29  ? 73  PRO A CA  1 
ATOM   541  C  C   . PRO A 1 73  ? 3.099   9.951   -12.121 1.00 14.21  ? 73  PRO A C   1 
ATOM   542  O  O   . PRO A 1 73  ? 3.575   9.561   -13.207 1.00 15.97  ? 73  PRO A O   1 
ATOM   543  C  CB  . PRO A 1 73  ? 3.801   12.398  -11.995 1.00 12.78  ? 73  PRO A CB  1 
ATOM   544  C  CG  . PRO A 1 73  ? 5.090   12.432  -12.752 1.00 15.32  ? 73  PRO A CG  1 
ATOM   545  C  CD  . PRO A 1 73  ? 6.063   11.468  -12.098 1.00 14.80  ? 73  PRO A CD  1 
ATOM   546  N  N   . VAL A 1 74  ? 1.909   9.560   -11.661 1.00 12.21  ? 74  VAL A N   1 
ATOM   547  C  CA  . VAL A 1 74  ? 1.099   8.505   -12.317 1.00 13.04  ? 74  VAL A CA  1 
ATOM   548  C  C   . VAL A 1 74  ? -0.379  8.823   -12.211 1.00 12.97  ? 74  VAL A C   1 
ATOM   549  O  O   . VAL A 1 74  ? -0.848  9.411   -11.245 1.00 12.45  ? 74  VAL A O   1 
ATOM   550  C  CB  . VAL A 1 74  ? 1.324   7.131   -11.703 1.00 15.14  ? 74  VAL A CB  1 
ATOM   551  C  CG1 . VAL A 1 74  ? 2.685   6.582   -12.062 1.00 15.69  ? 74  VAL A CG1 1 
ATOM   552  C  CG2 . VAL A 1 74  ? 1.084   7.109   -10.208 1.00 15.62  ? 74  VAL A CG2 1 
ATOM   553  N  N   . SER A 1 75  ? -1.108  8.328   -13.186 1.00 12.98  ? 75  SER A N   1 
ATOM   554  C  CA  . SER A 1 75  ? -2.569  8.139   -13.145 1.00 13.97  ? 75  SER A CA  1 
ATOM   555  C  C   . SER A 1 75  ? -2.812  6.688   -12.723 1.00 13.44  ? 75  SER A C   1 
ATOM   556  O  O   . SER A 1 75  ? -2.081  5.800   -13.136 1.00 13.76  ? 75  SER A O   1 
ATOM   557  C  CB  . SER A 1 75  ? -3.222  8.388   -14.468 1.00 17.32  ? 75  SER A CB  1 
ATOM   558  O  OG  . SER A 1 75  ? -2.951  9.700   -14.901 1.00 20.28  ? 75  SER A OG  1 
ATOM   559  N  N   . PHE A 1 76  ? -3.824  6.471   -11.902 1.00 12.90  ? 76  PHE A N   1 
ATOM   560  C  CA  . PHE A 1 76  ? -4.109  5.114   -11.389 1.00 12.56  ? 76  PHE A CA  1 
ATOM   561  C  C   . PHE A 1 76  ? -5.603  4.874   -11.370 1.00 13.06  ? 76  PHE A C   1 
ATOM   562  O  O   . PHE A 1 76  ? -6.422  5.791   -11.218 1.00 15.45  ? 76  PHE A O   1 
ATOM   563  C  CB  . PHE A 1 76  ? -3.402  4.852   -10.051 1.00 12.47  ? 76  PHE A CB  1 
ATOM   564  C  CG  . PHE A 1 76  ? -3.707  5.857   -8.968  1.00 11.22  ? 76  PHE A CG  1 
ATOM   565  C  CD1 . PHE A 1 76  ? -3.007  7.035   -8.824  1.00 11.08  ? 76  PHE A CD1 1 
ATOM   566  C  CD2 . PHE A 1 76  ? -4.789  5.665   -8.105  1.00 12.46  ? 76  PHE A CD2 1 
ATOM   567  C  CE1 . PHE A 1 76  ? -3.304  7.957   -7.843  1.00 11.55  ? 76  PHE A CE1 1 
ATOM   568  C  CE2 . PHE A 1 76  ? -5.076  6.593   -7.126  1.00 11.26  ? 76  PHE A CE2 1 
ATOM   569  C  CZ  . PHE A 1 76  ? -4.330  7.725   -6.975  1.00 11.93  ? 76  PHE A CZ  1 
ATOM   570  N  N   . SER A 1 77  ? -5.924  3.577   -11.530 1.00 14.63  ? 77  SER A N   1 
ATOM   571  C  CA  . SER A 1 77  ? -7.335  3.099   -11.440 1.00 15.78  ? 77  SER A CA  1 
ATOM   572  C  C   . SER A 1 77  ? -7.881  3.168   -10.008 1.00 17.28  ? 77  SER A C   1 
ATOM   573  O  O   . SER A 1 77  ? -7.106  3.135   -9.120  1.00 17.14  ? 77  SER A O   1 
ATOM   574  C  CB  . SER A 1 77  ? -7.455  1.724   -12.025 1.00 17.34  ? 77  SER A CB  1 
ATOM   575  O  OG  . SER A 1 77  ? -6.674  0.766   -11.335 1.00 18.23  ? 77  SER A OG  1 
ATOM   576  N  N   . LYS A 1 78  ? -9.203  3.267   -9.809  1.00 16.71  ? 78  LYS A N   1 
ATOM   577  C  CA  . LYS A 1 78  ? -9.848  3.219   -8.460  1.00 17.71  ? 78  LYS A CA  1 
ATOM   578  C  C   . LYS A 1 78  ? -9.694  1.803   -7.905  1.00 18.13  ? 78  LYS A C   1 
ATOM   579  O  O   . LYS A 1 78  ? -9.546  0.821   -8.626  1.00 18.96  ? 78  LYS A O   1 
ATOM   580  C  CB  . LYS A 1 78  ? -11.311 3.659   -8.562  1.00 20.24  ? 78  LYS A CB  1 
ATOM   581  C  CG  . LYS A 1 78  ? -11.486 5.057   -9.126  1.00 20.36  ? 78  LYS A CG  1 
ATOM   582  C  CD  . LYS A 1 78  ? -12.941 5.489   -9.234  1.00 23.81  ? 78  LYS A CD  1 
ATOM   583  C  CE  . LYS A 1 78  ? -13.083 6.991   -9.340  1.00 27.03  ? 78  LYS A CE  1 
ATOM   584  N  NZ  . LYS A 1 78  ? -14.491 7.426   -9.135  1.00 32.81  ? 78  LYS A NZ  1 
ATOM   585  N  N   . PRO A 1 79  ? -9.639  1.704   -6.558  1.00 18.55  ? 79  PRO A N   1 
ATOM   586  C  CA  . PRO A 1 79  ? -9.414  0.411   -5.904  1.00 18.75  ? 79  PRO A CA  1 
ATOM   587  C  C   . PRO A 1 79  ? -10.435 -0.626  -6.377  1.00 18.77  ? 79  PRO A C   1 
ATOM   588  O  O   . PRO A 1 79  ? -11.636 -0.313  -6.348  1.00 21.94  ? 79  PRO A O   1 
ATOM   589  C  CB  . PRO A 1 79  ? -9.613  0.730   -4.422  1.00 19.41  ? 79  PRO A CB  1 
ATOM   590  C  CG  . PRO A 1 79  ? -9.306  2.188   -4.305  1.00 19.69  ? 79  PRO A CG  1 
ATOM   591  C  CD  . PRO A 1 79  ? -9.725  2.819   -5.618  1.00 18.12  ? 79  PRO A CD  1 
ATOM   592  N  N   . SER A 1 80  ? -9.965  -1.811  -6.775  0.32 20.07  ? 80  SER A N   1 
ATOM   593  C  CA  . SER A 1 80  ? -10.814 -2.900  -7.325  0.32 20.83  ? 80  SER A CA  1 
ATOM   594  C  C   . SER A 1 80  ? -10.193 -4.283  -7.085  0.32 21.76  ? 80  SER A C   1 
ATOM   595  O  O   . SER A 1 80  ? -9.029  -4.377  -6.632  0.32 20.97  ? 80  SER A O   1 
ATOM   596  C  CB  . SER A 1 80  ? -11.069 -2.671  -8.792  0.32 20.79  ? 80  SER A CB  1 
ATOM   597  O  OG  . SER A 1 80  ? -9.893  -2.909  -9.545  0.32 20.50  ? 80  SER A OG  1 
ATOM   598  N  N   . LEU A 1 81  ? -10.968 -5.320  -7.405  1.00 21.67  ? 81  LEU A N   1 
ATOM   599  C  CA  . LEU A 1 81  ? -10.578 -6.730  -7.284  1.00 25.08  ? 81  LEU A CA  1 
ATOM   600  C  C   . LEU A 1 81  ? -9.971  -7.093  -8.626  1.00 25.55  ? 81  LEU A C   1 
ATOM   601  O  O   . LEU A 1 81  ? -10.736 -7.208  -9.615  1.00 30.16  ? 81  LEU A O   1 
ATOM   602  C  CB  . LEU A 1 81  ? -11.881 -7.477  -6.976  1.00 29.58  ? 81  LEU A CB  1 
ATOM   603  C  CG  . LEU A 1 81  ? -11.733 -8.901  -6.479  1.00 34.63  ? 81  LEU A CG  1 
ATOM   604  C  CD1 . LEU A 1 81  ? -11.052 -8.905  -5.120  1.00 35.98  ? 81  LEU A CD1 1 
ATOM   605  C  CD2 . LEU A 1 81  ? -13.089 -9.605  -6.408  1.00 35.95  ? 81  LEU A CD2 1 
ATOM   606  N  N   . ILE A 1 82  ? -8.660  -6.932  -8.735  0.32 24.50  ? 82  ILE A N   1 
ATOM   607  C  CA  . ILE A 1 82  ? -7.909  -7.402  -9.924  0.32 22.98  ? 82  ILE A CA  1 
ATOM   608  C  C   . ILE A 1 82  ? -7.534  -8.825  -9.574  0.32 21.08  ? 82  ILE A C   1 
ATOM   609  O  O   . ILE A 1 82  ? -7.156  -9.066  -8.403  0.32 20.15  ? 82  ILE A O   1 
ATOM   610  C  CB  . ILE A 1 82  ? -6.654  -6.572  -10.277 0.32 23.44  ? 82  ILE A CB  1 
ATOM   611  C  CG1 . ILE A 1 82  ? -6.814  -5.074  -10.013 0.32 24.18  ? 82  ILE A CG1 1 
ATOM   612  C  CG2 . ILE A 1 82  ? -6.256  -6.836  -11.722 0.32 23.57  ? 82  ILE A CG2 1 
ATOM   613  C  CD1 . ILE A 1 82  ? -7.702  -4.373  -10.998 0.32 24.25  ? 82  ILE A CD1 1 
ATOM   614  N  N   . PHE A 1 83  ? -7.691  -9.723  -10.535 0.32 19.19  ? 83  PHE A N   1 
ATOM   615  C  CA  . PHE A 1 83  ? -6.872  -10.947 -10.594 0.32 18.58  ? 83  PHE A CA  1 
ATOM   616  C  C   . PHE A 1 83  ? -5.428  -10.461 -10.701 0.32 17.94  ? 83  PHE A C   1 
ATOM   617  O  O   . PHE A 1 83  ? -5.146  -9.582  -11.549 0.32 18.05  ? 83  PHE A O   1 
ATOM   618  C  CB  . PHE A 1 83  ? -7.288  -11.848 -11.752 0.32 18.27  ? 83  PHE A CB  1 
ATOM   619  C  CG  . PHE A 1 83  ? -6.666  -13.212 -11.655 0.32 18.79  ? 83  PHE A CG  1 
ATOM   620  C  CD1 . PHE A 1 83  ? -7.141  -14.132 -10.734 0.32 18.78  ? 83  PHE A CD1 1 
ATOM   621  C  CD2 . PHE A 1 83  ? -5.575  -13.554 -12.437 0.32 19.08  ? 83  PHE A CD2 1 
ATOM   622  C  CE1 . PHE A 1 83  ? -6.561  -15.385 -10.624 0.32 18.77  ? 83  PHE A CE1 1 
ATOM   623  C  CE2 . PHE A 1 83  ? -4.999  -14.809 -12.327 0.32 19.25  ? 83  PHE A CE2 1 
ATOM   624  C  CZ  . PHE A 1 83  ? -5.495  -15.723 -11.426 0.32 19.52  ? 83  PHE A CZ  1 
ATOM   625  N  N   . VAL A 1 84  ? -4.583  -10.920 -9.781  0.32 16.23  ? 84  VAL A N   1 
ATOM   626  C  CA  . VAL A 1 84  ? -3.122  -10.639 -9.771  0.32 16.25  ? 84  VAL A CA  1 
ATOM   627  C  C   . VAL A 1 84  ? -2.409  -11.956 -10.048 0.32 16.68  ? 84  VAL A C   1 
ATOM   628  O  O   . VAL A 1 84  ? -2.764  -12.967 -9.407  0.32 16.87  ? 84  VAL A O   1 
ATOM   629  C  CB  . VAL A 1 84  ? -2.691  -9.989  -8.446  0.32 15.65  ? 84  VAL A CB  1 
ATOM   630  C  CG1 . VAL A 1 84  ? -1.186  -9.786  -8.359  0.32 15.29  ? 84  VAL A CG1 1 
ATOM   631  C  CG2 . VAL A 1 84  ? -3.412  -8.666  -8.262  0.32 15.30  ? 84  VAL A CG2 1 
ATOM   632  N  N   . GLU A 1 85  ? -1.466  -11.935 -10.987 0.32 17.05  ? 85  GLU A N   1 
ATOM   633  C  CA  . GLU A 1 85  ? -0.669  -13.124 -11.373 0.32 17.95  ? 85  GLU A CA  1 
ATOM   634  C  C   . GLU A 1 85  ? 0.235   -13.498 -10.197 0.32 18.26  ? 85  GLU A C   1 
ATOM   635  O  O   . GLU A 1 85  ? 0.643   -12.589 -9.437  0.32 17.58  ? 85  GLU A O   1 
ATOM   636  C  CB  . GLU A 1 85  ? 0.109   -12.845 -12.657 0.32 18.61  ? 85  GLU A CB  1 
ATOM   637  C  CG  . GLU A 1 85  ? -0.791  -12.566 -13.849 0.32 18.72  ? 85  GLU A CG  1 
ATOM   638  C  CD  . GLU A 1 85  ? -1.756  -13.695 -14.177 0.32 19.62  ? 85  GLU A CD  1 
ATOM   639  O  OE1 . GLU A 1 85  ? -1.354  -14.865 -14.021 0.32 19.65  ? 85  GLU A OE1 1 
ATOM   640  O  OE2 . GLU A 1 85  ? -2.909  -13.402 -14.565 0.32 21.07  ? 85  GLU A OE2 1 
ATOM   641  N  N   . ALA A 1 86  ? 0.532   -14.793 -10.055 0.32 19.31  ? 86  ALA A N   1 
ATOM   642  C  CA  . ALA A 1 86  ? 1.295   -15.368 -8.925  0.32 19.58  ? 86  ALA A CA  1 
ATOM   643  C  C   . ALA A 1 86  ? 2.538   -14.522 -8.652  0.32 20.02  ? 86  ALA A C   1 
ATOM   644  O  O   . ALA A 1 86  ? 3.229   -14.167 -9.618  0.32 19.92  ? 86  ALA A O   1 
ATOM   645  C  CB  . ALA A 1 86  ? 1.684   -16.790 -9.229  0.32 19.43  ? 86  ALA A CB  1 
ATOM   646  N  N   . SER A 1 87  ? 2.776   -14.209 -7.377  0.32 20.93  ? 87  SER A N   1 
ATOM   647  C  CA  . SER A 1 87  ? 4.076   -13.750 -6.824  0.32 21.22  ? 87  SER A CA  1 
ATOM   648  C  C   . SER A 1 87  ? 4.641   -14.868 -5.939  0.32 21.25  ? 87  SER A C   1 
ATOM   649  O  O   . SER A 1 87  ? 3.978   -15.919 -5.838  0.32 20.52  ? 87  SER A O   1 
ATOM   650  C  CB  . SER A 1 87  ? 3.914   -12.462 -6.061  0.32 21.11  ? 87  SER A CB  1 
ATOM   651  O  OG  . SER A 1 87  ? 3.262   -12.687 -4.826  0.32 21.50  ? 87  SER A OG  1 
ATOM   652  N  N   . GLU A 1 88  ? 5.795   -14.649 -5.299  0.32 21.78  ? 88  GLU A N   1 
ATOM   653  C  CA  . GLU A 1 88  ? 6.407   -15.604 -4.332  0.32 22.45  ? 88  GLU A CA  1 
ATOM   654  C  C   . GLU A 1 88  ? 5.496   -15.762 -3.105  0.32 22.61  ? 88  GLU A C   1 
ATOM   655  O  O   . GLU A 1 88  ? 5.430   -16.890 -2.567  0.32 21.62  ? 88  GLU A O   1 
ATOM   656  C  CB  . GLU A 1 88  ? 7.808   -15.133 -3.929  0.32 22.88  ? 88  GLU A CB  1 
ATOM   657  C  CG  . GLU A 1 88  ? 8.508   -16.040 -2.924  0.32 23.86  ? 88  GLU A CG  1 
ATOM   658  C  CD  . GLU A 1 88  ? 8.690   -15.465 -1.527  0.32 24.42  ? 88  GLU A CD  1 
ATOM   659  O  OE1 . GLU A 1 88  ? 9.211   -14.332 -1.420  0.32 24.47  ? 88  GLU A OE1 1 
ATOM   660  O  OE2 . GLU A 1 88  ? 8.333   -16.150 -0.544  0.32 24.15  ? 88  GLU A OE2 1 
ATOM   661  N  N   . TYR A 1 89  ? 4.789   -14.693 -2.720  0.32 23.18  ? 89  TYR A N   1 
ATOM   662  C  CA  . TYR A 1 89  ? 4.099   -14.537 -1.411  0.32 22.42  ? 89  TYR A CA  1 
ATOM   663  C  C   . TYR A 1 89  ? 2.609   -14.897 -1.490  0.32 22.08  ? 89  TYR A C   1 
ATOM   664  O  O   . TYR A 1 89  ? 2.060   -15.289 -0.437  0.32 22.79  ? 89  TYR A O   1 
ATOM   665  C  CB  . TYR A 1 89  ? 4.274   -13.108 -0.897  0.32 22.43  ? 89  TYR A CB  1 
ATOM   666  C  CG  . TYR A 1 89  ? 5.712   -12.713 -0.674  0.32 23.11  ? 89  TYR A CG  1 
ATOM   667  C  CD1 . TYR A 1 89  ? 6.466   -12.135 -1.685  0.32 23.16  ? 89  TYR A CD1 1 
ATOM   668  C  CD2 . TYR A 1 89  ? 6.327   -12.934 0.548   0.32 23.44  ? 89  TYR A CD2 1 
ATOM   669  C  CE1 . TYR A 1 89  ? 7.788   -11.774 -1.483  0.32 23.35  ? 89  TYR A CE1 1 
ATOM   670  C  CE2 . TYR A 1 89  ? 7.645   -12.570 0.772   0.32 23.72  ? 89  TYR A CE2 1 
ATOM   671  C  CZ  . TYR A 1 89  ? 8.378   -11.986 -0.247  0.32 23.63  ? 89  TYR A CZ  1 
ATOM   672  O  OH  . TYR A 1 89  ? 9.680   -11.645 -0.022  0.32 24.34  ? 89  TYR A OH  1 
ATOM   673  N  N   . TYR A 1 90  ? 1.971   -14.759 -2.660  0.32 21.97  ? 90  TYR A N   1 
ATOM   674  C  CA  . TYR A 1 90  ? 0.538   -15.093 -2.878  0.32 21.97  ? 90  TYR A CA  1 
ATOM   675  C  C   . TYR A 1 90  ? 0.372   -15.964 -4.119  0.32 22.96  ? 90  TYR A C   1 
ATOM   676  O  O   . TYR A 1 90  ? 1.070   -15.767 -5.111  0.32 21.91  ? 90  TYR A O   1 
ATOM   677  C  CB  . TYR A 1 90  ? -0.309  -13.827 -3.026  0.32 21.30  ? 90  TYR A CB  1 
ATOM   678  C  CG  . TYR A 1 90  ? -0.293  -12.935 -1.815  0.32 20.58  ? 90  TYR A CG  1 
ATOM   679  C  CD1 . TYR A 1 90  ? 0.359   -11.714 -1.844  0.32 19.97  ? 90  TYR A CD1 1 
ATOM   680  C  CD2 . TYR A 1 90  ? -0.914  -13.318 -0.635  0.32 20.48  ? 90  TYR A CD2 1 
ATOM   681  C  CE1 . TYR A 1 90  ? 0.389   -10.890 -0.732  0.32 19.15  ? 90  TYR A CE1 1 
ATOM   682  C  CE2 . TYR A 1 90  ? -0.893  -12.504 0.486   0.32 19.34  ? 90  TYR A CE2 1 
ATOM   683  C  CZ  . TYR A 1 90  ? -0.247  -11.283 0.432   0.32 19.08  ? 90  TYR A CZ  1 
ATOM   684  O  OH  . TYR A 1 90  ? -0.207  -10.476 1.528   0.32 17.09  ? 90  TYR A OH  1 
ATOM   685  N  N   . PRO A 1 91  ? -0.583  -16.924 -4.112  0.32 24.37  ? 91  PRO A N   1 
ATOM   686  C  CA  . PRO A 1 91  ? -0.812  -17.793 -5.267  0.32 25.84  ? 91  PRO A CA  1 
ATOM   687  C  C   . PRO A 1 91  ? -1.323  -17.005 -6.485  0.32 27.07  ? 91  PRO A C   1 
ATOM   688  O  O   . PRO A 1 91  ? -0.850  -17.249 -7.575  0.32 28.39  ? 91  PRO A O   1 
ATOM   689  C  CB  . PRO A 1 91  ? -1.846  -18.811 -4.756  0.32 25.62  ? 91  PRO A CB  1 
ATOM   690  C  CG  . PRO A 1 91  ? -2.563  -18.092 -3.630  0.32 25.43  ? 91  PRO A CG  1 
ATOM   691  C  CD  . PRO A 1 91  ? -1.501  -17.218 -2.998  0.32 24.93  ? 91  PRO A CD  1 
ATOM   692  N  N   . ALA A 1 92  ? -2.250  -16.069 -6.267  0.32 28.40  ? 92  ALA A N   1 
ATOM   693  C  CA  . ALA A 1 92  ? -2.819  -15.180 -7.309  0.32 29.23  ? 92  ALA A CA  1 
ATOM   694  C  C   . ALA A 1 92  ? -4.055  -14.482 -6.744  0.32 30.32  ? 92  ALA A C   1 
ATOM   695  O  O   . ALA A 1 92  ? -4.018  -13.244 -6.587  0.32 32.12  ? 92  ALA A O   1 
ATOM   696  C  CB  . ALA A 1 92  ? -3.169  -15.970 -8.546  0.32 29.07  ? 92  ALA A CB  1 
ATOM   697  N  N   . ARG A 1 93  ? -5.075  -15.286 -6.424  0.32 29.95  ? 93  ARG A N   1 
ATOM   698  C  CA  . ARG A 1 93  ? -6.428  -14.877 -5.966  0.32 29.02  ? 93  ARG A CA  1 
ATOM   699  C  C   . ARG A 1 93  ? -6.831  -13.572 -6.655  0.32 27.69  ? 93  ARG A C   1 
ATOM   700  O  O   . ARG A 1 93  ? -6.098  -13.085 -7.538  0.32 28.28  ? 93  ARG A O   1 
ATOM   701  C  CB  . ARG A 1 93  ? -6.478  -14.739 -4.437  0.32 29.05  ? 93  ARG A CB  1 
ATOM   702  C  CG  . ARG A 1 93  ? -5.810  -13.490 -3.875  0.32 29.40  ? 93  ARG A CG  1 
ATOM   703  C  CD  . ARG A 1 93  ? -4.375  -13.724 -3.458  0.32 28.65  ? 93  ARG A CD  1 
ATOM   704  N  NE  . ARG A 1 93  ? -3.727  -12.480 -3.072  0.32 28.52  ? 93  ARG A NE  1 
ATOM   705  C  CZ  . ARG A 1 93  ? -3.670  -12.003 -1.834  0.32 28.54  ? 93  ARG A CZ  1 
ATOM   706  N  NH1 . ARG A 1 93  ? -4.220  -12.668 -0.829  0.32 28.73  ? 93  ARG A NH1 1 
ATOM   707  N  NH2 . ARG A 1 93  ? -3.050  -10.859 -1.603  0.32 28.32  ? 93  ARG A NH2 1 
ATOM   708  N  N   . TYR A 1 94  ? -7.974  -13.030 -6.254  0.32 27.79  ? 94  TYR A N   1 
ATOM   709  C  CA  . TYR A 1 94  ? -8.370  -11.638 -6.560  0.32 27.34  ? 94  TYR A CA  1 
ATOM   710  C  C   . TYR A 1 94  ? -7.826  -10.746 -5.439  0.32 27.56  ? 94  TYR A C   1 
ATOM   711  O  O   . TYR A 1 94  ? -8.441  -10.689 -4.351  0.32 29.10  ? 94  TYR A O   1 
ATOM   712  C  CB  . TYR A 1 94  ? -9.882  -11.563 -6.762  0.32 27.00  ? 94  TYR A CB  1 
ATOM   713  C  CG  . TYR A 1 94  ? -10.346 -11.938 -8.148  0.32 26.64  ? 94  TYR A CG  1 
ATOM   714  C  CD1 . TYR A 1 94  ? -10.465 -10.980 -9.142  0.32 26.43  ? 94  TYR A CD1 1 
ATOM   715  C  CD2 . TYR A 1 94  ? -10.664 -13.248 -8.468  0.32 26.78  ? 94  TYR A CD2 1 
ATOM   716  C  CE1 . TYR A 1 94  ? -10.888 -11.311 -10.418 0.32 26.40  ? 94  TYR A CE1 1 
ATOM   717  C  CE2 . TYR A 1 94  ? -11.088 -13.598 -9.741  0.32 26.70  ? 94  TYR A CE2 1 
ATOM   718  C  CZ  . TYR A 1 94  ? -11.200 -12.625 -10.719 0.32 26.49  ? 94  TYR A CZ  1 
ATOM   719  O  OH  . TYR A 1 94  ? -11.614 -12.954 -11.975 0.32 25.87  ? 94  TYR A OH  1 
ATOM   720  N  N   . GLN A 1 95  ? -6.663  -10.133 -5.683  0.32 27.23  ? 95  GLN A N   1 
ATOM   721  C  CA  . GLN A 1 95  ? -6.097  -9.052  -4.836  0.32 26.32  ? 95  GLN A CA  1 
ATOM   722  C  C   . GLN A 1 95  ? -7.117  -7.919  -4.826  0.32 24.38  ? 95  GLN A C   1 
ATOM   723  O  O   . GLN A 1 95  ? -7.358  -7.332  -5.905  0.32 24.92  ? 95  GLN A O   1 
ATOM   724  C  CB  . GLN A 1 95  ? -4.748  -8.562  -5.368  0.32 27.95  ? 95  GLN A CB  1 
ATOM   725  C  CG  . GLN A 1 95  ? -3.577  -8.777  -4.420  0.32 29.37  ? 95  GLN A CG  1 
ATOM   726  C  CD  . GLN A 1 95  ? -3.552  -7.797  -3.271  0.32 30.55  ? 95  GLN A CD  1 
ATOM   727  O  OE1 . GLN A 1 95  ? -3.490  -8.183  -2.108  0.32 31.43  ? 95  GLN A OE1 1 
ATOM   728  N  NE2 . GLN A 1 95  ? -3.595  -6.513  -3.587  0.32 31.50  ? 95  GLN A NE2 1 
ATOM   729  N  N   . SER A 1 96  ? -7.715  -7.656  -3.669  1.00 21.31  ? 96  SER A N   1 
ATOM   730  C  CA  . SER A 1 96  ? -8.767  -6.631  -3.513  1.00 22.03  ? 96  SER A CA  1 
ATOM   731  C  C   . SER A 1 96  ? -8.152  -5.267  -3.191  1.00 21.95  ? 96  SER A C   1 
ATOM   732  O  O   . SER A 1 96  ? -6.956  -5.226  -2.785  1.00 19.43  ? 96  SER A O   1 
ATOM   733  C  CB  . SER A 1 96  ? -9.742  -7.008  -2.456  1.00 23.52  ? 96  SER A CB  1 
ATOM   734  O  OG  . SER A 1 96  ? -9.080  -7.158  -1.217  1.00 24.89  ? 96  SER A OG  1 
ATOM   735  N  N   . HIS A 1 97  ? -8.960  -4.217  -3.331  1.00 19.01  ? 97  HIS A N   1 
ATOM   736  C  CA  . HIS A 1 97  ? -8.599  -2.813  -3.008  1.00 19.23  ? 97  HIS A CA  1 
ATOM   737  C  C   . HIS A 1 97  ? -7.275  -2.439  -3.709  1.00 17.84  ? 97  HIS A C   1 
ATOM   738  O  O   . HIS A 1 97  ? -6.508  -1.682  -3.109  1.00 16.79  ? 97  HIS A O   1 
ATOM   739  C  CB  . HIS A 1 97  ? -8.563  -2.683  -1.501  1.00 21.03  ? 97  HIS A CB  1 
ATOM   740  C  CG  . HIS A 1 97  ? -9.878  -2.938  -0.850  1.00 21.52  ? 97  HIS A CG  1 
ATOM   741  N  ND1 . HIS A 1 97  ? -10.722 -1.923  -0.516  1.00 21.77  ? 97  HIS A ND1 1 
ATOM   742  C  CD2 . HIS A 1 97  ? -10.443 -4.088  -0.392  1.00 24.00  ? 97  HIS A CD2 1 
ATOM   743  C  CE1 . HIS A 1 97  ? -11.771 -2.424  0.127   1.00 23.96  ? 97  HIS A CE1 1 
ATOM   744  N  NE2 . HIS A 1 97  ? -11.643 -3.733  0.178   1.00 24.94  ? 97  HIS A NE2 1 
ATOM   745  N  N   . LEU A 1 98  ? -7.051  -2.932  -4.904  1.00 17.37  ? 98  LEU A N   1 
ATOM   746  C  CA  . LEU A 1 98  ? -5.826  -2.722  -5.687  1.00 16.91  ? 98  LEU A CA  1 
ATOM   747  C  C   . LEU A 1 98  ? -6.095  -1.634  -6.747  1.00 18.22  ? 98  LEU A C   1 
ATOM   748  O  O   . LEU A 1 98  ? -7.120  -1.684  -7.444  1.00 17.84  ? 98  LEU A O   1 
ATOM   749  C  CB  . LEU A 1 98  ? -5.382  -4.025  -6.341  1.00 18.23  ? 98  LEU A CB  1 
ATOM   750  C  CG  . LEU A 1 98  ? -4.031  -3.975  -7.045  1.00 19.00  ? 98  LEU A CG  1 
ATOM   751  C  CD1 . LEU A 1 98  ? -2.927  -3.716  -6.054  1.00 17.09  ? 98  LEU A CD1 1 
ATOM   752  C  CD2 . LEU A 1 98  ? -3.714  -5.213  -7.886  1.00 17.74  ? 98  LEU A CD2 1 
ATOM   753  N  N   . MET A 1 99  ? -5.129  -0.734  -6.882  1.00 14.61  ? 99  MET A N   1 
ATOM   754  C  CA  . MET A 1 99  ? -5.094  0.347   -7.911  1.00 14.58  ? 99  MET A CA  1 
ATOM   755  C  C   . MET A 1 99  ? -3.954  0.052   -8.849  1.00 15.07  ? 99  MET A C   1 
ATOM   756  O  O   . MET A 1 99  ? -2.875  -0.306  -8.383  1.00 16.49  ? 99  MET A O   1 
ATOM   757  C  CB  . MET A 1 99  ? -4.883  1.702   -7.237  1.00 13.66  ? 99  MET A CB  1 
ATOM   758  C  CG  . MET A 1 99  ? -6.055  2.095   -6.315  1.00 14.33  ? 99  MET A CG  1 
ATOM   759  S  SD  . MET A 1 99  ? -5.757  3.436   -5.272  1.00 16.28  ? 99  MET A SD  1 
ATOM   760  C  CE  . MET A 1 99  ? -4.418  2.883   -4.210  1.00 14.96  ? 99  MET A CE  1 
ATOM   761  N  N   . LEU A 1 100 ? -4.133  0.237   -10.157 1.00 14.90  ? 100 LEU A N   1 
ATOM   762  C  CA  . LEU A 1 100 ? -3.035  -0.030  -11.103 1.00 14.18  ? 100 LEU A CA  1 
ATOM   763  C  C   . LEU A 1 100 ? -2.647  1.270   -11.807 1.00 14.22  ? 100 LEU A C   1 
ATOM   764  O  O   . LEU A 1 100 ? -3.510  2.113   -12.081 1.00 15.13  ? 100 LEU A O   1 
ATOM   765  C  CB  . LEU A 1 100 ? -3.470  -1.049  -12.163 1.00 18.91  ? 100 LEU A CB  1 
ATOM   766  C  CG  . LEU A 1 100 ? -3.637  -2.479  -11.669 1.00 20.81  ? 100 LEU A CG  1 
ATOM   767  C  CD1 . LEU A 1 100 ? -4.352  -3.311  -12.723 1.00 24.09  ? 100 LEU A CD1 1 
ATOM   768  C  CD2 . LEU A 1 100 ? -2.286  -3.089  -11.292 1.00 21.95  ? 100 LEU A CD2 1 
ATOM   769  N  N   . ALA A 1 101 ? -1.351  1.475   -11.989 0.32 14.71  ? 101 ALA A N   1 
ATOM   770  C  CA  . ALA A 1 101 ? -0.812  2.604   -12.772 0.32 15.01  ? 101 ALA A CA  1 
ATOM   771  C  C   . ALA A 1 101 ? 0.035   2.029   -13.891 0.32 15.70  ? 101 ALA A C   1 
ATOM   772  O  O   . ALA A 1 101 ? 0.316   0.814   -13.862 0.32 15.37  ? 101 ALA A O   1 
ATOM   773  C  CB  . ALA A 1 101 ? 0.003   3.540   -11.914 0.32 15.25  ? 101 ALA A CB  1 
ATOM   774  N  N   . VAL A 1 102 ? 0.389   2.895   -14.836 0.32 16.40  ? 102 VAL A N   1 
ATOM   775  C  CA  . VAL A 1 102 ? 1.431   2.629   -15.860 0.32 16.83  ? 102 VAL A CA  1 
ATOM   776  C  C   . VAL A 1 102 ? 2.744   3.206   -15.326 0.32 16.91  ? 102 VAL A C   1 
ATOM   777  O  O   . VAL A 1 102 ? 2.870   4.450   -15.232 0.32 17.08  ? 102 VAL A O   1 
ATOM   778  C  CB  . VAL A 1 102 ? 1.008   3.194   -17.228 0.32 17.17  ? 102 VAL A CB  1 
ATOM   779  C  CG1 . VAL A 1 102 ? 2.083   3.007   -18.286 0.32 17.16  ? 102 VAL A CG1 1 
ATOM   780  C  CG2 . VAL A 1 102 ? -0.301  2.570   -17.684 0.32 17.20  ? 102 VAL A CG2 1 
ATOM   781  N  N   . GLY A 1 103 ? 3.650   2.317   -14.915 0.32 17.44  ? 103 GLY A N   1 
ATOM   782  C  CA  . GLY A 1 103 ? 4.968   2.668   -14.358 0.32 17.54  ? 103 GLY A CA  1 
ATOM   783  C  C   . GLY A 1 103 ? 5.765   1.429   -14.017 0.32 17.44  ? 103 GLY A C   1 
ATOM   784  O  O   . GLY A 1 103 ? 5.153   0.364   -13.830 0.32 17.69  ? 103 GLY A O   1 
ATOM   785  N  N   . HIS A 1 104 ? 7.086   1.554   -13.935 0.32 17.06  ? 104 HIS A N   1 
ATOM   786  C  CA  . HIS A 1 104 ? 7.974   0.405   -13.641 0.32 16.67  ? 104 HIS A CA  1 
ATOM   787  C  C   . HIS A 1 104 ? 7.812   -0.003  -12.176 0.32 15.68  ? 104 HIS A C   1 
ATOM   788  O  O   . HIS A 1 104 ? 7.577   0.874   -11.334 0.32 15.97  ? 104 HIS A O   1 
ATOM   789  C  CB  . HIS A 1 104 ? 9.444   0.699   -13.947 0.32 17.05  ? 104 HIS A CB  1 
ATOM   790  C  CG  . HIS A 1 104 ? 10.305  -0.483  -13.655 0.32 17.42  ? 104 HIS A CG  1 
ATOM   791  N  ND1 . HIS A 1 104 ? 10.233  -1.633  -14.407 0.32 16.96  ? 104 HIS A ND1 1 
ATOM   792  C  CD2 . HIS A 1 104 ? 11.186  -0.730  -12.661 0.32 17.10  ? 104 HIS A CD2 1 
ATOM   793  C  CE1 . HIS A 1 104 ? 11.066  -2.530  -13.910 0.32 16.94  ? 104 HIS A CE1 1 
ATOM   794  N  NE2 . HIS A 1 104 ? 11.658  -2.001  -12.838 0.32 17.00  ? 104 HIS A NE2 1 
ATOM   795  N  N   . SER A 1 105 ? 7.957   -1.293  -11.891 0.32 15.39  ? 105 SER A N   1 
ATOM   796  C  CA  . SER A 1 105 ? 8.027   -1.833  -10.512 0.32 14.58  ? 105 SER A CA  1 
ATOM   797  C  C   . SER A 1 105 ? 8.593   -3.255  -10.556 0.32 14.24  ? 105 SER A C   1 
ATOM   798  O  O   . SER A 1 105 ? 8.454   -3.928  -11.602 0.32 14.44  ? 105 SER A O   1 
ATOM   799  C  CB  . SER A 1 105 ? 6.678   -1.759  -9.826  0.32 14.75  ? 105 SER A CB  1 
ATOM   800  O  OG  . SER A 1 105 ? 5.754   -2.659  -10.410 0.32 14.89  ? 105 SER A OG  1 
ATOM   801  N  N   . GLU A 1 106 ? 9.235   -3.661  -9.467  0.32 12.76  ? 106 GLU A N   1 
ATOM   802  C  CA  . GLU A 1 106 ? 9.758   -5.033  -9.238  0.32 12.85  ? 106 GLU A CA  1 
ATOM   803  C  C   . GLU A 1 106 ? 9.299   -5.455  -7.846  0.32 12.36  ? 106 GLU A C   1 
ATOM   804  O  O   . GLU A 1 106 ? 8.839   -4.614  -7.066  0.32 12.72  ? 106 GLU A O   1 
ATOM   805  C  CB  . GLU A 1 106 ? 11.279  -5.052  -9.418  0.32 13.07  ? 106 GLU A CB  1 
ATOM   806  C  CG  . GLU A 1 106 ? 11.737  -4.674  -10.817 0.32 13.36  ? 106 GLU A CG  1 
ATOM   807  C  CD  . GLU A 1 106 ? 13.240  -4.492  -10.993 0.32 13.44  ? 106 GLU A CD  1 
ATOM   808  O  OE1 . GLU A 1 106 ? 14.011  -5.227  -10.359 0.32 14.09  ? 106 GLU A OE1 1 
ATOM   809  O  OE2 . GLU A 1 106 ? 13.634  -3.612  -11.774 0.32 13.53  ? 106 GLU A OE2 1 
ATOM   810  N  N   . PRO A 1 107 ? 9.358   -6.760  -7.495  0.32 12.25  ? 107 PRO A N   1 
ATOM   811  C  CA  . PRO A 1 107 ? 8.865   -7.233  -6.197  0.32 12.34  ? 107 PRO A CA  1 
ATOM   812  C  C   . PRO A 1 107 ? 9.346   -6.431  -4.975  0.32 12.36  ? 107 PRO A C   1 
ATOM   813  O  O   . PRO A 1 107 ? 8.546   -6.172  -4.097  0.32 12.66  ? 107 PRO A O   1 
ATOM   814  C  CB  . PRO A 1 107 ? 9.427   -8.661  -6.137  0.32 12.26  ? 107 PRO A CB  1 
ATOM   815  C  CG  . PRO A 1 107 ? 9.466   -9.096  -7.586  0.32 12.06  ? 107 PRO A CG  1 
ATOM   816  C  CD  . PRO A 1 107 ? 9.899   -7.850  -8.328  0.32 12.33  ? 107 PRO A CD  1 
ATOM   817  N  N   . GLY A 1 108 ? 10.619  -6.032  -4.955  0.32 12.04  ? 108 GLY A N   1 
ATOM   818  C  CA  . GLY A 1 108 ? 11.222  -5.291  -3.829  0.32 11.77  ? 108 GLY A CA  1 
ATOM   819  C  C   . GLY A 1 108 ? 10.701  -3.865  -3.724  0.32 11.52  ? 108 GLY A C   1 
ATOM   820  O  O   . GLY A 1 108 ? 10.990  -3.204  -2.705  0.32 10.66  ? 108 GLY A O   1 
ATOM   821  N  N   . ASP A 1 109 ? 9.949   -3.388  -4.719  0.32 11.61  ? 109 ASP A N   1 
ATOM   822  C  CA  . ASP A 1 109 ? 9.399   -2.008  -4.685  0.32 11.49  ? 109 ASP A CA  1 
ATOM   823  C  C   . ASP A 1 109 ? 8.124   -1.956  -3.840  0.32 11.30  ? 109 ASP A C   1 
ATOM   824  O  O   . ASP A 1 109 ? 7.706   -0.838  -3.518  0.32 10.99  ? 109 ASP A O   1 
ATOM   825  C  CB  . ASP A 1 109 ? 9.175   -1.440  -6.086  0.32 11.77  ? 109 ASP A CB  1 
ATOM   826  C  CG  . ASP A 1 109 ? 10.465  -0.933  -6.715  0.32 11.63  ? 109 ASP A CG  1 
ATOM   827  O  OD1 . ASP A 1 109 ? 11.223  -0.174  -6.001  0.32 12.19  ? 109 ASP A OD1 1 
ATOM   828  O  OD2 . ASP A 1 109 ? 10.695  -1.285  -7.906  0.32 12.54  ? 109 ASP A OD2 1 
ATOM   829  N  N   . CYS A 1 110 ? 7.548   -3.102  -3.462  0.32 11.27  ? 110 CYS A N   1 
ATOM   830  C  CA  . CYS A 1 110 ? 6.409   -3.142  -2.510  0.32 11.30  ? 110 CYS A CA  1 
ATOM   831  C  C   . CYS A 1 110 ? 6.788   -2.295  -1.294  0.32 11.05  ? 110 CYS A C   1 
ATOM   832  O  O   . CYS A 1 110 ? 7.896   -2.504  -0.749  0.32 11.70  ? 110 CYS A O   1 
ATOM   833  C  CB  . CYS A 1 110 ? 6.066   -4.565  -2.083  0.32 11.40  ? 110 CYS A CB  1 
ATOM   834  S  SG  . CYS A 1 110 ? 5.137   -5.491  -3.333  0.32 13.02  ? 110 CYS A SG  1 
ATOM   835  N  N   . GLY A 1 111 ? 5.900   -1.388  -0.877  0.32 10.70  ? 111 GLY A N   1 
ATOM   836  C  CA  . GLY A 1 111 ? 6.106   -0.533  0.304   0.32 10.49  ? 111 GLY A CA  1 
ATOM   837  C  C   . GLY A 1 111 ? 6.362   0.921   -0.052  0.32 10.46  ? 111 GLY A C   1 
ATOM   838  O  O   . GLY A 1 111 ? 6.458   1.740   0.888   0.32 9.91   ? 111 GLY A O   1 
ATOM   839  N  N   . GLY A 1 112 ? 6.543   1.240   -1.341  0.32 10.55  ? 112 GLY A N   1 
ATOM   840  C  CA  . GLY A 1 112 ? 6.723   2.633   -1.798  0.32 10.77  ? 112 GLY A CA  1 
ATOM   841  C  C   . GLY A 1 112 ? 5.427   3.409   -1.644  0.32 10.86  ? 112 GLY A C   1 
ATOM   842  O  O   . GLY A 1 112 ? 4.387   2.878   -2.071  0.32 10.51  ? 112 GLY A O   1 
ATOM   843  N  N   . ILE A 1 113 ? 5.459   4.623   -1.087  1.00 10.97  ? 113 ILE A N   1 
ATOM   844  C  CA  . ILE A 1 113 ? 4.194   5.384   -0.927  1.00 11.11  ? 113 ILE A CA  1 
ATOM   845  C  C   . ILE A 1 113 ? 3.728   5.922   -2.267  1.00 10.38  ? 113 ILE A C   1 
ATOM   846  O  O   . ILE A 1 113 ? 4.552   6.495   -3.042  1.00 11.35  ? 113 ILE A O   1 
ATOM   847  C  CB  . ILE A 1 113 ? 4.400   6.493   0.095   1.00 13.63  ? 113 ILE A CB  1 
ATOM   848  C  CG1 . ILE A 1 113 ? 4.331   5.809   1.464   1.00 15.52  ? 113 ILE A CG1 1 
ATOM   849  C  CG2 . ILE A 1 113 ? 3.357   7.610   -0.028  1.00 14.13  ? 113 ILE A CG2 1 
ATOM   850  C  CD1 . ILE A 1 113 ? 4.698   6.694   2.611   1.00 17.30  ? 113 ILE A CD1 1 
ATOM   851  N  N   . LEU A 1 114 ? 2.423   5.818   -2.495  1.00 10.60  ? 114 LEU A N   1 
ATOM   852  C  CA  . LEU A 1 114 ? 1.663   6.631   -3.487  1.00 11.40  ? 114 LEU A CA  1 
ATOM   853  C  C   . LEU A 1 114 ? 0.985   7.751   -2.703  1.00 11.22  ? 114 LEU A C   1 
ATOM   854  O  O   . LEU A 1 114 ? 0.305   7.439   -1.700  1.00 11.59  ? 114 LEU A O   1 
ATOM   855  C  CB  . LEU A 1 114 ? 0.673   5.707   -4.193  1.00 11.00  ? 114 LEU A CB  1 
ATOM   856  C  CG  . LEU A 1 114 ? -0.320  6.400   -5.109  1.00 11.99  ? 114 LEU A CG  1 
ATOM   857  C  CD1 . LEU A 1 114 ? 0.375   6.987   -6.344  1.00 11.86  ? 114 LEU A CD1 1 
ATOM   858  C  CD2 . LEU A 1 114 ? -1.407  5.384   -5.480  1.00 12.57  ? 114 LEU A CD2 1 
ATOM   859  N  N   . ARG A 1 115 ? 1.149   8.987   -3.177  1.00 10.94  ? 115 ARG A N   1 
ATOM   860  C  CA  . ARG A 1 115 ? 0.557   10.159  -2.490  1.00 11.30  ? 115 ARG A CA  1 
ATOM   861  C  C   . ARG A 1 115 ? -0.116  11.043  -3.526  1.00 11.73  ? 115 ARG A C   1 
ATOM   862  O  O   . ARG A 1 115 ? 0.253   11.128  -4.697  1.00 11.33  ? 115 ARG A O   1 
ATOM   863  C  CB  . ARG A 1 115 ? 1.551   10.995  -1.696  1.00 12.37  ? 115 ARG A CB  1 
ATOM   864  C  CG  . ARG A 1 115 ? 2.677   11.532  -2.578  1.00 14.16  ? 115 ARG A CG  1 
ATOM   865  C  CD  . ARG A 1 115 ? 3.766   12.208  -1.760  1.00 17.13  ? 115 ARG A CD  1 
ATOM   866  N  NE  . ARG A 1 115 ? 4.708   11.294  -1.158  1.00 20.68  ? 115 ARG A NE  1 
ATOM   867  C  CZ  . ARG A 1 115 ? 4.955   11.112  0.159   1.00 24.22  ? 115 ARG A CZ  1 
ATOM   868  N  NH1 . ARG A 1 115 ? 4.298   11.755  1.118   1.00 22.97  ? 115 ARG A NH1 1 
ATOM   869  N  NH2 . ARG A 1 115 ? 5.892   10.250  0.511   1.00 25.55  ? 115 ARG A NH2 1 
ATOM   870  N  N   . CYS A 1 116 ? -1.175  11.655  -3.065  1.00 11.78  ? 116 CYS A N   1 
ATOM   871  C  CA  . CYS A 1 116 ? -1.916  12.700  -3.798  1.00 12.85  ? 116 CYS A CA  1 
ATOM   872  C  C   . CYS A 1 116 ? -1.887  14.006  -3.002  1.00 13.96  ? 116 CYS A C   1 
ATOM   873  O  O   . CYS A 1 116 ? -1.228  14.093  -1.974  1.00 15.80  ? 116 CYS A O   1 
ATOM   874  C  CB  . CYS A 1 116 ? -3.315  12.203  -4.103  1.00 11.42  ? 116 CYS A CB  1 
ATOM   875  S  SG  . CYS A 1 116 ? -4.358  12.165  -2.616  1.00 13.39  ? 116 CYS A SG  1 
ATOM   876  N  N   . GLN A 1 117 ? -2.616  14.995  -3.490  1.00 16.64  ? 117 GLN A N   1 
ATOM   877  C  CA  . GLN A 1 117 ? -2.684  16.306  -2.819  1.00 17.75  ? 117 GLN A CA  1 
ATOM   878  C  C   . GLN A 1 117 ? -3.292  16.153  -1.428  1.00 17.99  ? 117 GLN A C   1 
ATOM   879  O  O   . GLN A 1 117 ? -3.099  17.058  -0.612  1.00 23.16  ? 117 GLN A O   1 
ATOM   880  C  CB  . GLN A 1 117 ? -3.472  17.246  -3.726  1.00 18.74  ? 117 GLN A CB  1 
ATOM   881  C  CG  . GLN A 1 117 ? -4.963  16.918  -3.743  1.00 21.02  ? 117 GLN A CG  1 
ATOM   882  C  CD  . GLN A 1 117 ? -5.763  17.911  -4.533  1.00 27.25  ? 117 GLN A CD  1 
ATOM   883  O  OE1 . GLN A 1 117 ? -5.989  17.726  -5.720  1.00 30.95  ? 117 GLN A OE1 1 
ATOM   884  N  NE2 . GLN A 1 117 ? -6.184  18.967  -3.850  1.00 31.58  ? 117 GLN A NE2 1 
ATOM   885  N  N   . HIS A 1 118 ? -4.004  15.083  -1.115  1.00 17.78  ? 118 HIS A N   1 
ATOM   886  C  CA  . HIS A 1 118 ? -4.640  14.933  0.216   1.00 17.66  ? 118 HIS A CA  1 
ATOM   887  C  C   . HIS A 1 118 ? -3.778  14.147  1.212   1.00 20.79  ? 118 HIS A C   1 
ATOM   888  O  O   . HIS A 1 118 ? -4.213  14.047  2.381   1.00 23.20  ? 118 HIS A O   1 
ATOM   889  C  CB  . HIS A 1 118 ? -5.984  14.264  0.002   1.00 16.60  ? 118 HIS A CB  1 
ATOM   890  C  CG  . HIS A 1 118 ? -6.866  15.016  -0.923  1.00 18.47  ? 118 HIS A CG  1 
ATOM   891  N  ND1 . HIS A 1 118 ? -7.070  14.652  -2.220  1.00 17.59  ? 118 HIS A ND1 1 
ATOM   892  C  CD2 . HIS A 1 118 ? -7.700  16.056  -0.689  1.00 18.07  ? 118 HIS A CD2 1 
ATOM   893  C  CE1 . HIS A 1 118 ? -7.935  15.469  -2.788  1.00 19.04  ? 118 HIS A CE1 1 
ATOM   894  N  NE2 . HIS A 1 118 ? -8.325  16.340  -1.854  1.00 18.42  ? 118 HIS A NE2 1 
ATOM   895  N  N   . GLY A 1 119 ? -2.650  13.572  0.772   1.00 17.38  ? 119 GLY A N   1 
ATOM   896  C  CA  . GLY A 1 119 ? -1.758  12.735  1.582   1.00 15.59  ? 119 GLY A CA  1 
ATOM   897  C  C   . GLY A 1 119 ? -1.550  11.340  1.010   1.00 15.32  ? 119 GLY A C   1 
ATOM   898  O  O   . GLY A 1 119 ? -1.564  11.163  -0.219  1.00 14.04  ? 119 GLY A O   1 
ATOM   899  N  N   . VAL A 1 120 ? -1.313  10.355  1.880   1.00 13.94  ? 120 VAL A N   1 
ATOM   900  C  CA  . VAL A 1 120 ? -0.918  8.992   1.459   1.00 13.90  ? 120 VAL A CA  1 
ATOM   901  C  C   . VAL A 1 120 ? -2.145  8.250   0.958   1.00 14.67  ? 120 VAL A C   1 
ATOM   902  O  O   . VAL A 1 120 ? -3.166  8.145   1.674   1.00 14.40  ? 120 VAL A O   1 
ATOM   903  C  CB  . VAL A 1 120 ? -0.231  8.254   2.613   1.00 14.84  ? 120 VAL A CB  1 
ATOM   904  C  CG1 . VAL A 1 120 ? 0.037   6.821   2.204   1.00 15.04  ? 120 VAL A CG1 1 
ATOM   905  C  CG2 . VAL A 1 120 ? 1.014   8.978   3.044   1.00 15.67  ? 120 VAL A CG2 1 
ATOM   906  N  N   . VAL A 1 121 ? -2.085  7.735   -0.252  1.00 12.77  ? 121 VAL A N   1 
ATOM   907  C  CA  . VAL A 1 121 ? -3.182  6.964   -0.893  1.00 12.37  ? 121 VAL A CA  1 
ATOM   908  C  C   . VAL A 1 121 ? -3.024  5.466   -0.621  1.00 12.09  ? 121 VAL A C   1 
ATOM   909  O  O   . VAL A 1 121 ? -3.971  4.759   -0.481  1.00 12.96  ? 121 VAL A O   1 
ATOM   910  C  CB  . VAL A 1 121 ? -3.150  7.248   -2.403  1.00 12.36  ? 121 VAL A CB  1 
ATOM   911  C  CG1 . VAL A 1 121 ? -4.107  6.387   -3.186  1.00 12.06  ? 121 VAL A CG1 1 
ATOM   912  C  CG2 . VAL A 1 121 ? -3.361  8.715   -2.691  1.00 13.44  ? 121 VAL A CG2 1 
ATOM   913  N  N   . GLY A 1 122 ? -1.799  4.977   -0.720  1.00 11.50  ? 122 GLY A N   1 
ATOM   914  C  CA  . GLY A 1 122 ? -1.521  3.550   -0.546  1.00 12.59  ? 122 GLY A CA  1 
ATOM   915  C  C   . GLY A 1 122 ? -0.047  3.233   -0.720  1.00 11.37  ? 122 GLY A C   1 
ATOM   916  O  O   . GLY A 1 122 ? 0.794   4.134   -0.698  1.00 10.97  ? 122 GLY A O   1 
ATOM   917  N  N   . ILE A 1 123 ? 0.246   1.949   -0.820  1.00 11.71  ? 123 ILE A N   1 
ATOM   918  C  CA  . ILE A 1 123 ? 1.659   1.482   -0.914  1.00 10.67  ? 123 ILE A CA  1 
ATOM   919  C  C   . ILE A 1 123 ? 1.779   0.495   -2.070  1.00 11.12  ? 123 ILE A C   1 
ATOM   920  O  O   . ILE A 1 123 ? 0.834   -0.239  -2.362  1.00 11.36  ? 123 ILE A O   1 
ATOM   921  C  CB  . ILE A 1 123 ? 2.221   0.867   0.392   1.00 12.28  ? 123 ILE A CB  1 
ATOM   922  C  CG1 . ILE A 1 123 ? 1.329   -0.237  0.961   1.00 12.86  ? 123 ILE A CG1 1 
ATOM   923  C  CG2 . ILE A 1 123 ? 2.542   1.952   1.395   1.00 11.12  ? 123 ILE A CG2 1 
ATOM   924  C  CD1 . ILE A 1 123 ? 1.933   -1.035  2.119   1.00 13.79  ? 123 ILE A CD1 1 
ATOM   925  N  N   . VAL A 1 124 ? 2.924   0.458   -2.752  0.32 11.55  ? 124 VAL A N   1 
ATOM   926  C  CA  . VAL A 1 124 ? 3.121   -0.540  -3.841  0.32 12.07  ? 124 VAL A CA  1 
ATOM   927  C  C   . VAL A 1 124 ? 2.907   -1.930  -3.232  0.32 12.89  ? 124 VAL A C   1 
ATOM   928  O  O   . VAL A 1 124 ? 3.387   -2.173  -2.096  0.32 12.86  ? 124 VAL A O   1 
ATOM   929  C  CB  . VAL A 1 124 ? 4.497   -0.435  -4.524  0.32 11.39  ? 124 VAL A CB  1 
ATOM   930  C  CG1 . VAL A 1 124 ? 4.683   -1.547  -5.549  0.32 11.22  ? 124 VAL A CG1 1 
ATOM   931  C  CG2 . VAL A 1 124 ? 4.711   0.927   -5.168  0.32 11.43  ? 124 VAL A CG2 1 
ATOM   932  N  N   . SER A 1 125 ? 2.195   -2.802  -3.949  0.32 13.95  ? 125 SER A N   1 
ATOM   933  C  CA  . SER A 1 125 ? 1.922   -4.207  -3.546  0.32 14.74  ? 125 SER A CA  1 
ATOM   934  C  C   . SER A 1 125 ? 2.158   -5.162  -4.727  0.32 15.21  ? 125 SER A C   1 
ATOM   935  O  O   . SER A 1 125 ? 2.915   -6.148  -4.554  0.32 15.59  ? 125 SER A O   1 
ATOM   936  C  CB  . SER A 1 125 ? 0.534   -4.358  -2.959  0.32 15.13  ? 125 SER A CB  1 
ATOM   937  O  OG  . SER A 1 125 ? -0.336  -3.321  -3.382  0.32 15.83  ? 125 SER A OG  1 
ATOM   938  N  N   . THR A 1 126 ? 1.556   -4.880  -5.888  0.32 15.35  ? 126 THR A N   1 
ATOM   939  C  CA  . THR A 1 126 ? 1.597   -5.766  -7.085  0.32 15.18  ? 126 THR A CA  1 
ATOM   940  C  C   . THR A 1 126 ? 2.310   -5.042  -8.230  0.32 16.17  ? 126 THR A C   1 
ATOM   941  O  O   . THR A 1 126 ? 2.449   -3.808  -8.159  0.32 15.35  ? 126 THR A O   1 
ATOM   942  C  CB  . THR A 1 126 ? 0.186   -6.210  -7.494  0.32 14.98  ? 126 THR A CB  1 
ATOM   943  O  OG1 . THR A 1 126 ? -0.470  -5.117  -8.138  0.32 14.47  ? 126 THR A OG1 1 
ATOM   944  C  CG2 . THR A 1 126 ? -0.646  -6.690  -6.323  0.32 14.89  ? 126 THR A CG2 1 
ATOM   945  N  N   . GLY A 1 127 ? 2.731   -5.782  -9.254  0.32 17.73  ? 127 GLY A N   1 
ATOM   946  C  CA  . GLY A 1 127 ? 3.362   -5.197  -10.448 0.32 19.62  ? 127 GLY A CA  1 
ATOM   947  C  C   . GLY A 1 127 ? 3.416   -6.182  -11.596 0.32 21.86  ? 127 GLY A C   1 
ATOM   948  O  O   . GLY A 1 127 ? 4.429   -6.897  -11.715 0.32 23.35  ? 127 GLY A O   1 
ATOM   949  N  N   . GLY A 1 128 ? 2.354   -6.209  -12.406 0.32 24.87  ? 128 GLY A N   1 
ATOM   950  C  CA  . GLY A 1 128 ? 2.217   -7.110  -13.563 0.32 25.70  ? 128 GLY A CA  1 
ATOM   951  C  C   . GLY A 1 128 ? 2.643   -6.422  -14.844 0.32 27.11  ? 128 GLY A C   1 
ATOM   952  O  O   . GLY A 1 128 ? 3.385   -5.426  -14.768 0.32 26.84  ? 128 GLY A O   1 
ATOM   953  N  N   . ASN A 1 129 ? 2.192   -6.933  -15.989 0.32 28.22  ? 129 ASN A N   1 
ATOM   954  C  CA  . ASN A 1 129 ? 2.418   -6.285  -17.307 0.32 28.89  ? 129 ASN A CA  1 
ATOM   955  C  C   . ASN A 1 129 ? 1.578   -5.004  -17.359 0.32 29.56  ? 129 ASN A C   1 
ATOM   956  O  O   . ASN A 1 129 ? 2.025   -4.040  -18.009 0.32 29.07  ? 129 ASN A O   1 
ATOM   957  C  CB  . ASN A 1 129 ? 2.070   -7.191  -18.489 0.32 29.23  ? 129 ASN A CB  1 
ATOM   958  C  CG  . ASN A 1 129 ? 2.168   -8.672  -18.192 0.32 29.32  ? 129 ASN A CG  1 
ATOM   959  O  OD1 . ASN A 1 129 ? 1.153   -9.335  -17.987 0.32 28.80  ? 129 ASN A OD1 1 
ATOM   960  N  ND2 . ASN A 1 129 ? 3.380   -9.203  -18.181 0.32 29.60  ? 129 ASN A ND2 1 
ATOM   961  N  N   . GLY A 1 130 ? 0.395   -5.030  -16.725 0.32 29.60  ? 130 GLY A N   1 
ATOM   962  C  CA  . GLY A 1 130 ? -0.512  -3.882  -16.518 0.32 27.01  ? 130 GLY A CA  1 
ATOM   963  C  C   . GLY A 1 130 ? 0.228   -2.730  -15.870 0.32 25.56  ? 130 GLY A C   1 
ATOM   964  O  O   . GLY A 1 130 ? -0.002  -1.579  -16.289 0.32 26.40  ? 130 GLY A O   1 
ATOM   965  N  N   . LEU A 1 131 ? 1.014   -3.051  -14.833 0.32 23.89  ? 131 LEU A N   1 
ATOM   966  C  CA  . LEU A 1 131 ? 2.335   -2.443  -14.496 0.32 21.28  ? 131 LEU A CA  1 
ATOM   967  C  C   . LEU A 1 131 ? 2.551   -2.392  -12.979 0.32 18.59  ? 131 LEU A C   1 
ATOM   968  O  O   . LEU A 1 131 ? 3.244   -3.292  -12.498 0.32 17.68  ? 131 LEU A O   1 
ATOM   969  C  CB  . LEU A 1 131 ? 2.519   -1.080  -15.163 0.32 22.72  ? 131 LEU A CB  1 
ATOM   970  C  CG  . LEU A 1 131 ? 3.158   -1.170  -16.547 0.32 22.25  ? 131 LEU A CG  1 
ATOM   971  C  CD1 . LEU A 1 131 ? 2.908   0.077   -17.371 0.32 23.13  ? 131 LEU A CD1 1 
ATOM   972  C  CD2 . LEU A 1 131 ? 4.644   -1.459  -16.445 0.32 22.51  ? 131 LEU A CD2 1 
ATOM   973  N  N   . VAL A 1 132 ? 2.050   -1.374  -12.264 0.32 16.28  ? 132 VAL A N   1 
ATOM   974  C  CA  . VAL A 1 132 ? 2.258   -1.257  -10.788 0.32 15.07  ? 132 VAL A CA  1 
ATOM   975  C  C   . VAL A 1 132 ? 0.887   -1.177  -10.108 0.32 14.31  ? 132 VAL A C   1 
ATOM   976  O  O   . VAL A 1 132 ? 0.045   -0.377  -10.537 0.32 14.37  ? 132 VAL A O   1 
ATOM   977  C  CB  . VAL A 1 132 ? 3.195   -0.088  -10.411 0.32 14.47  ? 132 VAL A CB  1 
ATOM   978  C  CG1 . VAL A 1 132 ? 2.648   1.261   -10.838 0.32 14.44  ? 132 VAL A CG1 1 
ATOM   979  C  CG2 . VAL A 1 132 ? 3.530   -0.083  -8.919  0.32 14.46  ? 132 VAL A CG2 1 
ATOM   980  N  N   . GLY A 1 133 ? 0.686   -2.029  -9.106  0.32 14.01  ? 133 GLY A N   1 
ATOM   981  C  CA  . GLY A 1 133 ? -0.517  -2.060  -8.264  0.32 13.69  ? 133 GLY A CA  1 
ATOM   982  C  C   . GLY A 1 133 ? -0.202  -1.575  -6.865  0.32 13.62  ? 133 GLY A C   1 
ATOM   983  O  O   . GLY A 1 133 ? 0.796   -2.062  -6.279  0.32 13.60  ? 133 GLY A O   1 
ATOM   984  N  N   . PHE A 1 134 ? -1.033  -0.665  -6.364  0.32 13.46  ? 134 PHE A N   1 
ATOM   985  C  CA  . PHE A 1 134 ? -0.933  -0.043  -5.022  0.32 12.85  ? 134 PHE A CA  1 
ATOM   986  C  C   . PHE A 1 134 ? -2.113  -0.484  -4.159  0.32 12.51  ? 134 PHE A C   1 
ATOM   987  O  O   . PHE A 1 134 ? -3.276  -0.267  -4.552  0.32 12.93  ? 134 PHE A O   1 
ATOM   988  C  CB  . PHE A 1 134 ? -0.927  1.482   -5.122  0.32 12.61  ? 134 PHE A CB  1 
ATOM   989  C  CG  . PHE A 1 134 ? -0.011  2.032   -6.178  0.32 12.49  ? 134 PHE A CG  1 
ATOM   990  C  CD1 . PHE A 1 134 ? 1.259   2.480   -5.853  0.32 12.37  ? 134 PHE A CD1 1 
ATOM   991  C  CD2 . PHE A 1 134 ? -0.420  2.100   -7.503  0.32 12.73  ? 134 PHE A CD2 1 
ATOM   992  C  CE1 . PHE A 1 134 ? 2.095   3.002   -6.829  0.32 12.21  ? 134 PHE A CE1 1 
ATOM   993  C  CE2 . PHE A 1 134 ? 0.423   2.616   -8.474  0.32 12.62  ? 134 PHE A CE2 1 
ATOM   994  C  CZ  . PHE A 1 134 ? 1.680   3.066   -8.135  0.32 12.50  ? 134 PHE A CZ  1 
ATOM   995  N  N   . ALA A 1 135 ? -1.823  -1.054  -2.991  1.00 12.36  ? 135 ALA A N   1 
ATOM   996  C  CA  . ALA A 1 135 ? -2.853  -1.383  -1.997  1.00 12.23  ? 135 ALA A CA  1 
ATOM   997  C  C   . ALA A 1 135 ? -3.394  -0.074  -1.449  1.00 12.46  ? 135 ALA A C   1 
ATOM   998  O  O   . ALA A 1 135 ? -2.617  0.682   -0.826  1.00 13.10  ? 135 ALA A O   1 
ATOM   999  C  CB  . ALA A 1 135 ? -2.232  -2.225  -0.907  1.00 12.14  ? 135 ALA A CB  1 
ATOM   1000 N  N   . ASP A 1 136 ? -4.656  0.234   -1.700  1.00 12.57  ? 136 ASP A N   1 
ATOM   1001 C  CA  . ASP A 1 136 ? -5.293  1.432   -1.162  1.00 13.76  ? 136 ASP A CA  1 
ATOM   1002 C  C   . ASP A 1 136 ? -5.432  1.383   0.368   1.00 12.32  ? 136 ASP A C   1 
ATOM   1003 O  O   . ASP A 1 136 ? -5.655  0.240   0.934   1.00 14.58  ? 136 ASP A O   1 
ATOM   1004 C  CB  . ASP A 1 136 ? -6.693  1.565   -1.750  1.00 14.82  ? 136 ASP A CB  1 
ATOM   1005 C  CG  . ASP A 1 136 ? -7.368  2.838   -1.367  1.00 16.27  ? 136 ASP A CG  1 
ATOM   1006 O  OD1 . ASP A 1 136 ? -6.813  3.933   -1.541  1.00 16.29  ? 136 ASP A OD1 1 
ATOM   1007 O  OD2 . ASP A 1 136 ? -8.510  2.727   -0.853  1.00 19.49  ? 136 ASP A OD2 1 
ATOM   1008 N  N   . VAL A 1 137 ? -5.285  2.524   1.020   1.00 13.28  ? 137 VAL A N   1 
ATOM   1009 C  CA  . VAL A 1 137 ? -5.579  2.633   2.479   1.00 13.98  ? 137 VAL A CA  1 
ATOM   1010 C  C   . VAL A 1 137 ? -6.656  3.688   2.734   1.00 15.08  ? 137 VAL A C   1 
ATOM   1011 O  O   . VAL A 1 137 ? -6.933  3.931   3.909   1.00 15.87  ? 137 VAL A O   1 
ATOM   1012 C  CB  . VAL A 1 137 ? -4.303  2.906   3.279   1.00 14.14  ? 137 VAL A CB  1 
ATOM   1013 C  CG1 . VAL A 1 137 ? -3.340  1.734   3.124   1.00 14.29  ? 137 VAL A CG1 1 
ATOM   1014 C  CG2 . VAL A 1 137 ? -3.644  4.206   2.893   1.00 13.74  ? 137 VAL A CG2 1 
ATOM   1015 N  N   . ARG A 1 138 ? -7.141  4.374   1.696   1.00 16.23  ? 138 ARG A N   1 
ATOM   1016 C  CA  . ARG A 1 138 ? -8.036  5.542   1.922   1.00 15.47  ? 138 ARG A CA  1 
ATOM   1017 C  C   . ARG A 1 138 ? -9.393  5.128   2.496   1.00 16.13  ? 138 ARG A C   1 
ATOM   1018 O  O   . ARG A 1 138 ? -10.049 6.025   3.031   1.00 18.20  ? 138 ARG A O   1 
ATOM   1019 C  CB  . ARG A 1 138 ? -8.256  6.320   0.625   1.00 15.28  ? 138 ARG A CB  1 
ATOM   1020 C  CG  . ARG A 1 138 ? -6.980  6.928   0.057   1.00 14.69  ? 138 ARG A CG  1 
ATOM   1021 C  CD  . ARG A 1 138 ? -7.278  7.639   -1.257  1.00 13.99  ? 138 ARG A CD  1 
ATOM   1022 N  NE  . ARG A 1 138 ? -7.545  6.648   -2.245  1.00 14.15  ? 138 ARG A NE  1 
ATOM   1023 C  CZ  . ARG A 1 138 ? -7.747  6.857   -3.536  1.00 13.36  ? 138 ARG A CZ  1 
ATOM   1024 N  NH1 . ARG A 1 138 ? -7.872  8.104   -3.972  1.00 13.92  ? 138 ARG A NH1 1 
ATOM   1025 N  NH2 . ARG A 1 138 ? -7.867  5.822   -4.339  1.00 13.49  ? 138 ARG A NH2 1 
ATOM   1026 N  N   . ASP A 1 139 ? -9.810  3.886   2.334   1.00 17.37  ? 139 ASP A N   1 
ATOM   1027 C  CA  . ASP A 1 139 ? -11.080 3.393   2.954   1.00 19.44  ? 139 ASP A CA  1 
ATOM   1028 C  C   . ASP A 1 139 ? -10.859 3.074   4.447   1.00 21.59  ? 139 ASP A C   1 
ATOM   1029 O  O   . ASP A 1 139 ? -11.895 2.895   5.129   1.00 22.32  ? 139 ASP A O   1 
ATOM   1030 C  CB  . ASP A 1 139 ? -11.622 2.190   2.207   1.00 21.34  ? 139 ASP A CB  1 
ATOM   1031 C  CG  . ASP A 1 139 ? -10.719 0.976   2.269   1.00 23.39  ? 139 ASP A CG  1 
ATOM   1032 O  OD1 . ASP A 1 139 ? -9.486  1.176   2.251   1.00 20.97  ? 139 ASP A OD1 1 
ATOM   1033 O  OD2 . ASP A 1 139 ? -11.243 -0.165  2.326   1.00 25.36  ? 139 ASP A OD2 1 
ATOM   1034 N  N   . LEU A 1 140 ? -9.627  3.117   4.980   1.00 17.90  ? 140 LEU A N   1 
ATOM   1035 C  CA  . LEU A 1 140 ? -9.353  2.692   6.387   1.00 19.11  ? 140 LEU A CA  1 
ATOM   1036 C  C   . LEU A 1 140 ? -9.457  3.924   7.278   1.00 17.62  ? 140 LEU A C   1 
ATOM   1037 O  O   . LEU A 1 140 ? -8.471  4.464   7.769   1.00 19.46  ? 140 LEU A O   1 
ATOM   1038 C  CB  . LEU A 1 140 ? -7.978  1.996   6.428   1.00 17.66  ? 140 LEU A CB  1 
ATOM   1039 C  CG  . LEU A 1 140 ? -7.849  0.762   5.539   1.00 20.17  ? 140 LEU A CG  1 
ATOM   1040 C  CD1 . LEU A 1 140 ? -6.438  0.188   5.632   1.00 20.42  ? 140 LEU A CD1 1 
ATOM   1041 C  CD2 . LEU A 1 140 ? -8.855  -0.328  5.841   1.00 19.96  ? 140 LEU A CD2 1 
ATOM   1042 N  N   . LEU A 1 141 ? -10.709 4.381   7.505   1.00 22.09  ? 141 LEU A N   1 
ATOM   1043 C  CA  . LEU A 1 141 ? -10.950 5.641   8.245   1.00 24.97  ? 141 LEU A CA  1 
ATOM   1044 C  C   . LEU A 1 141 ? -10.451 5.509   9.679   1.00 22.80  ? 141 LEU A C   1 
ATOM   1045 O  O   . LEU A 1 141 ? -9.980  6.475   10.245  1.00 24.56  ? 141 LEU A O   1 
ATOM   1046 C  CB  . LEU A 1 141 ? -12.450 5.956   8.238   1.00 25.52  ? 141 LEU A CB  1 
ATOM   1047 C  CG  . LEU A 1 141 ? -13.093 6.026   6.857   1.00 26.58  ? 141 LEU A CG  1 
ATOM   1048 C  CD1 . LEU A 1 141 ? -14.511 6.556   6.991   1.00 27.97  ? 141 LEU A CD1 1 
ATOM   1049 C  CD2 . LEU A 1 141 ? -12.284 6.923   5.920   1.00 24.83  ? 141 LEU A CD2 1 
ATOM   1050 N  N   . TRP A 1 142 ? -10.559 4.291   10.211  1.00 24.99  ? 142 TRP A N   1 
ATOM   1051 C  CA  . TRP A 1 142 ? -10.165 3.989   11.601  1.00 24.77  ? 142 TRP A CA  1 
ATOM   1052 C  C   . TRP A 1 142 ? -8.683  4.288   11.800  1.00 24.28  ? 142 TRP A C   1 
ATOM   1053 O  O   . TRP A 1 142 ? -8.295  4.486   12.938  1.00 27.71  ? 142 TRP A O   1 
ATOM   1054 C  CB  . TRP A 1 142 ? -10.550 2.553   11.965  1.00 24.23  ? 142 TRP A CB  1 
ATOM   1055 C  CG  . TRP A 1 142 ? -9.959  1.483   11.099  1.00 23.65  ? 142 TRP A CG  1 
ATOM   1056 C  CD1 . TRP A 1 142 ? -10.595 0.780   10.123  1.00 24.25  ? 142 TRP A CD1 1 
ATOM   1057 C  CD2 . TRP A 1 142 ? -8.623  0.957   11.183  1.00 23.46  ? 142 TRP A CD2 1 
ATOM   1058 N  NE1 . TRP A 1 142 ? -9.754  -0.165  9.598   1.00 24.47  ? 142 TRP A NE1 1 
ATOM   1059 C  CE2 . TRP A 1 142 ? -8.548  -0.066  10.231  1.00 22.33  ? 142 TRP A CE2 1 
ATOM   1060 C  CE3 . TRP A 1 142 ? -7.521  1.227   12.006  1.00 22.82  ? 142 TRP A CE3 1 
ATOM   1061 C  CZ2 . TRP A 1 142 ? -7.380  -0.819  10.075  1.00 22.92  ? 142 TRP A CZ2 1 
ATOM   1062 C  CZ3 . TRP A 1 142 ? -6.361  0.494   11.836  1.00 24.55  ? 142 TRP A CZ3 1 
ATOM   1063 C  CH2 . TRP A 1 142 ? -6.299  -0.489  10.858  1.00 19.94  ? 142 TRP A CH2 1 
ATOM   1064 N  N   . LEU A 1 143 ? -7.860  4.322   10.735  1.00 24.55  ? 143 LEU A N   1 
ATOM   1065 C  CA  . LEU A 1 143 ? -6.441  4.707   10.871  1.00 23.78  ? 143 LEU A CA  1 
ATOM   1066 C  C   . LEU A 1 143 ? -6.315  6.113   11.477  1.00 31.08  ? 143 LEU A C   1 
ATOM   1067 O  O   . LEU A 1 143 ? -5.220  6.419   11.987  1.00 28.81  ? 143 LEU A O   1 
ATOM   1068 C  CB  . LEU A 1 143 ? -5.699  4.683   9.528   1.00 23.54  ? 143 LEU A CB  1 
ATOM   1069 C  CG  . LEU A 1 143 ? -5.298  3.332   8.960   1.00 20.96  ? 143 LEU A CG  1 
ATOM   1070 C  CD1 . LEU A 1 143 ? -4.771  3.505   7.528   1.00 21.47  ? 143 LEU A CD1 1 
ATOM   1071 C  CD2 . LEU A 1 143 ? -4.221  2.682   9.822   1.00 22.59  ? 143 LEU A CD2 1 
ATOM   1072 N  N   . ASP A 1 144 ? -7.348  6.962   11.350  1.00 34.48  ? 144 ASP A N   1 
ATOM   1073 C  CA  . ASP A 1 144 ? -7.300  8.386   11.785  1.00 40.02  ? 144 ASP A CA  1 
ATOM   1074 C  C   . ASP A 1 144 ? -7.703  8.557   13.253  1.00 43.45  ? 144 ASP A C   1 
ATOM   1075 O  O   . ASP A 1 144 ? -7.474  9.666   13.772  1.00 49.50  ? 144 ASP A O   1 
ATOM   1076 C  CB  . ASP A 1 144 ? -8.218  9.263   10.936  1.00 40.18  ? 144 ASP A CB  1 
ATOM   1077 C  CG  . ASP A 1 144 ? -7.639  9.587   9.576   1.00 42.29  ? 144 ASP A CG  1 
ATOM   1078 O  OD1 . ASP A 1 144 ? -6.400  9.721   9.487   1.00 48.82  ? 144 ASP A OD1 1 
ATOM   1079 O  OD2 . ASP A 1 144 ? -8.443  9.694   8.622   1.00 43.43  ? 144 ASP A OD2 1 
ATOM   1080 N  N   . GLU A 1 145 ? -8.268  7.530   13.898  1.00 50.49  ? 145 GLU A N   1 
ATOM   1081 C  CA  . GLU A 1 145 ? -8.831  7.637   15.276  1.00 58.08  ? 145 GLU A CA  1 
ATOM   1082 C  C   . GLU A 1 145 ? -8.243  6.545   16.191  1.00 66.87  ? 145 GLU A C   1 
ATOM   1083 O  O   . GLU A 1 145 ? -7.446  5.705   15.704  1.00 59.79  ? 145 GLU A O   1 
ATOM   1084 C  CB  . GLU A 1 145 ? -10.360 7.606   15.200  1.00 61.91  ? 145 GLU A CB  1 
ATOM   1085 C  CG  . GLU A 1 145 ? -10.936 6.292   14.695  1.00 61.93  ? 145 GLU A CG  1 
ATOM   1086 C  CD  . GLU A 1 145 ? -12.366 6.358   14.174  1.00 65.66  ? 145 GLU A CD  1 
ATOM   1087 O  OE1 . GLU A 1 145 ? -12.816 5.369   13.551  1.00 67.31  ? 145 GLU A OE1 1 
ATOM   1088 O  OE2 . GLU A 1 145 ? -13.037 7.388   14.394  1.00 67.99  ? 145 GLU A OE2 1 
ATOM   1089 N  N   . GLU A 1 146 ? -8.608  6.595   17.482  1.00 76.54  ? 146 GLU A N   1 
ATOM   1090 C  CA  . GLU A 1 146 ? -8.192  5.665   18.573  1.00 77.64  ? 146 GLU A CA  1 
ATOM   1091 C  C   . GLU A 1 146 ? -6.931  4.898   18.147  1.00 86.91  ? 146 GLU A C   1 
ATOM   1092 O  O   . GLU A 1 146 ? -5.975  4.725   18.911  1.00 93.09  ? 146 GLU A O   1 
ATOM   1093 C  CB  . GLU A 1 146 ? -9.368  4.755   18.948  1.00 77.60  ? 146 GLU A CB  1 
ATOM   1094 C  CG  . GLU A 1 146 ? -9.177  3.277   18.633  1.00 79.32  ? 146 GLU A CG  1 
ATOM   1095 C  CD  . GLU A 1 146 ? -8.316  2.479   19.605  1.00 78.91  ? 146 GLU A CD  1 
ATOM   1096 O  OE1 . GLU A 1 146 ? -8.218  1.246   19.427  1.00 72.03  ? 146 GLU A OE1 1 
ATOM   1097 O  OE2 . GLU A 1 146 ? -7.741  3.082   20.539  1.00 78.39  ? 146 GLU A OE2 1 
HETATM 1098 N  N1  . LQV B 2 .   ? 6.429   -9.647  -9.445  0.32 28.33  ? 201 LQV A N1  1 
HETATM 1099 C  C4  . LQV B 2 .   ? 5.498   -8.148  -7.739  0.32 28.70  ? 201 LQV A C4  1 
HETATM 1100 C  C5  . LQV B 2 .   ? 6.137   -8.361  -8.967  0.32 28.26  ? 201 LQV A C5  1 
HETATM 1101 C  C6  . LQV B 2 .   ? 5.689   -10.772 -9.310  0.32 28.32  ? 201 LQV A C6  1 
HETATM 1102 C  C7  . LQV B 2 .   ? 6.289   -12.030 -9.925  0.32 28.62  ? 201 LQV A C7  1 
HETATM 1103 C  C8  . LQV B 2 .   ? 7.238   -12.752 -8.993  0.32 28.41  ? 201 LQV A C8  1 
HETATM 1104 C  C10 . LQV B 2 .   ? 8.105   -12.724 -11.205 0.32 28.58  ? 201 LQV A C10 1 
HETATM 1105 C  C1  . LQV B 2 .   ? 5.678   -4.358  -7.585  0.32 29.21  ? 201 LQV A C1  1 
HETATM 1106 C  C2  . LQV B 2 .   ? 5.808   -5.783  -8.062  0.32 28.81  ? 201 LQV A C2  1 
HETATM 1107 C  C3  . LQV B 2 .   ? 5.346   -6.845  -7.307  0.32 29.01  ? 201 LQV A C3  1 
HETATM 1108 O  O1  . LQV B 2 .   ? 4.596   -10.819 -8.754  0.32 27.80  ? 201 LQV A O1  1 
HETATM 1109 C  C9  . LQV B 2 .   ? 8.043   -13.590 -9.965  0.32 28.65  ? 201 LQV A C9  1 
HETATM 1110 O  O2  . LQV B 2 .   ? 7.083   -11.724 -11.086 0.32 28.16  ? 201 LQV A O2  1 
HETATM 1111 N  N2  . LQV B 2 .   ? 6.577   -7.349  -9.732  0.32 28.29  ? 201 LQV A N2  1 
HETATM 1112 C  C11 . LQV B 2 .   ? 6.408   -6.100  -9.272  0.32 28.41  ? 201 LQV A C11 1 
HETATM 1113 ZN ZN  . ZN  C 3 .   ? -6.450  12.849  -3.118  1.00 14.95  ? 202 ZN  A ZN  1 
HETATM 1114 S  S   . DMS D 4 .   ? -0.559  15.713  3.371   1.00 56.26  ? 203 DMS A S   1 
HETATM 1115 O  O   . DMS D 4 .   ? -0.587  16.646  4.554   1.00 74.57  ? 203 DMS A O   1 
HETATM 1116 C  C1  . DMS D 4 .   ? -0.648  16.749  1.923   1.00 53.02  ? 203 DMS A C1  1 
HETATM 1117 C  C2  . DMS D 4 .   ? 1.122   15.180  3.207   1.00 58.19  ? 203 DMS A C2  1 
HETATM 1118 S  S   . DMS E 4 .   ? -8.518  -11.715 3.998   1.00 37.18  ? 204 DMS A S   1 
HETATM 1119 O  O   . DMS E 4 .   ? -7.818  -12.230 2.769   1.00 35.82  ? 204 DMS A O   1 
HETATM 1120 C  C1  . DMS E 4 .   ? -10.151 -11.205 3.475   1.00 38.95  ? 204 DMS A C1  1 
HETATM 1121 C  C2  . DMS E 4 .   ? -9.003  -13.159 4.940   1.00 38.40  ? 204 DMS A C2  1 
HETATM 1122 S  S   . DMS F 4 .   ? 12.979  7.116   0.316   1.00 74.01  ? 205 DMS A S   1 
HETATM 1123 O  O   . DMS F 4 .   ? 13.919  7.867   -0.587  1.00 67.34  ? 205 DMS A O   1 
HETATM 1124 C  C1  . DMS F 4 .   ? 12.905  8.039   1.840   1.00 76.15  ? 205 DMS A C1  1 
HETATM 1125 C  C2  . DMS F 4 .   ? 11.343  7.491   -0.261  1.00 64.82  ? 205 DMS A C2  1 
HETATM 1126 S  S   . DMS G 4 .   ? 5.786   4.808   -17.905 1.00 49.62  ? 206 DMS A S   1 
HETATM 1127 O  O   . DMS G 4 .   ? 6.240   3.396   -17.672 1.00 45.46  ? 206 DMS A O   1 
HETATM 1128 C  C1  . DMS G 4 .   ? 7.117   5.863   -17.381 1.00 47.78  ? 206 DMS A C1  1 
HETATM 1129 C  C2  . DMS G 4 .   ? 5.940   5.080   -19.658 1.00 45.55  ? 206 DMS A C2  1 
HETATM 1130 O  O   . HOH H 5 .   ? 0.548   11.076  11.374  1.00 31.83  ? 301 HOH A O   1 
HETATM 1131 O  O   . HOH H 5 .   ? 11.341  -14.027 -1.618  1.00 48.47  ? 302 HOH A O   1 
HETATM 1132 O  O   . HOH H 5 .   ? 3.218   5.044   23.092  1.00 61.76  ? 303 HOH A O   1 
HETATM 1133 O  O   . HOH H 5 .   ? 2.897   6.393   -16.337 1.00 26.29  ? 304 HOH A O   1 
HETATM 1134 O  O   . HOH H 5 .   ? -0.735  -6.884  -15.906 1.00 38.54  ? 305 HOH A O   1 
HETATM 1135 O  O   . HOH H 5 .   ? -7.640  0.815   15.922  1.00 51.93  ? 306 HOH A O   1 
HETATM 1136 O  O   . HOH H 5 .   ? -0.251  -9.375  -16.050 1.00 35.50  ? 307 HOH A O   1 
HETATM 1137 O  O   . HOH H 5 .   ? -7.184  -1.545  -11.731 1.00 72.25  ? 308 HOH A O   1 
HETATM 1138 O  O   . HOH H 5 .   ? 4.759   -1.381  15.024  1.00 40.90  ? 309 HOH A O   1 
HETATM 1139 O  O   . HOH H 5 .   ? -6.798  -11.319 11.484  1.00 29.49  ? 310 HOH A O   1 
HETATM 1140 O  O   . HOH H 5 .   ? 1.472   14.380  7.439   1.00 36.60  ? 311 HOH A O   1 
HETATM 1141 O  O   . HOH H 5 .   ? 15.210  3.704   -1.788  1.00 24.12  ? 312 HOH A O   1 
HETATM 1142 O  O   . HOH H 5 .   ? -2.164  8.285   18.045  1.00 58.89  ? 313 HOH A O   1 
HETATM 1143 O  O   . HOH H 5 .   ? -13.661 -0.272  1.765   1.00 48.75  ? 314 HOH A O   1 
HETATM 1144 O  O   . HOH H 5 .   ? 16.057  7.186   -3.344  1.00 54.45  ? 315 HOH A O   1 
HETATM 1145 O  O   . HOH H 5 .   ? -9.867  -12.245 -2.994  1.00 49.21  ? 316 HOH A O   1 
HETATM 1146 O  O   . HOH H 5 .   ? -4.315  10.817  8.619   1.00 23.39  ? 317 HOH A O   1 
HETATM 1147 O  O   . HOH H 5 .   ? -2.789  6.014   16.190  1.00 36.14  ? 318 HOH A O   1 
HETATM 1148 O  O   . HOH H 5 .   ? 9.963   -9.660  -1.604  1.00 35.56  ? 319 HOH A O   1 
HETATM 1149 O  O   . HOH H 5 .   ? 4.050   -8.428  -4.833  0.32 23.26  ? 320 HOH A O   1 
HETATM 1150 O  O   . HOH H 5 .   ? 7.039   -3.365  14.122  1.00 30.38  ? 321 HOH A O   1 
HETATM 1151 O  O   . HOH H 5 .   ? 10.040  2.179   8.024   1.00 37.14  ? 322 HOH A O   1 
HETATM 1152 O  O   . HOH H 5 .   ? 2.054   12.652  14.201  1.00 52.34  ? 323 HOH A O   1 
HETATM 1153 O  O   . HOH H 5 .   ? 5.516   -17.608 -7.016  1.00 43.42  ? 324 HOH A O   1 
HETATM 1154 O  O   . HOH H 5 .   ? 5.874   -2.904  3.379   1.00 13.83  ? 325 HOH A O   1 
HETATM 1155 O  O   . HOH H 5 .   ? 14.931  -2.767  -13.832 1.00 20.98  ? 326 HOH A O   1 
HETATM 1156 O  O   . HOH H 5 .   ? 5.397   8.368   -14.592 1.00 28.57  ? 327 HOH A O   1 
HETATM 1157 O  O   . HOH H 5 .   ? -12.510 6.651   -13.103 1.00 45.62  ? 328 HOH A O   1 
HETATM 1158 O  O   . HOH H 5 .   ? 1.453   -10.244 -10.201 0.32 24.10  ? 329 HOH A O   1 
HETATM 1159 O  O   . HOH H 5 .   ? -8.063  -0.984  -9.996  1.00 25.74  ? 330 HOH A O   1 
HETATM 1160 O  O   . HOH H 5 .   ? -3.557  4.201   18.087  1.00 65.82  ? 331 HOH A O   1 
HETATM 1161 O  O   . HOH H 5 .   ? -5.184  15.991  3.835   1.00 39.52  ? 332 HOH A O   1 
HETATM 1162 O  O   . HOH H 5 .   ? 17.651  9.021   -8.240  1.00 36.60  ? 333 HOH A O   1 
HETATM 1163 O  O   . HOH H 5 .   ? -12.904 -0.755  4.267   1.00 40.99  ? 334 HOH A O   1 
HETATM 1164 O  O   . HOH H 5 .   ? -7.600  -5.022  16.512  1.00 38.30  ? 335 HOH A O   1 
HETATM 1165 O  O   . HOH H 5 .   ? 6.437   -11.550 6.515   1.00 39.26  ? 336 HOH A O   1 
HETATM 1166 O  O   . HOH H 5 .   ? -11.029 -7.240  2.174   1.00 43.81  ? 337 HOH A O   1 
HETATM 1167 O  O   . HOH H 5 .   ? 8.644   -4.898  7.106   1.00 31.03  ? 338 HOH A O   1 
HETATM 1168 O  O   . HOH H 5 .   ? -11.447 6.152   -5.635  1.00 24.31  ? 339 HOH A O   1 
HETATM 1169 O  O   . HOH H 5 .   ? -0.385  -9.954  18.228  1.00 23.88  ? 340 HOH A O   1 
HETATM 1170 O  O   . HOH H 5 .   ? -0.954  5.152   -15.455 1.00 14.62  ? 341 HOH A O   1 
HETATM 1171 O  O   . HOH H 5 .   ? -10.212 0.648   -0.981  1.00 21.39  ? 342 HOH A O   1 
HETATM 1172 O  O   . HOH H 5 .   ? 13.417  6.720   -14.964 1.00 25.71  ? 343 HOH A O   1 
HETATM 1173 O  O   . HOH H 5 .   ? -6.664  19.335  -1.255  1.00 46.36  ? 344 HOH A O   1 
HETATM 1174 O  O   . HOH H 5 .   ? 6.277   -8.410  -12.898 0.32 23.42  ? 345 HOH A O   1 
HETATM 1175 O  O   . HOH H 5 .   ? -1.415  -14.886 2.467   1.00 39.98  ? 346 HOH A O   1 
HETATM 1176 O  O   . HOH H 5 .   ? -6.123  -12.288 6.259   1.00 25.12  ? 347 HOH A O   1 
HETATM 1177 O  O   . HOH H 5 .   ? 0.009   -6.264  -11.103 1.00 30.34  ? 348 HOH A O   1 
HETATM 1178 O  O   . HOH H 5 .   ? 18.957  2.947   -2.817  1.00 30.85  ? 349 HOH A O   1 
HETATM 1179 O  O   . HOH H 5 .   ? -11.003 -2.148  8.278   1.00 36.89  ? 350 HOH A O   1 
HETATM 1180 O  O   . HOH H 5 .   ? -1.960  17.098  6.827   1.00 47.45  ? 351 HOH A O   1 
HETATM 1181 O  O   . HOH H 5 .   ? 10.185  -6.353  6.685   1.00 34.50  ? 352 HOH A O   1 
HETATM 1182 O  O   . HOH H 5 .   ? 5.565   0.796   -18.012 1.00 22.88  ? 353 HOH A O   1 
HETATM 1183 O  O   . HOH H 5 .   ? 9.295   1.638   -3.832  1.00 12.67  ? 354 HOH A O   1 
HETATM 1184 O  O   . HOH H 5 .   ? -10.570 4.421   -1.354  1.00 17.98  ? 355 HOH A O   1 
HETATM 1185 O  O   . HOH H 5 .   ? -5.548  -2.346  0.111   1.00 15.41  ? 356 HOH A O   1 
HETATM 1186 O  O   . HOH H 5 .   ? 12.223  0.626   -16.630 1.00 36.52  ? 357 HOH A O   1 
HETATM 1187 O  O   . HOH H 5 .   ? 6.188   9.154   8.803   1.00 38.90  ? 358 HOH A O   1 
HETATM 1188 O  O   . HOH H 5 .   ? -3.656  18.469  -6.912  1.00 50.39  ? 359 HOH A O   1 
HETATM 1189 O  O   . HOH H 5 .   ? -10.294 17.874  -2.963  1.00 36.67  ? 360 HOH A O   1 
HETATM 1190 O  O   . HOH H 5 .   ? 12.722  -0.765  -0.908  1.00 36.88  ? 361 HOH A O   1 
HETATM 1191 O  O   . HOH H 5 .   ? 1.045   -12.138 3.302   1.00 20.76  ? 362 HOH A O   1 
HETATM 1192 O  O   . HOH H 5 .   ? 10.304  1.806   -1.203  1.00 18.61  ? 363 HOH A O   1 
HETATM 1193 O  O   . HOH H 5 .   ? 5.706   -14.152 14.345  1.00 24.04  ? 364 HOH A O   1 
HETATM 1194 O  O   . HOH H 5 .   ? -11.146 6.459   -2.959  1.00 18.19  ? 365 HOH A O   1 
HETATM 1195 O  O   . HOH H 5 .   ? 6.145   6.622   5.985   1.00 25.01  ? 366 HOH A O   1 
HETATM 1196 O  O   . HOH H 5 .   ? 5.853   -2.796  -13.196 0.32 10.29  ? 367 HOH A O   1 
HETATM 1197 O  O   . HOH H 5 .   ? -8.998  6.225   -6.817  1.00 18.57  ? 368 HOH A O   1 
HETATM 1198 O  O   . HOH H 5 .   ? -5.573  -17.994 -6.487  1.00 44.13  ? 369 HOH A O   1 
HETATM 1199 O  O   . HOH H 5 .   ? 4.085   -11.729 7.121   1.00 28.02  ? 370 HOH A O   1 
HETATM 1200 O  O   . HOH H 5 .   ? -4.800  7.265   14.583  1.00 50.17  ? 371 HOH A O   1 
HETATM 1201 O  O   . HOH H 5 .   ? -4.503  -4.195  -2.043  1.00 18.17  ? 372 HOH A O   1 
HETATM 1202 O  O   . HOH H 5 .   ? -3.104  -8.434  18.429  1.00 34.51  ? 373 HOH A O   1 
HETATM 1203 O  O   . HOH H 5 .   ? -1.102  18.946  -0.965  1.00 34.40  ? 374 HOH A O   1 
HETATM 1204 O  O   . HOH H 5 .   ? 8.315   -7.619  -1.624  1.00 22.32  ? 375 HOH A O   1 
HETATM 1205 O  O   . HOH H 5 .   ? 17.385  -1.327  -10.279 1.00 19.34  ? 376 HOH A O   1 
HETATM 1206 O  O   . HOH H 5 .   ? -0.517  -8.502  20.615  1.00 31.64  ? 377 HOH A O   1 
HETATM 1207 O  O   . HOH H 5 .   ? 10.413  -8.506  14.471  1.00 26.50  ? 378 HOH A O   1 
HETATM 1208 O  O   . HOH H 5 .   ? -10.733 11.552  -9.388  1.00 38.19  ? 379 HOH A O   1 
HETATM 1209 O  O   . HOH H 5 .   ? 7.023   -12.300 9.779   1.00 28.26  ? 380 HOH A O   1 
HETATM 1210 O  O   . HOH H 5 .   ? 3.151   5.667   13.258  1.00 26.68  ? 381 HOH A O   1 
HETATM 1211 O  O   . HOH H 5 .   ? 9.377   -4.483  12.742  1.00 28.40  ? 382 HOH A O   1 
HETATM 1212 O  O   . HOH H 5 .   ? 0.398   12.743  -11.121 1.00 30.71  ? 383 HOH A O   1 
HETATM 1213 O  O   . HOH H 5 .   ? 16.865  2.031   -3.547  1.00 37.23  ? 384 HOH A O   1 
HETATM 1214 O  O   . HOH H 5 .   ? -13.710 -4.946  -7.837  1.00 37.42  ? 385 HOH A O   1 
HETATM 1215 O  O   . HOH H 5 .   ? 16.339  6.286   -14.264 1.00 29.21  ? 386 HOH A O   1 
HETATM 1216 O  O   . HOH H 5 .   ? -14.226 4.333   4.535   1.00 49.59  ? 387 HOH A O   1 
HETATM 1217 O  O   . HOH H 5 .   ? 17.042  5.562   -12.137 1.00 29.18  ? 388 HOH A O   1 
HETATM 1218 O  O   . HOH H 5 .   ? -8.629  14.073  2.542   1.00 23.63  ? 389 HOH A O   1 
HETATM 1219 O  O   . HOH H 5 .   ? 11.463  -5.056  0.237   1.00 26.85  ? 390 HOH A O   1 
HETATM 1220 O  O   . HOH H 5 .   ? -11.966 13.374  -3.908  1.00 19.95  ? 391 HOH A O   1 
HETATM 1221 O  O   . HOH H 5 .   ? 10.153  -8.524  6.147   0.50 23.64  ? 392 HOH A O   1 
HETATM 1222 O  O   . HOH H 5 .   ? 13.129  -6.948  -5.874  1.00 33.01  ? 393 HOH A O   1 
HETATM 1223 O  O   . HOH H 5 .   ? 12.149  0.881   3.981   1.00 38.34  ? 394 HOH A O   1 
HETATM 1224 O  O   . HOH H 5 .   ? 9.773   11.458  -12.312 1.00 26.41  ? 395 HOH A O   1 
HETATM 1225 O  O   . HOH H 5 .   ? 7.878   4.258   -13.568 1.00 18.43  ? 396 HOH A O   1 
HETATM 1226 O  O   . HOH H 5 .   ? 12.300  11.638  -8.008  1.00 24.91  ? 397 HOH A O   1 
HETATM 1227 O  O   . HOH H 5 .   ? -11.705 8.667   9.679   1.00 34.65  ? 398 HOH A O   1 
HETATM 1228 O  O   . HOH H 5 .   ? 12.081  2.970   -15.561 1.00 30.90  ? 399 HOH A O   1 
HETATM 1229 O  O   . HOH H 5 .   ? -7.827  12.604  -9.794  1.00 29.75  ? 400 HOH A O   1 
HETATM 1230 O  O   . HOH H 5 .   ? -14.513 5.175   11.236  1.00 38.46  ? 401 HOH A O   1 
HETATM 1231 O  O   . HOH H 5 .   ? -11.097 -4.558  4.060   1.00 40.07  ? 402 HOH A O   1 
HETATM 1232 O  O   . HOH H 5 .   ? 3.581   -8.346  22.113  1.00 32.66  ? 403 HOH A O   1 
HETATM 1233 O  O   . HOH H 5 .   ? 5.678   9.186   -2.887  1.00 20.37  ? 404 HOH A O   1 
HETATM 1234 O  O   . HOH H 5 .   ? -11.043 3.434   -12.051 1.00 21.03  ? 405 HOH A O   1 
HETATM 1235 O  O   . HOH H 5 .   ? -8.624  -8.954  -13.179 1.00 32.83  ? 406 HOH A O   1 
HETATM 1236 O  O   . HOH H 5 .   ? -13.979 2.706   13.362  1.00 50.61  ? 407 HOH A O   1 
HETATM 1237 O  O   . HOH H 5 .   ? -11.802 -4.177  -4.010  1.00 25.87  ? 408 HOH A O   1 
HETATM 1238 O  O   . HOH H 5 .   ? 1.344   15.191  -2.826  1.00 34.75  ? 409 HOH A O   1 
HETATM 1239 O  O   . HOH H 5 .   ? -0.722  11.762  15.246  1.00 45.73  ? 410 HOH A O   1 
HETATM 1240 O  O   . HOH H 5 .   ? -4.895  -15.444 0.343   1.00 36.96  ? 411 HOH A O   1 
HETATM 1241 O  O   . HOH H 5 .   ? 9.133   -1.432  6.682   1.00 27.40  ? 412 HOH A O   1 
HETATM 1242 O  O   . HOH H 5 .   ? 7.920   5.771   0.036   1.00 17.95  ? 413 HOH A O   1 
HETATM 1243 O  O   . HOH H 5 .   ? -8.444  -11.023 7.515   1.00 53.25  ? 414 HOH A O   1 
HETATM 1244 O  O   . HOH H 5 .   ? 2.434   10.581  -15.731 1.00 38.27  ? 415 HOH A O   1 
HETATM 1245 O  O   . HOH H 5 .   ? 0.425   7.406   -15.538 1.00 19.59  ? 416 HOH A O   1 
HETATM 1246 O  O   . HOH H 5 .   ? -4.304  -14.459 8.698   1.00 25.33  ? 417 HOH A O   1 
HETATM 1247 O  O   . HOH H 5 .   ? 9.102   0.640   12.491  1.00 37.80  ? 418 HOH A O   1 
HETATM 1248 O  O   . HOH H 5 .   ? 7.189   4.074   2.566   1.00 23.60  ? 419 HOH A O   1 
HETATM 1249 O  O   . HOH H 5 .   ? 8.185   8.684   -0.596  1.00 23.31  ? 420 HOH A O   1 
HETATM 1250 O  O   . HOH H 5 .   ? 4.588   11.947  4.092   1.00 34.75  ? 421 HOH A O   1 
HETATM 1251 O  O   . HOH H 5 .   ? 16.582  -3.828  -11.211 1.00 22.30  ? 422 HOH A O   1 
HETATM 1252 O  O   . HOH H 5 .   ? 13.312  -8.120  -9.819  1.00 38.94  ? 423 HOH A O   1 
HETATM 1253 O  O   . HOH H 5 .   ? 5.441   5.568   -14.067 1.00 22.72  ? 424 HOH A O   1 
HETATM 1254 O  O   . HOH H 5 .   ? 6.552   9.820   3.456   1.00 29.50  ? 425 HOH A O   1 
HETATM 1255 O  O   . HOH H 5 .   ? 8.491   -3.131  4.456   1.00 19.57  ? 426 HOH A O   1 
HETATM 1256 O  O   . HOH H 5 .   ? 1.371   12.614  4.570   1.00 29.36  ? 427 HOH A O   1 
HETATM 1257 O  O   . HOH H 5 .   ? -1.585  1.581   18.068  1.00 42.40  ? 428 HOH A O   1 
HETATM 1258 O  O   . HOH H 5 .   ? -2.834  14.578  -6.526  1.00 30.51  ? 429 HOH A O   1 
HETATM 1259 O  O   . HOH H 5 .   ? 8.791   -10.420 -13.304 0.32 48.58  ? 430 HOH A O   1 
HETATM 1260 O  O   . HOH H 5 .   ? 5.754   10.605  19.111  1.00 51.52  ? 431 HOH A O   1 
HETATM 1261 O  O   . HOH H 5 .   ? -7.556  -8.467  11.251  1.00 27.41  ? 432 HOH A O   1 
HETATM 1262 O  O   . HOH H 5 .   ? -7.032  12.710  10.087  1.00 47.67  ? 433 HOH A O   1 
HETATM 1263 O  O   . HOH H 5 .   ? 9.117   3.578   5.562   1.00 29.07  ? 434 HOH A O   1 
HETATM 1264 O  O   . HOH H 5 .   ? -0.693  11.722  -14.077 1.00 35.73  ? 435 HOH A O   1 
HETATM 1265 O  O   . HOH H 5 .   ? 1.099   -10.550 -5.622  0.32 19.99  ? 436 HOH A O   1 
HETATM 1266 O  O   . HOH H 5 .   ? 6.905   -11.680 21.181  1.00 30.00  ? 437 HOH A O   1 
HETATM 1267 O  O   . HOH H 5 .   ? -14.531 13.750  -4.922  1.00 27.89  ? 438 HOH A O   1 
HETATM 1268 O  O   . HOH H 5 .   ? -12.302 -2.137  -3.875  1.00 39.78  ? 439 HOH A O   1 
HETATM 1269 O  O   . HOH H 5 .   ? 1.853   -9.759  -14.652 1.00 64.04  ? 440 HOH A O   1 
HETATM 1270 O  O   . HOH H 5 .   ? 5.479   -13.306 -13.281 0.32 32.91  ? 441 HOH A O   1 
HETATM 1271 O  O   . HOH H 5 .   ? 10.412  -3.797  8.292   1.00 35.54  ? 442 HOH A O   1 
HETATM 1272 O  O   . HOH H 5 .   ? 7.959   0.804   -17.070 1.00 30.33  ? 443 HOH A O   1 
HETATM 1273 O  O   . HOH H 5 .   ? -13.577 2.236   7.732   1.00 31.00  ? 444 HOH A O   1 
HETATM 1274 O  O   . HOH H 5 .   ? 4.731   -1.847  19.653  1.00 50.61  ? 445 HOH A O   1 
HETATM 1275 O  O   . HOH H 5 .   ? 10.864  -10.861 11.238  1.00 28.26  ? 446 HOH A O   1 
HETATM 1276 O  O   . HOH H 5 .   ? 2.062   8.530   21.211  1.00 48.19  ? 447 HOH A O   1 
HETATM 1277 O  O   . HOH H 5 .   ? 0.835   -19.413 -9.310  1.00 34.73  ? 448 HOH A O   1 
HETATM 1278 O  O   . HOH H 5 .   ? 7.777   4.016   17.534  1.00 40.43  ? 449 HOH A O   1 
HETATM 1279 O  O   . HOH H 5 .   ? 7.146   1.116   17.916  1.00 41.88  ? 450 HOH A O   1 
HETATM 1280 O  O   . HOH H 5 .   ? -0.826  -12.498 -6.506  0.32 26.39  ? 451 HOH A O   1 
HETATM 1281 O  O   . HOH H 5 .   ? -11.785 0.132   -10.924 1.00 37.52  ? 452 HOH A O   1 
HETATM 1282 O  O   . HOH H 5 .   ? -4.024  -9.505  -14.663 1.00 36.20  ? 453 HOH A O   1 
HETATM 1283 O  O   . HOH H 5 .   ? 7.863   -5.555  -14.476 0.32 49.42  ? 454 HOH A O   1 
HETATM 1284 O  O   . HOH H 5 .   ? 1.845   14.037  0.603   1.00 44.83  ? 455 HOH A O   1 
HETATM 1285 O  O   . HOH H 5 .   ? 3.987   -19.266 -6.437  1.00 100.87 ? 456 HOH A O   1 
HETATM 1286 O  O   . HOH H 5 .   ? -10.928 13.722  -8.258  1.00 51.68  ? 457 HOH A O   1 
HETATM 1287 O  O   . HOH H 5 .   ? -10.103 14.116  -5.773  1.00 23.55  ? 458 HOH A O   1 
HETATM 1288 O  O   . HOH H 5 .   ? 4.205   9.379   21.298  1.00 31.94  ? 459 HOH A O   1 
HETATM 1289 O  O   . HOH H 5 .   ? -11.454 -4.503  6.425   1.00 49.35  ? 460 HOH A O   1 
HETATM 1290 O  O   . HOH H 5 .   ? -3.679  -19.366 -7.728  1.00 63.82  ? 461 HOH A O   1 
HETATM 1291 O  O   . HOH H 5 .   ? 14.049  11.288  -5.942  1.00 38.51  ? 462 HOH A O   1 
HETATM 1292 O  O   . HOH H 5 .   ? 7.240   8.814   10.601  1.00 32.12  ? 463 HOH A O   1 
HETATM 1293 O  O   . HOH H 5 .   ? -12.633 -0.382  6.466   1.00 37.87  ? 464 HOH A O   1 
HETATM 1294 O  O   . HOH H 5 .   ? 3.245   -15.798 -12.854 0.32 31.37  ? 465 HOH A O   1 
HETATM 1295 O  O   . HOH H 5 .   ? 10.946  -3.457  10.773  1.00 38.07  ? 466 HOH A O   1 
HETATM 1296 O  O   . HOH H 5 .   ? 10.447  -19.160 0.166   1.00 50.15  ? 467 HOH A O   1 
HETATM 1297 O  O   . HOH H 5 .   ? -8.836  -7.259  12.837  1.00 42.93  ? 468 HOH A O   1 
HETATM 1298 O  O   . HOH H 5 .   ? 5.741   5.947   14.220  1.00 31.70  ? 469 HOH A O   1 
HETATM 1299 O  O   . HOH H 5 .   ? 0.091   -8.546  -3.612  0.32 15.05  ? 470 HOH A O   1 
HETATM 1300 O  O   . HOH H 5 .   ? 9.805   4.090   -15.592 1.00 31.00  ? 471 HOH A O   1 
HETATM 1301 O  O   . HOH H 5 .   ? 12.585  -8.152  -2.472  1.00 40.77  ? 472 HOH A O   1 
HETATM 1302 O  O   . HOH H 5 .   ? -11.315 -10.506 -1.744  1.00 38.44  ? 473 HOH A O   1 
HETATM 1303 O  O   . HOH H 5 .   ? -14.064 2.556   10.168  1.00 32.88  ? 474 HOH A O   1 
HETATM 1304 O  O   . HOH H 5 .   ? 11.987  -8.659  1.283   1.00 47.88  ? 475 HOH A O   1 
HETATM 1305 O  O   . HOH H 5 .   ? 3.185   -13.694 3.100   1.00 34.97  ? 476 HOH A O   1 
HETATM 1306 O  O   . HOH H 5 .   ? 7.597   8.219   21.644  1.00 53.94  ? 477 HOH A O   1 
HETATM 1307 O  O   . HOH H 5 .   ? -9.420  -2.273  13.178  1.00 34.43  ? 478 HOH A O   1 
HETATM 1308 O  O   . HOH H 5 .   ? 7.280   3.912   14.909  1.00 36.45  ? 479 HOH A O   1 
HETATM 1309 O  O   . HOH H 5 .   ? -12.383 2.511   -2.430  1.00 29.61  ? 480 HOH A O   1 
HETATM 1310 O  O   . HOH H 5 .   ? -10.123 1.590   15.407  1.00 57.26  ? 481 HOH A O   1 
HETATM 1311 O  O   . HOH H 5 .   ? 10.957  -7.428  -0.864  1.00 45.50  ? 482 HOH A O   1 
HETATM 1312 O  O   . HOH H 5 .   ? -1.887  -1.160  21.478  1.00 58.43  ? 483 HOH A O   1 
HETATM 1313 O  O   . HOH H 5 .   ? 20.074  7.253   -9.018  1.00 32.70  ? 484 HOH A O   1 
HETATM 1314 O  O   . HOH H 5 .   ? 4.110   -10.904 -14.093 1.00 65.50  ? 485 HOH A O   1 
HETATM 1315 O  O   . HOH H 5 .   ? -13.363 3.549   -5.370  1.00 38.76  ? 486 HOH A O   1 
HETATM 1316 O  O   . HOH H 5 .   ? 7.433   1.399   14.122  1.00 50.06  ? 487 HOH A O   1 
HETATM 1317 O  O   . HOH H 5 .   ? 10.531  -4.824  4.465   1.00 25.10  ? 488 HOH A O   1 
HETATM 1318 O  O   . HOH H 5 .   ? 10.507  6.472   -17.022 1.00 40.13  ? 489 HOH A O   1 
HETATM 1319 O  O   . HOH H 5 .   ? 7.266   9.598   -15.736 1.00 34.05  ? 490 HOH A O   1 
HETATM 1320 O  O   . HOH H 5 .   ? -16.588 3.033   14.170  1.00 35.04  ? 491 HOH A O   1 
HETATM 1321 O  O   . HOH H 5 .   ? 19.603  8.978   -5.713  1.00 43.22  ? 492 HOH A O   1 
HETATM 1322 O  O   . HOH H 5 .   ? -13.685 -1.760  11.115  1.00 52.69  ? 493 HOH A O   1 
HETATM 1323 O  O   . HOH H 5 .   ? -12.861 0.988   14.669  1.00 48.90  ? 494 HOH A O   1 
HETATM 1324 O  O   . HOH H 5 .   ? -3.381  -6.624  -14.804 1.00 27.83  ? 495 HOH A O   1 
HETATM 1325 O  O   . HOH H 5 .   ? 5.358   -10.081 22.427  1.00 40.44  ? 496 HOH A O   1 
HETATM 1326 O  O   . HOH H 5 .   ? 7.844   7.536   12.651  1.00 40.66  ? 497 HOH A O   1 
HETATM 1327 O  O   . HOH H 5 .   ? -2.440  -19.210 -12.600 1.00 43.94  ? 498 HOH A O   1 
HETATM 1328 O  O   . HOH H 5 .   ? 12.254  -7.917  7.722   1.00 41.50  ? 499 HOH A O   1 
HETATM 1329 O  O   . HOH H 5 .   ? -15.479 -0.197  4.630   1.00 38.06  ? 500 HOH A O   1 
HETATM 1330 O  O   . HOH H 5 .   ? 1.509   -19.084 -11.907 1.00 56.31  ? 501 HOH A O   1 
HETATM 1331 O  O   . HOH H 5 .   ? -13.696 2.326   -11.613 1.00 44.25  ? 502 HOH A O   1 
HETATM 1332 O  O   . HOH H 5 .   ? -16.485 -13.802 -12.051 1.00 49.40  ? 503 HOH A O   1 
HETATM 1333 O  O   . HOH H 5 .   ? 8.792   11.026  -14.774 1.00 44.97  ? 504 HOH A O   1 
HETATM 1334 O  O   . HOH H 5 .   ? 11.131  10.411  -14.704 1.00 37.66  ? 505 HOH A O   1 
HETATM 1335 O  O   . HOH H 5 .   ? -14.348 0.353   11.893  1.00 41.72  ? 506 HOH A O   1 
HETATM 1336 O  O   . HOH H 5 .   ? -7.392  14.732  12.542  1.00 69.92  ? 507 HOH A O   1 
HETATM 1337 O  O   . HOH H 5 .   ? 8.061   -7.628  -15.779 0.32 43.06  ? 508 HOH A O   1 
# 
